data_4INX
# 
_entry.id   4INX 
# 
_audit_conform.dict_name       mmcif_pdbx.dic 
_audit_conform.dict_version    5.397 
_audit_conform.dict_location   http://mmcif.pdb.org/dictionaries/ascii/mmcif_pdbx.dic 
# 
loop_
_database_2.database_id 
_database_2.database_code 
_database_2.pdbx_database_accession 
_database_2.pdbx_DOI 
PDB   4INX         pdb_00004inx 10.2210/pdb4inx/pdb 
RCSB  RCSB076988   ?            ?                   
WWPDB D_1000076988 ?            ?                   
# 
loop_
_pdbx_audit_revision_history.ordinal 
_pdbx_audit_revision_history.data_content_type 
_pdbx_audit_revision_history.major_revision 
_pdbx_audit_revision_history.minor_revision 
_pdbx_audit_revision_history.revision_date 
1 'Structure model' 1 0 2013-03-06 
2 'Structure model' 1 1 2024-10-30 
# 
_pdbx_audit_revision_details.ordinal             1 
_pdbx_audit_revision_details.revision_ordinal    1 
_pdbx_audit_revision_details.data_content_type   'Structure model' 
_pdbx_audit_revision_details.provider            repository 
_pdbx_audit_revision_details.type                'Initial release' 
_pdbx_audit_revision_details.description         ? 
_pdbx_audit_revision_details.details             ? 
# 
loop_
_pdbx_audit_revision_group.ordinal 
_pdbx_audit_revision_group.revision_ordinal 
_pdbx_audit_revision_group.data_content_type 
_pdbx_audit_revision_group.group 
1 2 'Structure model' 'Data collection'      
2 2 'Structure model' 'Database references'  
3 2 'Structure model' 'Derived calculations' 
4 2 'Structure model' 'Structure summary'    
# 
loop_
_pdbx_audit_revision_category.ordinal 
_pdbx_audit_revision_category.revision_ordinal 
_pdbx_audit_revision_category.data_content_type 
_pdbx_audit_revision_category.category 
1 2 'Structure model' chem_comp_atom            
2 2 'Structure model' chem_comp_bond            
3 2 'Structure model' database_2                
4 2 'Structure model' pdbx_entry_details        
5 2 'Structure model' pdbx_modification_feature 
6 2 'Structure model' struct_site               
# 
loop_
_pdbx_audit_revision_item.ordinal 
_pdbx_audit_revision_item.revision_ordinal 
_pdbx_audit_revision_item.data_content_type 
_pdbx_audit_revision_item.item 
1 2 'Structure model' '_database_2.pdbx_DOI'                
2 2 'Structure model' '_database_2.pdbx_database_accession' 
3 2 'Structure model' '_struct_site.pdbx_auth_asym_id'      
4 2 'Structure model' '_struct_site.pdbx_auth_comp_id'      
5 2 'Structure model' '_struct_site.pdbx_auth_seq_id'       
# 
_pdbx_database_status.entry_id                        4INX 
_pdbx_database_status.status_code                     REL 
_pdbx_database_status.deposit_site                    RCSB 
_pdbx_database_status.process_site                    RCSB 
_pdbx_database_status.recvd_initial_deposition_date   2013-01-07 
_pdbx_database_status.status_code_sf                  REL 
_pdbx_database_status.status_code_mr                  ? 
_pdbx_database_status.SG_entry                        ? 
_pdbx_database_status.status_code_cs                  ? 
_pdbx_database_status.methods_development_category    ? 
_pdbx_database_status.pdb_format_compatible           Y 
_pdbx_database_status.status_code_nmr_data            ? 
# 
_pdbx_database_related.db_name        PDB 
_pdbx_database_related.db_id          4INW 
_pdbx_database_related.details        . 
_pdbx_database_related.content_type   unspecified 
# 
loop_
_audit_author.name 
_audit_author.pdbx_ordinal 
'di Luccio, E.' 1 
'Wilson, D.K.'  2 
# 
_citation.id                        primary 
_citation.title                     
'Crystallographic Observation of pH-Induced Conformational Changes in the Amyelois transitella Pheromone-Binding Protein AtraPBP1.' 
_citation.journal_abbrev            'Plos One' 
_citation.journal_volume            8 
_citation.page_first                e53840 
_citation.page_last                 e53840 
_citation.year                      2013 
_citation.journal_id_ASTM           ? 
_citation.country                   US 
_citation.journal_id_ISSN           1932-6203 
_citation.journal_id_CSD            ? 
_citation.book_publisher            ? 
_citation.pdbx_database_id_PubMed   23418423 
_citation.pdbx_database_id_DOI      10.1371/journal.pone.0053840 
# 
loop_
_citation_author.citation_id 
_citation_author.name 
_citation_author.ordinal 
_citation_author.identifier_ORCID 
primary 'di Luccio, E.' 1 ? 
primary 'Ishida, Y.'    2 ? 
primary 'Leal, W.S.'    3 ? 
primary 'Wilson, D.K.'  4 ? 
# 
loop_
_entity.id 
_entity.type 
_entity.src_method 
_entity.pdbx_description 
_entity.formula_weight 
_entity.pdbx_number_of_molecules 
_entity.pdbx_ec 
_entity.pdbx_mutation 
_entity.pdbx_fragment 
_entity.details 
1 polymer     man 'Pheromone-binding protein 1'        15867.321 1   ? ? ? ? 
2 non-polymer syn '(11Z,13Z)-hexadeca-11,13-dien-1-ol' 238.409   1   ? ? ? ? 
3 water       nat water                                18.015    161 ? ? ? ? 
# 
_entity_poly.entity_id                      1 
_entity_poly.type                           'polypeptide(L)' 
_entity_poly.nstd_linkage                   no 
_entity_poly.nstd_monomer                   no 
_entity_poly.pdbx_seq_one_letter_code       
;SPEIMKDLSINFGKALDTCKKELDLPDSINEDFYKFWKEDYEITNRLTGCAIKCLSEKLEMVDADGKLHHGNAREFAMKH
GADDAMAKQLVDLIHGCEKSIPPNDDRCMEVLSIAMCFKKEIHNLKWAPNMEVVVGEVLA
;
_entity_poly.pdbx_seq_one_letter_code_can   
;SPEIMKDLSINFGKALDTCKKELDLPDSINEDFYKFWKEDYEITNRLTGCAIKCLSEKLEMVDADGKLHHGNAREFAMKH
GADDAMAKQLVDLIHGCEKSIPPNDDRCMEVLSIAMCFKKEIHNLKWAPNMEVVVGEVLA
;
_entity_poly.pdbx_strand_id                 A 
_entity_poly.pdbx_target_identifier         ? 
# 
loop_
_pdbx_entity_nonpoly.entity_id 
_pdbx_entity_nonpoly.name 
_pdbx_entity_nonpoly.comp_id 
2 '(11Z,13Z)-hexadeca-11,13-dien-1-ol' 1EX 
3 water                                HOH 
# 
loop_
_entity_poly_seq.entity_id 
_entity_poly_seq.num 
_entity_poly_seq.mon_id 
_entity_poly_seq.hetero 
1 1   SER n 
1 2   PRO n 
1 3   GLU n 
1 4   ILE n 
1 5   MET n 
1 6   LYS n 
1 7   ASP n 
1 8   LEU n 
1 9   SER n 
1 10  ILE n 
1 11  ASN n 
1 12  PHE n 
1 13  GLY n 
1 14  LYS n 
1 15  ALA n 
1 16  LEU n 
1 17  ASP n 
1 18  THR n 
1 19  CYS n 
1 20  LYS n 
1 21  LYS n 
1 22  GLU n 
1 23  LEU n 
1 24  ASP n 
1 25  LEU n 
1 26  PRO n 
1 27  ASP n 
1 28  SER n 
1 29  ILE n 
1 30  ASN n 
1 31  GLU n 
1 32  ASP n 
1 33  PHE n 
1 34  TYR n 
1 35  LYS n 
1 36  PHE n 
1 37  TRP n 
1 38  LYS n 
1 39  GLU n 
1 40  ASP n 
1 41  TYR n 
1 42  GLU n 
1 43  ILE n 
1 44  THR n 
1 45  ASN n 
1 46  ARG n 
1 47  LEU n 
1 48  THR n 
1 49  GLY n 
1 50  CYS n 
1 51  ALA n 
1 52  ILE n 
1 53  LYS n 
1 54  CYS n 
1 55  LEU n 
1 56  SER n 
1 57  GLU n 
1 58  LYS n 
1 59  LEU n 
1 60  GLU n 
1 61  MET n 
1 62  VAL n 
1 63  ASP n 
1 64  ALA n 
1 65  ASP n 
1 66  GLY n 
1 67  LYS n 
1 68  LEU n 
1 69  HIS n 
1 70  HIS n 
1 71  GLY n 
1 72  ASN n 
1 73  ALA n 
1 74  ARG n 
1 75  GLU n 
1 76  PHE n 
1 77  ALA n 
1 78  MET n 
1 79  LYS n 
1 80  HIS n 
1 81  GLY n 
1 82  ALA n 
1 83  ASP n 
1 84  ASP n 
1 85  ALA n 
1 86  MET n 
1 87  ALA n 
1 88  LYS n 
1 89  GLN n 
1 90  LEU n 
1 91  VAL n 
1 92  ASP n 
1 93  LEU n 
1 94  ILE n 
1 95  HIS n 
1 96  GLY n 
1 97  CYS n 
1 98  GLU n 
1 99  LYS n 
1 100 SER n 
1 101 ILE n 
1 102 PRO n 
1 103 PRO n 
1 104 ASN n 
1 105 ASP n 
1 106 ASP n 
1 107 ARG n 
1 108 CYS n 
1 109 MET n 
1 110 GLU n 
1 111 VAL n 
1 112 LEU n 
1 113 SER n 
1 114 ILE n 
1 115 ALA n 
1 116 MET n 
1 117 CYS n 
1 118 PHE n 
1 119 LYS n 
1 120 LYS n 
1 121 GLU n 
1 122 ILE n 
1 123 HIS n 
1 124 ASN n 
1 125 LEU n 
1 126 LYS n 
1 127 TRP n 
1 128 ALA n 
1 129 PRO n 
1 130 ASN n 
1 131 MET n 
1 132 GLU n 
1 133 VAL n 
1 134 VAL n 
1 135 VAL n 
1 136 GLY n 
1 137 GLU n 
1 138 VAL n 
1 139 LEU n 
1 140 ALA n 
# 
_entity_src_gen.entity_id                          1 
_entity_src_gen.pdbx_src_id                        1 
_entity_src_gen.pdbx_alt_source_flag               sample 
_entity_src_gen.pdbx_seq_type                      ? 
_entity_src_gen.pdbx_beg_seq_num                   ? 
_entity_src_gen.pdbx_end_seq_num                   ? 
_entity_src_gen.gene_src_common_name               ? 
_entity_src_gen.gene_src_genus                     ? 
_entity_src_gen.pdbx_gene_src_gene                 ? 
_entity_src_gen.gene_src_species                   ? 
_entity_src_gen.gene_src_strain                    ? 
_entity_src_gen.gene_src_tissue                    ? 
_entity_src_gen.gene_src_tissue_fraction           ? 
_entity_src_gen.gene_src_details                   ? 
_entity_src_gen.pdbx_gene_src_fragment             ? 
_entity_src_gen.pdbx_gene_src_scientific_name      'Amyelois transitella' 
_entity_src_gen.pdbx_gene_src_ncbi_taxonomy_id     680683 
_entity_src_gen.pdbx_gene_src_variant              ? 
_entity_src_gen.pdbx_gene_src_cell_line            ? 
_entity_src_gen.pdbx_gene_src_atcc                 ? 
_entity_src_gen.pdbx_gene_src_organ                ? 
_entity_src_gen.pdbx_gene_src_organelle            ? 
_entity_src_gen.pdbx_gene_src_cell                 ? 
_entity_src_gen.pdbx_gene_src_cellular_location    ? 
_entity_src_gen.host_org_common_name               ? 
_entity_src_gen.pdbx_host_org_scientific_name      'Escherichia coli' 
_entity_src_gen.pdbx_host_org_ncbi_taxonomy_id     562 
_entity_src_gen.host_org_genus                     ? 
_entity_src_gen.pdbx_host_org_gene                 ? 
_entity_src_gen.pdbx_host_org_organ                ? 
_entity_src_gen.host_org_species                   ? 
_entity_src_gen.pdbx_host_org_tissue               ? 
_entity_src_gen.pdbx_host_org_tissue_fraction      ? 
_entity_src_gen.pdbx_host_org_strain               ? 
_entity_src_gen.pdbx_host_org_variant              ? 
_entity_src_gen.pdbx_host_org_cell_line            ? 
_entity_src_gen.pdbx_host_org_atcc                 ? 
_entity_src_gen.pdbx_host_org_culture_collection   ? 
_entity_src_gen.pdbx_host_org_cell                 ? 
_entity_src_gen.pdbx_host_org_organelle            ? 
_entity_src_gen.pdbx_host_org_cellular_location    ? 
_entity_src_gen.pdbx_host_org_vector_type          ? 
_entity_src_gen.pdbx_host_org_vector               ? 
_entity_src_gen.host_org_details                   ? 
_entity_src_gen.expression_system_id               ? 
_entity_src_gen.plasmid_name                       ? 
_entity_src_gen.plasmid_details                    ? 
_entity_src_gen.pdbx_description                   ? 
# 
loop_
_chem_comp.id 
_chem_comp.type 
_chem_comp.mon_nstd_flag 
_chem_comp.name 
_chem_comp.pdbx_synonyms 
_chem_comp.formula 
_chem_comp.formula_weight 
1EX non-polymer         . '(11Z,13Z)-hexadeca-11,13-dien-1-ol' ? 'C16 H30 O'      238.409 
ALA 'L-peptide linking' y ALANINE                              ? 'C3 H7 N O2'     89.093  
ARG 'L-peptide linking' y ARGININE                             ? 'C6 H15 N4 O2 1' 175.209 
ASN 'L-peptide linking' y ASPARAGINE                           ? 'C4 H8 N2 O3'    132.118 
ASP 'L-peptide linking' y 'ASPARTIC ACID'                      ? 'C4 H7 N O4'     133.103 
CYS 'L-peptide linking' y CYSTEINE                             ? 'C3 H7 N O2 S'   121.158 
GLN 'L-peptide linking' y GLUTAMINE                            ? 'C5 H10 N2 O3'   146.144 
GLU 'L-peptide linking' y 'GLUTAMIC ACID'                      ? 'C5 H9 N O4'     147.129 
GLY 'peptide linking'   y GLYCINE                              ? 'C2 H5 N O2'     75.067  
HIS 'L-peptide linking' y HISTIDINE                            ? 'C6 H10 N3 O2 1' 156.162 
HOH non-polymer         . WATER                                ? 'H2 O'           18.015  
ILE 'L-peptide linking' y ISOLEUCINE                           ? 'C6 H13 N O2'    131.173 
LEU 'L-peptide linking' y LEUCINE                              ? 'C6 H13 N O2'    131.173 
LYS 'L-peptide linking' y LYSINE                               ? 'C6 H15 N2 O2 1' 147.195 
MET 'L-peptide linking' y METHIONINE                           ? 'C5 H11 N O2 S'  149.211 
PHE 'L-peptide linking' y PHENYLALANINE                        ? 'C9 H11 N O2'    165.189 
PRO 'L-peptide linking' y PROLINE                              ? 'C5 H9 N O2'     115.130 
SER 'L-peptide linking' y SERINE                               ? 'C3 H7 N O3'     105.093 
THR 'L-peptide linking' y THREONINE                            ? 'C4 H9 N O3'     119.119 
TRP 'L-peptide linking' y TRYPTOPHAN                           ? 'C11 H12 N2 O2'  204.225 
TYR 'L-peptide linking' y TYROSINE                             ? 'C9 H11 N O3'    181.189 
VAL 'L-peptide linking' y VALINE                               ? 'C5 H11 N O2'    117.146 
# 
loop_
_pdbx_poly_seq_scheme.asym_id 
_pdbx_poly_seq_scheme.entity_id 
_pdbx_poly_seq_scheme.seq_id 
_pdbx_poly_seq_scheme.mon_id 
_pdbx_poly_seq_scheme.ndb_seq_num 
_pdbx_poly_seq_scheme.pdb_seq_num 
_pdbx_poly_seq_scheme.auth_seq_num 
_pdbx_poly_seq_scheme.pdb_mon_id 
_pdbx_poly_seq_scheme.auth_mon_id 
_pdbx_poly_seq_scheme.pdb_strand_id 
_pdbx_poly_seq_scheme.pdb_ins_code 
_pdbx_poly_seq_scheme.hetero 
A 1 1   SER 1   1   1   SER SER A . n 
A 1 2   PRO 2   2   2   PRO PRO A . n 
A 1 3   GLU 3   3   3   GLU GLU A . n 
A 1 4   ILE 4   4   4   ILE ILE A . n 
A 1 5   MET 5   5   5   MET MET A . n 
A 1 6   LYS 6   6   6   LYS LYS A . n 
A 1 7   ASP 7   7   7   ASP ASP A . n 
A 1 8   LEU 8   8   8   LEU LEU A . n 
A 1 9   SER 9   9   9   SER SER A . n 
A 1 10  ILE 10  10  10  ILE ILE A . n 
A 1 11  ASN 11  11  11  ASN ASN A . n 
A 1 12  PHE 12  12  12  PHE PHE A . n 
A 1 13  GLY 13  13  13  GLY GLY A . n 
A 1 14  LYS 14  14  14  LYS LYS A . n 
A 1 15  ALA 15  15  15  ALA ALA A . n 
A 1 16  LEU 16  16  16  LEU LEU A . n 
A 1 17  ASP 17  17  17  ASP ASP A . n 
A 1 18  THR 18  18  18  THR THR A . n 
A 1 19  CYS 19  19  19  CYS CYS A . n 
A 1 20  LYS 20  20  20  LYS LYS A . n 
A 1 21  LYS 21  21  21  LYS LYS A . n 
A 1 22  GLU 22  22  22  GLU GLU A . n 
A 1 23  LEU 23  23  23  LEU LEU A . n 
A 1 24  ASP 24  24  24  ASP ASP A . n 
A 1 25  LEU 25  25  25  LEU LEU A . n 
A 1 26  PRO 26  26  26  PRO PRO A . n 
A 1 27  ASP 27  27  27  ASP ASP A . n 
A 1 28  SER 28  28  28  SER SER A . n 
A 1 29  ILE 29  29  29  ILE ILE A . n 
A 1 30  ASN 30  30  30  ASN ASN A . n 
A 1 31  GLU 31  31  31  GLU GLU A . n 
A 1 32  ASP 32  32  32  ASP ASP A . n 
A 1 33  PHE 33  33  33  PHE PHE A . n 
A 1 34  TYR 34  34  34  TYR TYR A . n 
A 1 35  LYS 35  35  35  LYS LYS A . n 
A 1 36  PHE 36  36  36  PHE PHE A . n 
A 1 37  TRP 37  37  37  TRP TRP A . n 
A 1 38  LYS 38  38  38  LYS LYS A . n 
A 1 39  GLU 39  39  39  GLU GLU A . n 
A 1 40  ASP 40  40  40  ASP ASP A . n 
A 1 41  TYR 41  41  41  TYR TYR A . n 
A 1 42  GLU 42  42  42  GLU GLU A . n 
A 1 43  ILE 43  43  43  ILE ILE A . n 
A 1 44  THR 44  44  44  THR THR A . n 
A 1 45  ASN 45  45  45  ASN ASN A . n 
A 1 46  ARG 46  46  46  ARG ARG A . n 
A 1 47  LEU 47  47  47  LEU LEU A . n 
A 1 48  THR 48  48  48  THR THR A . n 
A 1 49  GLY 49  49  49  GLY GLY A . n 
A 1 50  CYS 50  50  50  CYS CYS A . n 
A 1 51  ALA 51  51  51  ALA ALA A . n 
A 1 52  ILE 52  52  52  ILE ILE A . n 
A 1 53  LYS 53  53  53  LYS LYS A . n 
A 1 54  CYS 54  54  54  CYS CYS A . n 
A 1 55  LEU 55  55  55  LEU LEU A . n 
A 1 56  SER 56  56  56  SER SER A . n 
A 1 57  GLU 57  57  57  GLU GLU A . n 
A 1 58  LYS 58  58  58  LYS LYS A . n 
A 1 59  LEU 59  59  59  LEU LEU A . n 
A 1 60  GLU 60  60  60  GLU GLU A . n 
A 1 61  MET 61  61  61  MET MET A . n 
A 1 62  VAL 62  62  62  VAL VAL A . n 
A 1 63  ASP 63  63  63  ASP ASP A . n 
A 1 64  ALA 64  64  64  ALA ALA A . n 
A 1 65  ASP 65  65  65  ASP ASP A . n 
A 1 66  GLY 66  66  66  GLY GLY A . n 
A 1 67  LYS 67  67  67  LYS LYS A . n 
A 1 68  LEU 68  68  68  LEU LEU A . n 
A 1 69  HIS 69  69  69  HIS HIS A . n 
A 1 70  HIS 70  70  70  HIS HIS A . n 
A 1 71  GLY 71  71  71  GLY GLY A . n 
A 1 72  ASN 72  72  72  ASN ASN A . n 
A 1 73  ALA 73  73  73  ALA ALA A . n 
A 1 74  ARG 74  74  74  ARG ARG A . n 
A 1 75  GLU 75  75  75  GLU GLU A . n 
A 1 76  PHE 76  76  76  PHE PHE A . n 
A 1 77  ALA 77  77  77  ALA ALA A . n 
A 1 78  MET 78  78  78  MET MET A . n 
A 1 79  LYS 79  79  79  LYS LYS A . n 
A 1 80  HIS 80  80  80  HIS HIS A . n 
A 1 81  GLY 81  81  81  GLY GLY A . n 
A 1 82  ALA 82  82  82  ALA ALA A . n 
A 1 83  ASP 83  83  83  ASP ASP A . n 
A 1 84  ASP 84  84  84  ASP ASP A . n 
A 1 85  ALA 85  85  85  ALA ALA A . n 
A 1 86  MET 86  86  86  MET MET A . n 
A 1 87  ALA 87  87  87  ALA ALA A . n 
A 1 88  LYS 88  88  88  LYS LYS A . n 
A 1 89  GLN 89  89  89  GLN GLN A . n 
A 1 90  LEU 90  90  90  LEU LEU A . n 
A 1 91  VAL 91  91  91  VAL VAL A . n 
A 1 92  ASP 92  92  92  ASP ASP A . n 
A 1 93  LEU 93  93  93  LEU LEU A . n 
A 1 94  ILE 94  94  94  ILE ILE A . n 
A 1 95  HIS 95  95  95  HIS HIS A . n 
A 1 96  GLY 96  96  96  GLY GLY A . n 
A 1 97  CYS 97  97  97  CYS CYS A . n 
A 1 98  GLU 98  98  98  GLU GLU A . n 
A 1 99  LYS 99  99  99  LYS LYS A . n 
A 1 100 SER 100 100 100 SER SER A . n 
A 1 101 ILE 101 101 101 ILE ILE A . n 
A 1 102 PRO 102 102 102 PRO PRO A . n 
A 1 103 PRO 103 103 103 PRO PRO A . n 
A 1 104 ASN 104 104 104 ASN ASN A . n 
A 1 105 ASP 105 105 105 ASP ASP A . n 
A 1 106 ASP 106 106 106 ASP ASP A . n 
A 1 107 ARG 107 107 107 ARG ARG A . n 
A 1 108 CYS 108 108 108 CYS CYS A . n 
A 1 109 MET 109 109 109 MET MET A . n 
A 1 110 GLU 110 110 110 GLU GLU A . n 
A 1 111 VAL 111 111 111 VAL VAL A . n 
A 1 112 LEU 112 112 112 LEU LEU A . n 
A 1 113 SER 113 113 113 SER SER A . n 
A 1 114 ILE 114 114 114 ILE ILE A . n 
A 1 115 ALA 115 115 115 ALA ALA A . n 
A 1 116 MET 116 116 116 MET MET A . n 
A 1 117 CYS 117 117 117 CYS CYS A . n 
A 1 118 PHE 118 118 118 PHE PHE A . n 
A 1 119 LYS 119 119 119 LYS LYS A . n 
A 1 120 LYS 120 120 120 LYS LYS A . n 
A 1 121 GLU 121 121 121 GLU GLU A . n 
A 1 122 ILE 122 122 122 ILE ILE A . n 
A 1 123 HIS 123 123 123 HIS HIS A . n 
A 1 124 ASN 124 124 124 ASN ASN A . n 
A 1 125 LEU 125 125 125 LEU LEU A . n 
A 1 126 LYS 126 126 126 LYS LYS A . n 
A 1 127 TRP 127 127 127 TRP TRP A . n 
A 1 128 ALA 128 128 128 ALA ALA A . n 
A 1 129 PRO 129 129 129 PRO PRO A . n 
A 1 130 ASN 130 130 130 ASN ASN A . n 
A 1 131 MET 131 131 131 MET MET A . n 
A 1 132 GLU 132 132 132 GLU GLU A . n 
A 1 133 VAL 133 133 133 VAL VAL A . n 
A 1 134 VAL 134 134 134 VAL VAL A . n 
A 1 135 VAL 135 135 135 VAL VAL A . n 
A 1 136 GLY 136 136 136 GLY GLY A . n 
A 1 137 GLU 137 137 137 GLU GLU A . n 
A 1 138 VAL 138 138 138 VAL VAL A . n 
A 1 139 LEU 139 139 139 LEU LEU A . n 
A 1 140 ALA 140 140 140 ALA ALA A . n 
# 
loop_
_pdbx_nonpoly_scheme.asym_id 
_pdbx_nonpoly_scheme.entity_id 
_pdbx_nonpoly_scheme.mon_id 
_pdbx_nonpoly_scheme.ndb_seq_num 
_pdbx_nonpoly_scheme.pdb_seq_num 
_pdbx_nonpoly_scheme.auth_seq_num 
_pdbx_nonpoly_scheme.pdb_mon_id 
_pdbx_nonpoly_scheme.auth_mon_id 
_pdbx_nonpoly_scheme.pdb_strand_id 
_pdbx_nonpoly_scheme.pdb_ins_code 
B 2 1EX 1   201 1   1EX DRG A . 
C 3 HOH 1   301 201 HOH HOH A . 
C 3 HOH 2   302 202 HOH HOH A . 
C 3 HOH 3   303 203 HOH HOH A . 
C 3 HOH 4   304 204 HOH HOH A . 
C 3 HOH 5   305 206 HOH HOH A . 
C 3 HOH 6   306 207 HOH HOH A . 
C 3 HOH 7   307 208 HOH HOH A . 
C 3 HOH 8   308 209 HOH HOH A . 
C 3 HOH 9   309 210 HOH HOH A . 
C 3 HOH 10  310 211 HOH HOH A . 
C 3 HOH 11  311 212 HOH HOH A . 
C 3 HOH 12  312 213 HOH HOH A . 
C 3 HOH 13  313 214 HOH HOH A . 
C 3 HOH 14  314 215 HOH HOH A . 
C 3 HOH 15  315 216 HOH HOH A . 
C 3 HOH 16  316 217 HOH HOH A . 
C 3 HOH 17  317 218 HOH HOH A . 
C 3 HOH 18  318 219 HOH HOH A . 
C 3 HOH 19  319 220 HOH HOH A . 
C 3 HOH 20  320 221 HOH HOH A . 
C 3 HOH 21  321 222 HOH HOH A . 
C 3 HOH 22  322 223 HOH HOH A . 
C 3 HOH 23  323 224 HOH HOH A . 
C 3 HOH 24  324 225 HOH HOH A . 
C 3 HOH 25  325 226 HOH HOH A . 
C 3 HOH 26  326 227 HOH HOH A . 
C 3 HOH 27  327 228 HOH HOH A . 
C 3 HOH 28  328 229 HOH HOH A . 
C 3 HOH 29  329 230 HOH HOH A . 
C 3 HOH 30  330 231 HOH HOH A . 
C 3 HOH 31  331 232 HOH HOH A . 
C 3 HOH 32  332 233 HOH HOH A . 
C 3 HOH 33  333 234 HOH HOH A . 
C 3 HOH 34  334 235 HOH HOH A . 
C 3 HOH 35  335 236 HOH HOH A . 
C 3 HOH 36  336 238 HOH HOH A . 
C 3 HOH 37  337 240 HOH HOH A . 
C 3 HOH 38  338 241 HOH HOH A . 
C 3 HOH 39  339 242 HOH HOH A . 
C 3 HOH 40  340 243 HOH HOH A . 
C 3 HOH 41  341 244 HOH HOH A . 
C 3 HOH 42  342 245 HOH HOH A . 
C 3 HOH 43  343 246 HOH HOH A . 
C 3 HOH 44  344 247 HOH HOH A . 
C 3 HOH 45  345 248 HOH HOH A . 
C 3 HOH 46  346 249 HOH HOH A . 
C 3 HOH 47  347 250 HOH HOH A . 
C 3 HOH 48  348 251 HOH HOH A . 
C 3 HOH 49  349 252 HOH HOH A . 
C 3 HOH 50  350 253 HOH HOH A . 
C 3 HOH 51  351 254 HOH HOH A . 
C 3 HOH 52  352 255 HOH HOH A . 
C 3 HOH 53  353 256 HOH HOH A . 
C 3 HOH 54  354 257 HOH HOH A . 
C 3 HOH 55  355 258 HOH HOH A . 
C 3 HOH 56  356 259 HOH HOH A . 
C 3 HOH 57  357 260 HOH HOH A . 
C 3 HOH 58  358 261 HOH HOH A . 
C 3 HOH 59  359 262 HOH HOH A . 
C 3 HOH 60  360 263 HOH HOH A . 
C 3 HOH 61  361 264 HOH HOH A . 
C 3 HOH 62  362 265 HOH HOH A . 
C 3 HOH 63  363 266 HOH HOH A . 
C 3 HOH 64  364 267 HOH HOH A . 
C 3 HOH 65  365 268 HOH HOH A . 
C 3 HOH 66  366 269 HOH HOH A . 
C 3 HOH 67  367 271 HOH HOH A . 
C 3 HOH 68  368 272 HOH HOH A . 
C 3 HOH 69  369 273 HOH HOH A . 
C 3 HOH 70  370 274 HOH HOH A . 
C 3 HOH 71  371 275 HOH HOH A . 
C 3 HOH 72  372 276 HOH HOH A . 
C 3 HOH 73  373 277 HOH HOH A . 
C 3 HOH 74  374 278 HOH HOH A . 
C 3 HOH 75  375 280 HOH HOH A . 
C 3 HOH 76  376 281 HOH HOH A . 
C 3 HOH 77  377 282 HOH HOH A . 
C 3 HOH 78  378 283 HOH HOH A . 
C 3 HOH 79  379 285 HOH HOH A . 
C 3 HOH 80  380 286 HOH HOH A . 
C 3 HOH 81  381 287 HOH HOH A . 
C 3 HOH 82  382 289 HOH HOH A . 
C 3 HOH 83  383 290 HOH HOH A . 
C 3 HOH 84  384 291 HOH HOH A . 
C 3 HOH 85  385 292 HOH HOH A . 
C 3 HOH 86  386 293 HOH HOH A . 
C 3 HOH 87  387 296 HOH HOH A . 
C 3 HOH 88  388 297 HOH HOH A . 
C 3 HOH 89  389 298 HOH HOH A . 
C 3 HOH 90  390 299 HOH HOH A . 
C 3 HOH 91  391 300 HOH HOH A . 
C 3 HOH 92  392 302 HOH HOH A . 
C 3 HOH 93  393 303 HOH HOH A . 
C 3 HOH 94  394 304 HOH HOH A . 
C 3 HOH 95  395 305 HOH HOH A . 
C 3 HOH 96  396 307 HOH HOH A . 
C 3 HOH 97  397 309 HOH HOH A . 
C 3 HOH 98  398 310 HOH HOH A . 
C 3 HOH 99  399 312 HOH HOH A . 
C 3 HOH 100 400 313 HOH HOH A . 
C 3 HOH 101 401 314 HOH HOH A . 
C 3 HOH 102 402 316 HOH HOH A . 
C 3 HOH 103 403 318 HOH HOH A . 
C 3 HOH 104 404 319 HOH HOH A . 
C 3 HOH 105 405 320 HOH HOH A . 
C 3 HOH 106 406 321 HOH HOH A . 
C 3 HOH 107 407 322 HOH HOH A . 
C 3 HOH 108 408 323 HOH HOH A . 
C 3 HOH 109 409 324 HOH HOH A . 
C 3 HOH 110 410 325 HOH HOH A . 
C 3 HOH 111 411 326 HOH HOH A . 
C 3 HOH 112 412 327 HOH HOH A . 
C 3 HOH 113 413 328 HOH HOH A . 
C 3 HOH 114 414 329 HOH HOH A . 
C 3 HOH 115 415 331 HOH HOH A . 
C 3 HOH 116 416 335 HOH HOH A . 
C 3 HOH 117 417 336 HOH HOH A . 
C 3 HOH 118 418 338 HOH HOH A . 
C 3 HOH 119 419 341 HOH HOH A . 
C 3 HOH 120 420 342 HOH HOH A . 
C 3 HOH 121 421 343 HOH HOH A . 
C 3 HOH 122 422 344 HOH HOH A . 
C 3 HOH 123 423 345 HOH HOH A . 
C 3 HOH 124 424 349 HOH HOH A . 
C 3 HOH 125 425 1   HOH HOH A . 
C 3 HOH 126 426 2   HOH HOH A . 
C 3 HOH 127 427 3   HOH HOH A . 
C 3 HOH 128 428 4   HOH HOH A . 
C 3 HOH 129 429 5   HOH HOH A . 
C 3 HOH 130 430 6   HOH HOH A . 
C 3 HOH 131 431 7   HOH HOH A . 
C 3 HOH 132 432 8   HOH HOH A . 
C 3 HOH 133 433 9   HOH HOH A . 
C 3 HOH 134 434 10  HOH HOH A . 
C 3 HOH 135 435 11  HOH HOH A . 
C 3 HOH 136 436 12  HOH HOH A . 
C 3 HOH 137 437 13  HOH HOH A . 
C 3 HOH 138 438 14  HOH HOH A . 
C 3 HOH 139 439 15  HOH HOH A . 
C 3 HOH 140 440 16  HOH HOH A . 
C 3 HOH 141 441 17  HOH HOH A . 
C 3 HOH 142 442 18  HOH HOH A . 
C 3 HOH 143 443 19  HOH HOH A . 
C 3 HOH 144 444 20  HOH HOH A . 
C 3 HOH 145 445 21  HOH HOH A . 
C 3 HOH 146 446 22  HOH HOH A . 
C 3 HOH 147 447 23  HOH HOH A . 
C 3 HOH 148 448 24  HOH HOH A . 
C 3 HOH 149 449 25  HOH HOH A . 
C 3 HOH 150 450 26  HOH HOH A . 
C 3 HOH 151 451 27  HOH HOH A . 
C 3 HOH 152 452 28  HOH HOH A . 
C 3 HOH 153 453 29  HOH HOH A . 
C 3 HOH 154 454 30  HOH HOH A . 
C 3 HOH 155 455 31  HOH HOH A . 
C 3 HOH 156 456 33  HOH HOH A . 
C 3 HOH 157 457 36  HOH HOH A . 
C 3 HOH 158 458 37  HOH HOH A . 
C 3 HOH 159 459 38  HOH HOH A . 
C 3 HOH 160 460 41  HOH HOH A . 
C 3 HOH 161 461 42  HOH HOH A . 
# 
loop_
_software.pdbx_ordinal 
_software.name 
_software.version 
_software.date 
_software.type 
_software.contact_author 
_software.contact_author_email 
_software.classification 
_software.location 
_software.language 
_software.citation_id 
1 DENZO       .        ?                program 'Zbyszek Otwinowski' hkl@hkl-xray.com            'data reduction'  
http://www.hkl-xray.com/                     ?          ? 
2 SCALEPACK   .        ?                program 'Zbyszek Otwinowski' hkl@hkl-xray.com            'data scaling'    
http://www.hkl-xray.com/                     ?          ? 
3 PHASER      .        ?                program 'Randy J. Read'      cimr-phaser@lists.cam.ac.uk phasing           
http://www-structmed.cimr.cam.ac.uk/phaser/  ?          ? 
4 REFMAC      5.5.0109 ?                program 'Garib N. Murshudov' garib@ysbl.york.ac.uk       refinement        
http://www.ccp4.ac.uk/dist/html/refmac5.html Fortran_77 ? 
5 PDB_EXTRACT 3.11     'April 22, 2011' package PDB                  deposit@deposit.rcsb.org    'data extraction' 
http://sw-tools.pdb.org/apps/PDB_EXTRACT/    C++        ? 
6 HKL-2000    .        ?                ?       ?                    ?                           'data collection' ? ?          ? 
# 
_cell.entry_id           4INX 
_cell.length_a           57.532 
_cell.length_b           57.532 
_cell.length_c           93.501 
_cell.angle_alpha        90.00 
_cell.angle_beta         90.00 
_cell.angle_gamma        120.00 
_cell.Z_PDB              6 
_cell.pdbx_unique_axis   ? 
# 
_symmetry.entry_id                         4INX 
_symmetry.space_group_name_H-M             'P 65' 
_symmetry.pdbx_full_space_group_name_H-M   ? 
_symmetry.cell_setting                     ? 
_symmetry.Int_Tables_number                170 
# 
_exptl.crystals_number   1 
_exptl.entry_id          4INX 
_exptl.method            'X-RAY DIFFRACTION' 
# 
_exptl_crystal.id                    1 
_exptl_crystal.density_Matthews      2.82 
_exptl_crystal.density_meas          ? 
_exptl_crystal.density_percent_sol   56.31 
_exptl_crystal.description           ? 
_exptl_crystal.F_000                 ? 
_exptl_crystal.preparation           ? 
# 
_exptl_crystal_grow.crystal_id      1 
_exptl_crystal_grow.method          'VAPOR DIFFUSION, HANGING DROP' 
_exptl_crystal_grow.pH              6.5 
_exptl_crystal_grow.temp            295 
_exptl_crystal_grow.pdbx_details    
;Purified AtraPBP1 was crystallized at room temperature by the hanging drop vapor diffusion method. Drops composed of 1ul protein solution (30 mg/ml) and 1ul of the precipitant solution were suspended over a reservoir containing the precipitant solution (1.6 M sodium citrate pH 6.5). Crystals used in data collection were transferred into Paratone-N oil and flash-cooled in a stream of liquid nitrogen at 110 K, VAPOR DIFFUSION, HANGING DROP, temperature 295K
;
_exptl_crystal_grow.temp_details    ? 
_exptl_crystal_grow.pdbx_pH_range   ? 
# 
_diffrn.id                     1 
_diffrn.ambient_temp           100 
_diffrn.ambient_temp_details   ? 
_diffrn.crystal_id             1 
# 
_diffrn_detector.diffrn_id              1 
_diffrn_detector.detector               CCD 
_diffrn_detector.type                   'MARMOSAIC 325 mm CCD' 
_diffrn_detector.pdbx_collection_date   2006-04-12 
_diffrn_detector.details                ? 
# 
_diffrn_radiation.diffrn_id                        1 
_diffrn_radiation.pdbx_diffrn_protocol             'SINGLE WAVELENGTH' 
_diffrn_radiation.monochromator                    ? 
_diffrn_radiation.wavelength_id                    1 
_diffrn_radiation.pdbx_monochromatic_or_laue_m_l   M 
_diffrn_radiation.pdbx_scattering_type             x-ray 
# 
_diffrn_radiation_wavelength.id           1 
_diffrn_radiation_wavelength.wavelength   1.2 
_diffrn_radiation_wavelength.wt           1.0 
# 
_diffrn_source.diffrn_id                   1 
_diffrn_source.source                      SYNCHROTRON 
_diffrn_source.type                        'SSRL BEAMLINE BL9-2' 
_diffrn_source.pdbx_wavelength_list        1.2 
_diffrn_source.pdbx_wavelength             ? 
_diffrn_source.pdbx_synchrotron_site       SSRL 
_diffrn_source.pdbx_synchrotron_beamline   BL9-2 
# 
_reflns.entry_id                     4INX 
_reflns.d_resolution_high            1.850 
_reflns.d_resolution_low             50.000 
_reflns.number_obs                   14800 
_reflns.pdbx_Rmerge_I_obs            0.040 
_reflns.pdbx_netI_over_sigmaI        16.300 
_reflns.pdbx_chi_squared             1.276 
_reflns.pdbx_redundancy              2.800 
_reflns.percent_possible_obs         98.300 
_reflns.observed_criterion_sigma_F   ? 
_reflns.observed_criterion_sigma_I   28.4 
_reflns.number_all                   15052 
_reflns.pdbx_Rsym_value              ? 
_reflns.B_iso_Wilson_estimate        ? 
_reflns.R_free_details               ? 
_reflns.limit_h_max                  ? 
_reflns.limit_h_min                  ? 
_reflns.limit_k_max                  ? 
_reflns.limit_k_min                  ? 
_reflns.limit_l_max                  ? 
_reflns.limit_l_min                  ? 
_reflns.observed_criterion_F_max     ? 
_reflns.observed_criterion_F_min     ? 
_reflns.pdbx_scaling_rejects         ? 
_reflns.pdbx_ordinal                 1 
_reflns.pdbx_diffrn_id               1 
# 
loop_
_reflns_shell.d_res_high 
_reflns_shell.d_res_low 
_reflns_shell.number_measured_obs 
_reflns_shell.number_measured_all 
_reflns_shell.number_unique_obs 
_reflns_shell.Rmerge_I_obs 
_reflns_shell.meanI_over_sigI_obs 
_reflns_shell.pdbx_Rsym_value 
_reflns_shell.pdbx_chi_squared 
_reflns_shell.pdbx_redundancy 
_reflns_shell.percent_possible_obs 
_reflns_shell.number_unique_all 
_reflns_shell.percent_possible_all 
_reflns_shell.pdbx_ordinal 
_reflns_shell.pdbx_diffrn_id 
1.850 1.920  ? ? ? 0.113 ? ? 1.151 2.700 ? 1371 91.800 1  1 
1.920 1.990  ? ? ? 0.085 ? ? 1.141 2.800 ? 1474 98.300 2  1 
1.990 2.080  ? ? ? 0.071 ? ? 1.266 2.800 ? 1468 98.900 3  1 
2.080 2.190  ? ? ? 0.054 ? ? 1.151 2.700 ? 1490 99.300 4  1 
2.190 2.330  ? ? ? 0.053 ? ? 1.340 2.800 ? 1485 99.300 5  1 
2.330 2.510  ? ? ? 0.047 ? ? 1.381 2.800 ? 1507 99.300 6  1 
2.510 2.760  ? ? ? 0.042 ? ? 1.343 2.800 ? 1486 99.400 7  1 
2.760 3.160  ? ? ? 0.038 ? ? 1.351 2.800 ? 1498 99.700 8  1 
3.160 3.990  ? ? ? 0.032 ? ? 1.492 2.800 ? 1511 99.500 9  1 
3.990 50.000 ? ? ? 0.026 ? ? 1.121 2.800 ? 1510 97.700 10 1 
# 
_refine.entry_id                                 4INX 
_refine.ls_d_res_high                            1.8530 
_refine.ls_d_res_low                             34.1000 
_refine.pdbx_ls_sigma_F                          0.000 
_refine.pdbx_data_cutoff_high_absF               ? 
_refine.pdbx_data_cutoff_low_absF                ? 
_refine.ls_percent_reflns_obs                    98.9800 
_refine.ls_number_reflns_obs                     14628 
_refine.ls_number_reflns_all                     14023 
_refine.pdbx_ls_cross_valid_method               THROUGHOUT 
_refine.pdbx_R_Free_selection_details            RANDOM 
_refine.details                                  
'HYDROGENS HAVE BEEN ADDED IN THE RIDING POSITIONS U VALUES      : REFINED INDIVIDUALLY' 
_refine.ls_R_factor_all                          0.168 
_refine.ls_R_factor_obs                          0.1701 
_refine.ls_R_factor_R_work                       0.168 
_refine.ls_wR_factor_R_work                      ? 
_refine.ls_R_factor_R_free                       0.2138 
_refine.ls_wR_factor_R_free                      ? 
_refine.ls_percent_reflns_R_free                 4.1000 
_refine.ls_number_reflns_R_free                  605 
_refine.ls_R_factor_R_free_error                 ? 
_refine.B_iso_mean                               13.0968 
_refine.solvent_model_param_bsol                 ? 
_refine.solvent_model_param_ksol                 ? 
_refine.pdbx_isotropic_thermal_model             ? 
_refine.aniso_B[1][1]                            0.1700 
_refine.aniso_B[2][2]                            0.1700 
_refine.aniso_B[3][3]                            -0.2600 
_refine.aniso_B[1][2]                            0.0900 
_refine.aniso_B[1][3]                            0.0000 
_refine.aniso_B[2][3]                            0.0000 
_refine.correlation_coeff_Fo_to_Fc               0.9460 
_refine.correlation_coeff_Fo_to_Fc_free          0.9270 
_refine.overall_SU_R_Cruickshank_DPI             ? 
_refine.overall_SU_R_free                        ? 
_refine.pdbx_overall_ESU_R                       0.1210 
_refine.pdbx_overall_ESU_R_Free                  0.1220 
_refine.overall_SU_ML                            0.0760 
_refine.overall_SU_B                             2.4270 
_refine.solvent_model_details                    'BABINET MODEL WITH MASK' 
_refine.pdbx_solvent_vdw_probe_radii             1.4000 
_refine.pdbx_solvent_ion_probe_radii             0.8000 
_refine.pdbx_solvent_shrinkage_radii             0.8000 
_refine.ls_number_parameters                     ? 
_refine.ls_number_restraints                     ? 
_refine.pdbx_starting_model                      ? 
_refine.pdbx_method_to_determine_struct          'MOLECULAR REPLACEMENT' 
_refine.pdbx_stereochemistry_target_values       'MAXIMUM LIKELIHOOD' 
_refine.pdbx_stereochem_target_val_spec_case     ? 
_refine.overall_FOM_work_R_set                   ? 
_refine.B_iso_max                                44.700 
_refine.B_iso_min                                2.820 
_refine.pdbx_overall_phase_error                 ? 
_refine.occupancy_max                            1.000 
_refine.occupancy_min                            0.010 
_refine.pdbx_ls_sigma_I                          ? 
_refine.ls_redundancy_reflns_obs                 ? 
_refine.ls_R_factor_R_free_error_details         ? 
_refine.pdbx_data_cutoff_high_rms_absF           ? 
_refine.overall_FOM_free_R_set                   ? 
_refine.pdbx_diffrn_id                           1 
_refine.pdbx_refine_id                           'X-RAY DIFFRACTION' 
_refine.pdbx_TLS_residual_ADP_flag               ? 
_refine.pdbx_overall_SU_R_free_Cruickshank_DPI   ? 
_refine.pdbx_overall_SU_R_Blow_DPI               ? 
_refine.pdbx_overall_SU_R_free_Blow_DPI          ? 
# 
_refine_hist.pdbx_refine_id                   'X-RAY DIFFRACTION' 
_refine_hist.cycle_id                         LAST 
_refine_hist.pdbx_number_atoms_protein        1103 
_refine_hist.pdbx_number_atoms_nucleic_acid   0 
_refine_hist.pdbx_number_atoms_ligand         17 
_refine_hist.number_atoms_solvent             161 
_refine_hist.number_atoms_total               1281 
_refine_hist.d_res_high                       1.8530 
_refine_hist.d_res_low                        34.1000 
# 
loop_
_refine_ls_restr.type 
_refine_ls_restr.number 
_refine_ls_restr.dev_ideal 
_refine_ls_restr.dev_ideal_target 
_refine_ls_restr.weight 
_refine_ls_restr.pdbx_restraint_function 
_refine_ls_restr.pdbx_refine_id 
r_bond_refined_d       1148 0.022  0.022  ? ? 'X-RAY DIFFRACTION' 
r_angle_refined_deg    1540 1.872  1.977  ? ? 'X-RAY DIFFRACTION' 
r_dihedral_angle_1_deg 141  5.525  5.000  ? ? 'X-RAY DIFFRACTION' 
r_dihedral_angle_2_deg 52   39.168 26.154 ? ? 'X-RAY DIFFRACTION' 
r_dihedral_angle_3_deg 219  15.063 15.000 ? ? 'X-RAY DIFFRACTION' 
r_dihedral_angle_4_deg 3    26.895 15.000 ? ? 'X-RAY DIFFRACTION' 
r_chiral_restr         166  0.409  0.200  ? ? 'X-RAY DIFFRACTION' 
r_gen_planes_refined   842  0.018  0.021  ? ? 'X-RAY DIFFRACTION' 
r_mcbond_it            700  1.301  1.500  ? ? 'X-RAY DIFFRACTION' 
r_mcangle_it           1125 2.259  2.000  ? ? 'X-RAY DIFFRACTION' 
r_scbond_it            448  4.154  3.000  ? ? 'X-RAY DIFFRACTION' 
r_scangle_it           414  6.378  4.500  ? ? 'X-RAY DIFFRACTION' 
# 
_refine_ls_shell.d_res_high                       1.8530 
_refine_ls_shell.d_res_low                        1.9010 
_refine_ls_shell.pdbx_total_number_of_bins_used   20 
_refine_ls_shell.percent_reflns_obs               97.5700 
_refine_ls_shell.number_reflns_R_work             1001 
_refine_ls_shell.R_factor_all                     ? 
_refine_ls_shell.R_factor_R_work                  0.1570 
_refine_ls_shell.R_factor_R_free                  0.2160 
_refine_ls_shell.percent_reflns_R_free            ? 
_refine_ls_shell.number_reflns_R_free             43 
_refine_ls_shell.R_factor_R_free_error            ? 
_refine_ls_shell.number_reflns_all                1044 
_refine_ls_shell.number_reflns_obs                ? 
_refine_ls_shell.redundancy_reflns_obs            ? 
_refine_ls_shell.pdbx_refine_id                   'X-RAY DIFFRACTION' 
# 
_struct.entry_id                  4INX 
_struct.title                     'Structure of Pheromone-binding protein 1 in complex with (Z,Z)-11,13- hexadecadienol' 
_struct.pdbx_model_details        ? 
_struct.pdbx_CASP_flag            ? 
_struct.pdbx_model_type_details   ? 
# 
_struct_keywords.entry_id        4INX 
_struct_keywords.text            
'pheromone-binding protein, Amyelois transitella, pheromone, navel orangeworm moth, AtraPBP1, pH-dependent binding' 
_struct_keywords.pdbx_keywords   'pheromone-binding protein' 
# 
loop_
_struct_asym.id 
_struct_asym.pdbx_blank_PDB_chainid_flag 
_struct_asym.pdbx_modified 
_struct_asym.entity_id 
_struct_asym.details 
A N N 1 ? 
B N N 2 ? 
C N N 3 ? 
# 
_struct_ref.id                         1 
_struct_ref.db_name                    UNP 
_struct_ref.db_code                    D0E9M1_9NEOP 
_struct_ref.pdbx_db_accession          D0E9M1 
_struct_ref.entity_id                  1 
_struct_ref.pdbx_seq_one_letter_code   
;SPEIMKDLSINFGKALDTCKKELDLPDSINEDFYKFWKEDYEITNRLTGCAIKCLSEKLEMVDADGKLHHGNAREFAMKH
GADDAMAKQLVDLIHGCEKSIPPNDDRCMEVLSIAMCFKKEIHNLKWAPNMEVVVGEVLA
;
_struct_ref.pdbx_align_begin           23 
_struct_ref.pdbx_db_isoform            ? 
# 
_struct_ref_seq.align_id                      1 
_struct_ref_seq.ref_id                        1 
_struct_ref_seq.pdbx_PDB_id_code              4INX 
_struct_ref_seq.pdbx_strand_id                A 
_struct_ref_seq.seq_align_beg                 1 
_struct_ref_seq.pdbx_seq_align_beg_ins_code   ? 
_struct_ref_seq.seq_align_end                 140 
_struct_ref_seq.pdbx_seq_align_end_ins_code   ? 
_struct_ref_seq.pdbx_db_accession             D0E9M1 
_struct_ref_seq.db_align_beg                  23 
_struct_ref_seq.pdbx_db_align_beg_ins_code    ? 
_struct_ref_seq.db_align_end                  162 
_struct_ref_seq.pdbx_db_align_end_ins_code    ? 
_struct_ref_seq.pdbx_auth_seq_align_beg       1 
_struct_ref_seq.pdbx_auth_seq_align_end       140 
# 
_pdbx_struct_assembly.id                   1 
_pdbx_struct_assembly.details              author_and_software_defined_assembly 
_pdbx_struct_assembly.method_details       PISA 
_pdbx_struct_assembly.oligomeric_details   monomeric 
_pdbx_struct_assembly.oligomeric_count     1 
# 
_pdbx_struct_assembly_gen.assembly_id       1 
_pdbx_struct_assembly_gen.oper_expression   1 
_pdbx_struct_assembly_gen.asym_id_list      A,B,C 
# 
_pdbx_struct_oper_list.id                   1 
_pdbx_struct_oper_list.type                 'identity operation' 
_pdbx_struct_oper_list.name                 1_555 
_pdbx_struct_oper_list.symmetry_operation   x,y,z 
_pdbx_struct_oper_list.matrix[1][1]         1.0000000000 
_pdbx_struct_oper_list.matrix[1][2]         0.0000000000 
_pdbx_struct_oper_list.matrix[1][3]         0.0000000000 
_pdbx_struct_oper_list.vector[1]            0.0000000000 
_pdbx_struct_oper_list.matrix[2][1]         0.0000000000 
_pdbx_struct_oper_list.matrix[2][2]         1.0000000000 
_pdbx_struct_oper_list.matrix[2][3]         0.0000000000 
_pdbx_struct_oper_list.vector[2]            0.0000000000 
_pdbx_struct_oper_list.matrix[3][1]         0.0000000000 
_pdbx_struct_oper_list.matrix[3][2]         0.0000000000 
_pdbx_struct_oper_list.matrix[3][3]         1.0000000000 
_pdbx_struct_oper_list.vector[3]            0.0000000000 
# 
_struct_biol.id        1 
_struct_biol.details   ? 
# 
loop_
_struct_conf.conf_type_id 
_struct_conf.id 
_struct_conf.pdbx_PDB_helix_id 
_struct_conf.beg_label_comp_id 
_struct_conf.beg_label_asym_id 
_struct_conf.beg_label_seq_id 
_struct_conf.pdbx_beg_PDB_ins_code 
_struct_conf.end_label_comp_id 
_struct_conf.end_label_asym_id 
_struct_conf.end_label_seq_id 
_struct_conf.pdbx_end_PDB_ins_code 
_struct_conf.beg_auth_comp_id 
_struct_conf.beg_auth_asym_id 
_struct_conf.beg_auth_seq_id 
_struct_conf.end_auth_comp_id 
_struct_conf.end_auth_asym_id 
_struct_conf.end_auth_seq_id 
_struct_conf.pdbx_PDB_helix_class 
_struct_conf.details 
_struct_conf.pdbx_PDB_helix_length 
HELX_P HELX_P1 1 SER A 1   ? LYS A 14  ? SER A 1   LYS A 14  1 ? 14 
HELX_P HELX_P2 2 ALA A 15  ? ASP A 24  ? ALA A 15  ASP A 24  1 ? 10 
HELX_P HELX_P3 3 PRO A 26  ? SER A 28  ? PRO A 26  SER A 28  5 ? 3  
HELX_P HELX_P4 4 ILE A 29  ? LYS A 35  ? ILE A 29  LYS A 35  1 ? 7  
HELX_P HELX_P5 5 ASN A 45  ? LEU A 59  ? ASN A 45  LEU A 59  1 ? 15 
HELX_P HELX_P6 6 HIS A 69  ? HIS A 80  ? HIS A 69  HIS A 80  1 ? 12 
HELX_P HELX_P7 7 ASP A 83  ? ILE A 101 ? ASP A 83  ILE A 101 1 ? 19 
HELX_P HELX_P8 8 ASP A 106 ? LEU A 125 ? ASP A 106 LEU A 125 1 ? 20 
# 
_struct_conf_type.id          HELX_P 
_struct_conf_type.criteria    ? 
_struct_conf_type.reference   ? 
# 
loop_
_struct_conn.id 
_struct_conn.conn_type_id 
_struct_conn.pdbx_leaving_atom_flag 
_struct_conn.pdbx_PDB_id 
_struct_conn.ptnr1_label_asym_id 
_struct_conn.ptnr1_label_comp_id 
_struct_conn.ptnr1_label_seq_id 
_struct_conn.ptnr1_label_atom_id 
_struct_conn.pdbx_ptnr1_label_alt_id 
_struct_conn.pdbx_ptnr1_PDB_ins_code 
_struct_conn.pdbx_ptnr1_standard_comp_id 
_struct_conn.ptnr1_symmetry 
_struct_conn.ptnr2_label_asym_id 
_struct_conn.ptnr2_label_comp_id 
_struct_conn.ptnr2_label_seq_id 
_struct_conn.ptnr2_label_atom_id 
_struct_conn.pdbx_ptnr2_label_alt_id 
_struct_conn.pdbx_ptnr2_PDB_ins_code 
_struct_conn.ptnr1_auth_asym_id 
_struct_conn.ptnr1_auth_comp_id 
_struct_conn.ptnr1_auth_seq_id 
_struct_conn.ptnr2_auth_asym_id 
_struct_conn.ptnr2_auth_comp_id 
_struct_conn.ptnr2_auth_seq_id 
_struct_conn.ptnr2_symmetry 
_struct_conn.pdbx_ptnr3_label_atom_id 
_struct_conn.pdbx_ptnr3_label_seq_id 
_struct_conn.pdbx_ptnr3_label_comp_id 
_struct_conn.pdbx_ptnr3_label_asym_id 
_struct_conn.pdbx_ptnr3_label_alt_id 
_struct_conn.pdbx_ptnr3_PDB_ins_code 
_struct_conn.details 
_struct_conn.pdbx_dist_value 
_struct_conn.pdbx_value_order 
_struct_conn.pdbx_role 
disulf1 disulf ? ? A CYS 19 SG ? ? ? 1_555 A CYS 54  SG ? ? A CYS 19 A CYS 54  1_555 ? ? ? ? ? ? ? 2.156 ? ? 
disulf2 disulf ? ? A CYS 50 SG ? ? ? 1_555 A CYS 108 SG ? ? A CYS 50 A CYS 108 1_555 ? ? ? ? ? ? ? 2.072 ? ? 
disulf3 disulf ? ? A CYS 97 SG ? ? ? 1_555 A CYS 117 SG ? ? A CYS 97 A CYS 117 1_555 ? ? ? ? ? ? ? 2.151 ? ? 
# 
_struct_conn_type.id          disulf 
_struct_conn_type.criteria    ? 
_struct_conn_type.reference   ? 
# 
loop_
_pdbx_modification_feature.ordinal 
_pdbx_modification_feature.label_comp_id 
_pdbx_modification_feature.label_asym_id 
_pdbx_modification_feature.label_seq_id 
_pdbx_modification_feature.label_alt_id 
_pdbx_modification_feature.modified_residue_label_comp_id 
_pdbx_modification_feature.modified_residue_label_asym_id 
_pdbx_modification_feature.modified_residue_label_seq_id 
_pdbx_modification_feature.modified_residue_label_alt_id 
_pdbx_modification_feature.auth_comp_id 
_pdbx_modification_feature.auth_asym_id 
_pdbx_modification_feature.auth_seq_id 
_pdbx_modification_feature.PDB_ins_code 
_pdbx_modification_feature.symmetry 
_pdbx_modification_feature.modified_residue_auth_comp_id 
_pdbx_modification_feature.modified_residue_auth_asym_id 
_pdbx_modification_feature.modified_residue_auth_seq_id 
_pdbx_modification_feature.modified_residue_PDB_ins_code 
_pdbx_modification_feature.modified_residue_symmetry 
_pdbx_modification_feature.comp_id_linking_atom 
_pdbx_modification_feature.modified_residue_id_linking_atom 
_pdbx_modification_feature.modified_residue_id 
_pdbx_modification_feature.ref_pcm_id 
_pdbx_modification_feature.ref_comp_id 
_pdbx_modification_feature.type 
_pdbx_modification_feature.category 
1 CYS A 19 ? CYS A 54  ? CYS A 19 ? 1_555 CYS A 54  ? 1_555 SG SG . . . None 'Disulfide bridge' 
2 CYS A 50 ? CYS A 108 ? CYS A 50 ? 1_555 CYS A 108 ? 1_555 SG SG . . . None 'Disulfide bridge' 
3 CYS A 97 ? CYS A 117 ? CYS A 97 ? 1_555 CYS A 117 ? 1_555 SG SG . . . None 'Disulfide bridge' 
# 
_struct_site.id                   AC1 
_struct_site.pdbx_evidence_code   Software 
_struct_site.pdbx_auth_asym_id    A 
_struct_site.pdbx_auth_comp_id    1EX 
_struct_site.pdbx_auth_seq_id     201 
_struct_site.pdbx_auth_ins_code   ? 
_struct_site.pdbx_num_residues    7 
_struct_site.details              'BINDING SITE FOR RESIDUE 1EX A 201' 
# 
loop_
_struct_site_gen.id 
_struct_site_gen.site_id 
_struct_site_gen.pdbx_num_res 
_struct_site_gen.label_comp_id 
_struct_site_gen.label_asym_id 
_struct_site_gen.label_seq_id 
_struct_site_gen.pdbx_auth_ins_code 
_struct_site_gen.auth_comp_id 
_struct_site_gen.auth_asym_id 
_struct_site_gen.auth_seq_id 
_struct_site_gen.label_atom_id 
_struct_site_gen.label_alt_id 
_struct_site_gen.symmetry 
_struct_site_gen.details 
1 AC1 7 SER A 56  ? SER A 56  . ? 1_555 ? 
2 AC1 7 MET A 61  ? MET A 61  . ? 1_555 ? 
3 AC1 7 VAL A 62  ? VAL A 62  . ? 1_555 ? 
4 AC1 7 LEU A 68  ? LEU A 68  . ? 1_555 ? 
5 AC1 7 ILE A 114 ? ILE A 114 . ? 1_555 ? 
6 AC1 7 HOH C .   ? HOH A 365 . ? 1_555 ? 
7 AC1 7 HOH C .   ? HOH A 444 . ? 1_555 ? 
# 
_pdbx_entry_details.entry_id                   4INX 
_pdbx_entry_details.compound_details           ? 
_pdbx_entry_details.source_details             ? 
_pdbx_entry_details.nonpolymer_details         ? 
_pdbx_entry_details.sequence_details           ? 
_pdbx_entry_details.has_ligand_of_interest     ? 
_pdbx_entry_details.has_protein_modification   Y 
# 
loop_
_pdbx_validate_close_contact.id 
_pdbx_validate_close_contact.PDB_model_num 
_pdbx_validate_close_contact.auth_atom_id_1 
_pdbx_validate_close_contact.auth_asym_id_1 
_pdbx_validate_close_contact.auth_comp_id_1 
_pdbx_validate_close_contact.auth_seq_id_1 
_pdbx_validate_close_contact.PDB_ins_code_1 
_pdbx_validate_close_contact.label_alt_id_1 
_pdbx_validate_close_contact.auth_atom_id_2 
_pdbx_validate_close_contact.auth_asym_id_2 
_pdbx_validate_close_contact.auth_comp_id_2 
_pdbx_validate_close_contact.auth_seq_id_2 
_pdbx_validate_close_contact.PDB_ins_code_2 
_pdbx_validate_close_contact.label_alt_id_2 
_pdbx_validate_close_contact.dist 
1 1 O   A HOH 337 ? ? O A HOH 456 ? ? 1.90 
2 1 O   A ILE 101 ? ? O A HOH 440 ? ? 2.03 
3 1 OD2 A ASP 105 ? ? O A HOH 352 ? ? 2.09 
# 
_pdbx_validate_symm_contact.id                1 
_pdbx_validate_symm_contact.PDB_model_num     1 
_pdbx_validate_symm_contact.auth_atom_id_1    NZ 
_pdbx_validate_symm_contact.auth_asym_id_1    A 
_pdbx_validate_symm_contact.auth_comp_id_1    LYS 
_pdbx_validate_symm_contact.auth_seq_id_1     67 
_pdbx_validate_symm_contact.PDB_ins_code_1    ? 
_pdbx_validate_symm_contact.label_alt_id_1    ? 
_pdbx_validate_symm_contact.site_symmetry_1   1_555 
_pdbx_validate_symm_contact.auth_atom_id_2    O 
_pdbx_validate_symm_contact.auth_asym_id_2    A 
_pdbx_validate_symm_contact.auth_comp_id_2    HOH 
_pdbx_validate_symm_contact.auth_seq_id_2     457 
_pdbx_validate_symm_contact.PDB_ins_code_2    ? 
_pdbx_validate_symm_contact.label_alt_id_2    ? 
_pdbx_validate_symm_contact.site_symmetry_2   5_665 
_pdbx_validate_symm_contact.dist              2.03 
# 
loop_
_pdbx_validate_rmsd_angle.id 
_pdbx_validate_rmsd_angle.PDB_model_num 
_pdbx_validate_rmsd_angle.auth_atom_id_1 
_pdbx_validate_rmsd_angle.auth_asym_id_1 
_pdbx_validate_rmsd_angle.auth_comp_id_1 
_pdbx_validate_rmsd_angle.auth_seq_id_1 
_pdbx_validate_rmsd_angle.PDB_ins_code_1 
_pdbx_validate_rmsd_angle.label_alt_id_1 
_pdbx_validate_rmsd_angle.auth_atom_id_2 
_pdbx_validate_rmsd_angle.auth_asym_id_2 
_pdbx_validate_rmsd_angle.auth_comp_id_2 
_pdbx_validate_rmsd_angle.auth_seq_id_2 
_pdbx_validate_rmsd_angle.PDB_ins_code_2 
_pdbx_validate_rmsd_angle.label_alt_id_2 
_pdbx_validate_rmsd_angle.auth_atom_id_3 
_pdbx_validate_rmsd_angle.auth_asym_id_3 
_pdbx_validate_rmsd_angle.auth_comp_id_3 
_pdbx_validate_rmsd_angle.auth_seq_id_3 
_pdbx_validate_rmsd_angle.PDB_ins_code_3 
_pdbx_validate_rmsd_angle.label_alt_id_3 
_pdbx_validate_rmsd_angle.angle_value 
_pdbx_validate_rmsd_angle.angle_target_value 
_pdbx_validate_rmsd_angle.angle_deviation 
_pdbx_validate_rmsd_angle.angle_standard_deviation 
_pdbx_validate_rmsd_angle.linker_flag 
1 1 CB A ASP 105 ? ? CG A ASP 105 ? ? OD2 A ASP 105 ? ? 109.31 118.30 -8.99 0.90 N 
2 1 CD A ARG 107 ? ? NE A ARG 107 ? ? CZ  A ARG 107 ? ? 134.94 123.60 11.34 1.40 N 
3 1 NE A ARG 107 ? ? CZ A ARG 107 ? ? NH1 A ARG 107 ? ? 126.74 120.30 6.44  0.50 N 
4 1 NE A ARG 107 ? ? CZ A ARG 107 ? ? NH2 A ARG 107 ? ? 113.56 120.30 -6.74 0.50 N 
# 
_pdbx_validate_planes.id              1 
_pdbx_validate_planes.PDB_model_num   1 
_pdbx_validate_planes.auth_comp_id    ARG 
_pdbx_validate_planes.auth_asym_id    A 
_pdbx_validate_planes.auth_seq_id     107 
_pdbx_validate_planes.PDB_ins_code    ? 
_pdbx_validate_planes.label_alt_id    ? 
_pdbx_validate_planes.rmsd            0.072 
_pdbx_validate_planes.type            'SIDE CHAIN' 
# 
_diffrn_reflns.diffrn_id                   1 
_diffrn_reflns.pdbx_d_res_high             1.850 
_diffrn_reflns.pdbx_d_res_low              50.000 
_diffrn_reflns.pdbx_number_obs             14800 
_diffrn_reflns.pdbx_Rmerge_I_obs           0.040 
_diffrn_reflns.pdbx_Rsym_value             ? 
_diffrn_reflns.pdbx_chi_squared            1.28 
_diffrn_reflns.av_sigmaI_over_netI         28.42 
_diffrn_reflns.pdbx_redundancy             2.80 
_diffrn_reflns.pdbx_percent_possible_obs   98.30 
_diffrn_reflns.number                      41040 
_diffrn_reflns.pdbx_observed_criterion     ? 
_diffrn_reflns.limit_h_max                 ? 
_diffrn_reflns.limit_h_min                 ? 
_diffrn_reflns.limit_k_max                 ? 
_diffrn_reflns.limit_k_min                 ? 
_diffrn_reflns.limit_l_max                 ? 
_diffrn_reflns.limit_l_min                 ? 
# 
loop_
_pdbx_diffrn_reflns_shell.diffrn_id 
_pdbx_diffrn_reflns_shell.d_res_high 
_pdbx_diffrn_reflns_shell.d_res_low 
_pdbx_diffrn_reflns_shell.number_obs 
_pdbx_diffrn_reflns_shell.rejects 
_pdbx_diffrn_reflns_shell.Rmerge_I_obs 
_pdbx_diffrn_reflns_shell.Rsym_value 
_pdbx_diffrn_reflns_shell.chi_squared 
_pdbx_diffrn_reflns_shell.redundancy 
_pdbx_diffrn_reflns_shell.percent_possible_obs 
1 3.99 50.00 ? ? 0.026 ? 1.121 2.80 97.70 
1 3.16 3.99  ? ? 0.032 ? 1.492 2.80 99.50 
1 2.76 3.16  ? ? 0.038 ? 1.351 2.80 99.70 
1 2.51 2.76  ? ? 0.042 ? 1.343 2.80 99.40 
1 2.33 2.51  ? ? 0.047 ? 1.381 2.80 99.30 
1 2.19 2.33  ? ? 0.053 ? 1.340 2.80 99.30 
1 2.08 2.19  ? ? 0.054 ? 1.151 2.70 99.30 
1 1.99 2.08  ? ? 0.071 ? 1.266 2.80 98.90 
1 1.92 1.99  ? ? 0.085 ? 1.141 2.80 98.30 
1 1.85 1.92  ? ? 0.113 ? 1.151 2.70 91.80 
# 
_phasing.method   MR 
# 
loop_
_chem_comp_atom.comp_id 
_chem_comp_atom.atom_id 
_chem_comp_atom.type_symbol 
_chem_comp_atom.pdbx_aromatic_flag 
_chem_comp_atom.pdbx_stereo_config 
_chem_comp_atom.pdbx_ordinal 
1EX CAA  C N N 1   
1EX CAH  C N N 2   
1EX CAF  C N N 3   
1EX CAD  C N N 4   
1EX CAE  C N N 5   
1EX CAG  C N N 6   
1EX CAJ  C N N 7   
1EX CAL  C N N 8   
1EX CAN  C N N 9   
1EX CAP  C N N 10  
1EX CAQ  C N N 11  
1EX CAO  C N N 12  
1EX CAM  C N N 13  
1EX CAK  C N N 14  
1EX CAI  C N N 15  
1EX CAC  C N N 16  
1EX OAB  O N N 17  
1EX H1   H N N 18  
1EX H2   H N N 19  
1EX H3   H N N 20  
1EX H4   H N N 21  
1EX H5   H N N 22  
1EX H6   H N N 23  
1EX H7   H N N 24  
1EX H8   H N N 25  
1EX H9   H N N 26  
1EX H10  H N N 27  
1EX H11  H N N 28  
1EX H12  H N N 29  
1EX H13  H N N 30  
1EX H14  H N N 31  
1EX H15  H N N 32  
1EX H16  H N N 33  
1EX H17  H N N 34  
1EX H18  H N N 35  
1EX H19  H N N 36  
1EX H20  H N N 37  
1EX H21  H N N 38  
1EX H22  H N N 39  
1EX H23  H N N 40  
1EX H24  H N N 41  
1EX H25  H N N 42  
1EX H26  H N N 43  
1EX H27  H N N 44  
1EX H28  H N N 45  
1EX H29  H N N 46  
1EX H30  H N N 47  
ALA N    N N N 48  
ALA CA   C N S 49  
ALA C    C N N 50  
ALA O    O N N 51  
ALA CB   C N N 52  
ALA OXT  O N N 53  
ALA H    H N N 54  
ALA H2   H N N 55  
ALA HA   H N N 56  
ALA HB1  H N N 57  
ALA HB2  H N N 58  
ALA HB3  H N N 59  
ALA HXT  H N N 60  
ARG N    N N N 61  
ARG CA   C N S 62  
ARG C    C N N 63  
ARG O    O N N 64  
ARG CB   C N N 65  
ARG CG   C N N 66  
ARG CD   C N N 67  
ARG NE   N N N 68  
ARG CZ   C N N 69  
ARG NH1  N N N 70  
ARG NH2  N N N 71  
ARG OXT  O N N 72  
ARG H    H N N 73  
ARG H2   H N N 74  
ARG HA   H N N 75  
ARG HB2  H N N 76  
ARG HB3  H N N 77  
ARG HG2  H N N 78  
ARG HG3  H N N 79  
ARG HD2  H N N 80  
ARG HD3  H N N 81  
ARG HE   H N N 82  
ARG HH11 H N N 83  
ARG HH12 H N N 84  
ARG HH21 H N N 85  
ARG HH22 H N N 86  
ARG HXT  H N N 87  
ASN N    N N N 88  
ASN CA   C N S 89  
ASN C    C N N 90  
ASN O    O N N 91  
ASN CB   C N N 92  
ASN CG   C N N 93  
ASN OD1  O N N 94  
ASN ND2  N N N 95  
ASN OXT  O N N 96  
ASN H    H N N 97  
ASN H2   H N N 98  
ASN HA   H N N 99  
ASN HB2  H N N 100 
ASN HB3  H N N 101 
ASN HD21 H N N 102 
ASN HD22 H N N 103 
ASN HXT  H N N 104 
ASP N    N N N 105 
ASP CA   C N S 106 
ASP C    C N N 107 
ASP O    O N N 108 
ASP CB   C N N 109 
ASP CG   C N N 110 
ASP OD1  O N N 111 
ASP OD2  O N N 112 
ASP OXT  O N N 113 
ASP H    H N N 114 
ASP H2   H N N 115 
ASP HA   H N N 116 
ASP HB2  H N N 117 
ASP HB3  H N N 118 
ASP HD2  H N N 119 
ASP HXT  H N N 120 
CYS N    N N N 121 
CYS CA   C N R 122 
CYS C    C N N 123 
CYS O    O N N 124 
CYS CB   C N N 125 
CYS SG   S N N 126 
CYS OXT  O N N 127 
CYS H    H N N 128 
CYS H2   H N N 129 
CYS HA   H N N 130 
CYS HB2  H N N 131 
CYS HB3  H N N 132 
CYS HG   H N N 133 
CYS HXT  H N N 134 
GLN N    N N N 135 
GLN CA   C N S 136 
GLN C    C N N 137 
GLN O    O N N 138 
GLN CB   C N N 139 
GLN CG   C N N 140 
GLN CD   C N N 141 
GLN OE1  O N N 142 
GLN NE2  N N N 143 
GLN OXT  O N N 144 
GLN H    H N N 145 
GLN H2   H N N 146 
GLN HA   H N N 147 
GLN HB2  H N N 148 
GLN HB3  H N N 149 
GLN HG2  H N N 150 
GLN HG3  H N N 151 
GLN HE21 H N N 152 
GLN HE22 H N N 153 
GLN HXT  H N N 154 
GLU N    N N N 155 
GLU CA   C N S 156 
GLU C    C N N 157 
GLU O    O N N 158 
GLU CB   C N N 159 
GLU CG   C N N 160 
GLU CD   C N N 161 
GLU OE1  O N N 162 
GLU OE2  O N N 163 
GLU OXT  O N N 164 
GLU H    H N N 165 
GLU H2   H N N 166 
GLU HA   H N N 167 
GLU HB2  H N N 168 
GLU HB3  H N N 169 
GLU HG2  H N N 170 
GLU HG3  H N N 171 
GLU HE2  H N N 172 
GLU HXT  H N N 173 
GLY N    N N N 174 
GLY CA   C N N 175 
GLY C    C N N 176 
GLY O    O N N 177 
GLY OXT  O N N 178 
GLY H    H N N 179 
GLY H2   H N N 180 
GLY HA2  H N N 181 
GLY HA3  H N N 182 
GLY HXT  H N N 183 
HIS N    N N N 184 
HIS CA   C N S 185 
HIS C    C N N 186 
HIS O    O N N 187 
HIS CB   C N N 188 
HIS CG   C Y N 189 
HIS ND1  N Y N 190 
HIS CD2  C Y N 191 
HIS CE1  C Y N 192 
HIS NE2  N Y N 193 
HIS OXT  O N N 194 
HIS H    H N N 195 
HIS H2   H N N 196 
HIS HA   H N N 197 
HIS HB2  H N N 198 
HIS HB3  H N N 199 
HIS HD1  H N N 200 
HIS HD2  H N N 201 
HIS HE1  H N N 202 
HIS HE2  H N N 203 
HIS HXT  H N N 204 
HOH O    O N N 205 
HOH H1   H N N 206 
HOH H2   H N N 207 
ILE N    N N N 208 
ILE CA   C N S 209 
ILE C    C N N 210 
ILE O    O N N 211 
ILE CB   C N S 212 
ILE CG1  C N N 213 
ILE CG2  C N N 214 
ILE CD1  C N N 215 
ILE OXT  O N N 216 
ILE H    H N N 217 
ILE H2   H N N 218 
ILE HA   H N N 219 
ILE HB   H N N 220 
ILE HG12 H N N 221 
ILE HG13 H N N 222 
ILE HG21 H N N 223 
ILE HG22 H N N 224 
ILE HG23 H N N 225 
ILE HD11 H N N 226 
ILE HD12 H N N 227 
ILE HD13 H N N 228 
ILE HXT  H N N 229 
LEU N    N N N 230 
LEU CA   C N S 231 
LEU C    C N N 232 
LEU O    O N N 233 
LEU CB   C N N 234 
LEU CG   C N N 235 
LEU CD1  C N N 236 
LEU CD2  C N N 237 
LEU OXT  O N N 238 
LEU H    H N N 239 
LEU H2   H N N 240 
LEU HA   H N N 241 
LEU HB2  H N N 242 
LEU HB3  H N N 243 
LEU HG   H N N 244 
LEU HD11 H N N 245 
LEU HD12 H N N 246 
LEU HD13 H N N 247 
LEU HD21 H N N 248 
LEU HD22 H N N 249 
LEU HD23 H N N 250 
LEU HXT  H N N 251 
LYS N    N N N 252 
LYS CA   C N S 253 
LYS C    C N N 254 
LYS O    O N N 255 
LYS CB   C N N 256 
LYS CG   C N N 257 
LYS CD   C N N 258 
LYS CE   C N N 259 
LYS NZ   N N N 260 
LYS OXT  O N N 261 
LYS H    H N N 262 
LYS H2   H N N 263 
LYS HA   H N N 264 
LYS HB2  H N N 265 
LYS HB3  H N N 266 
LYS HG2  H N N 267 
LYS HG3  H N N 268 
LYS HD2  H N N 269 
LYS HD3  H N N 270 
LYS HE2  H N N 271 
LYS HE3  H N N 272 
LYS HZ1  H N N 273 
LYS HZ2  H N N 274 
LYS HZ3  H N N 275 
LYS HXT  H N N 276 
MET N    N N N 277 
MET CA   C N S 278 
MET C    C N N 279 
MET O    O N N 280 
MET CB   C N N 281 
MET CG   C N N 282 
MET SD   S N N 283 
MET CE   C N N 284 
MET OXT  O N N 285 
MET H    H N N 286 
MET H2   H N N 287 
MET HA   H N N 288 
MET HB2  H N N 289 
MET HB3  H N N 290 
MET HG2  H N N 291 
MET HG3  H N N 292 
MET HE1  H N N 293 
MET HE2  H N N 294 
MET HE3  H N N 295 
MET HXT  H N N 296 
PHE N    N N N 297 
PHE CA   C N S 298 
PHE C    C N N 299 
PHE O    O N N 300 
PHE CB   C N N 301 
PHE CG   C Y N 302 
PHE CD1  C Y N 303 
PHE CD2  C Y N 304 
PHE CE1  C Y N 305 
PHE CE2  C Y N 306 
PHE CZ   C Y N 307 
PHE OXT  O N N 308 
PHE H    H N N 309 
PHE H2   H N N 310 
PHE HA   H N N 311 
PHE HB2  H N N 312 
PHE HB3  H N N 313 
PHE HD1  H N N 314 
PHE HD2  H N N 315 
PHE HE1  H N N 316 
PHE HE2  H N N 317 
PHE HZ   H N N 318 
PHE HXT  H N N 319 
PRO N    N N N 320 
PRO CA   C N S 321 
PRO C    C N N 322 
PRO O    O N N 323 
PRO CB   C N N 324 
PRO CG   C N N 325 
PRO CD   C N N 326 
PRO OXT  O N N 327 
PRO H    H N N 328 
PRO HA   H N N 329 
PRO HB2  H N N 330 
PRO HB3  H N N 331 
PRO HG2  H N N 332 
PRO HG3  H N N 333 
PRO HD2  H N N 334 
PRO HD3  H N N 335 
PRO HXT  H N N 336 
SER N    N N N 337 
SER CA   C N S 338 
SER C    C N N 339 
SER O    O N N 340 
SER CB   C N N 341 
SER OG   O N N 342 
SER OXT  O N N 343 
SER H    H N N 344 
SER H2   H N N 345 
SER HA   H N N 346 
SER HB2  H N N 347 
SER HB3  H N N 348 
SER HG   H N N 349 
SER HXT  H N N 350 
THR N    N N N 351 
THR CA   C N S 352 
THR C    C N N 353 
THR O    O N N 354 
THR CB   C N R 355 
THR OG1  O N N 356 
THR CG2  C N N 357 
THR OXT  O N N 358 
THR H    H N N 359 
THR H2   H N N 360 
THR HA   H N N 361 
THR HB   H N N 362 
THR HG1  H N N 363 
THR HG21 H N N 364 
THR HG22 H N N 365 
THR HG23 H N N 366 
THR HXT  H N N 367 
TRP N    N N N 368 
TRP CA   C N S 369 
TRP C    C N N 370 
TRP O    O N N 371 
TRP CB   C N N 372 
TRP CG   C Y N 373 
TRP CD1  C Y N 374 
TRP CD2  C Y N 375 
TRP NE1  N Y N 376 
TRP CE2  C Y N 377 
TRP CE3  C Y N 378 
TRP CZ2  C Y N 379 
TRP CZ3  C Y N 380 
TRP CH2  C Y N 381 
TRP OXT  O N N 382 
TRP H    H N N 383 
TRP H2   H N N 384 
TRP HA   H N N 385 
TRP HB2  H N N 386 
TRP HB3  H N N 387 
TRP HD1  H N N 388 
TRP HE1  H N N 389 
TRP HE3  H N N 390 
TRP HZ2  H N N 391 
TRP HZ3  H N N 392 
TRP HH2  H N N 393 
TRP HXT  H N N 394 
TYR N    N N N 395 
TYR CA   C N S 396 
TYR C    C N N 397 
TYR O    O N N 398 
TYR CB   C N N 399 
TYR CG   C Y N 400 
TYR CD1  C Y N 401 
TYR CD2  C Y N 402 
TYR CE1  C Y N 403 
TYR CE2  C Y N 404 
TYR CZ   C Y N 405 
TYR OH   O N N 406 
TYR OXT  O N N 407 
TYR H    H N N 408 
TYR H2   H N N 409 
TYR HA   H N N 410 
TYR HB2  H N N 411 
TYR HB3  H N N 412 
TYR HD1  H N N 413 
TYR HD2  H N N 414 
TYR HE1  H N N 415 
TYR HE2  H N N 416 
TYR HH   H N N 417 
TYR HXT  H N N 418 
VAL N    N N N 419 
VAL CA   C N S 420 
VAL C    C N N 421 
VAL O    O N N 422 
VAL CB   C N N 423 
VAL CG1  C N N 424 
VAL CG2  C N N 425 
VAL OXT  O N N 426 
VAL H    H N N 427 
VAL H2   H N N 428 
VAL HA   H N N 429 
VAL HB   H N N 430 
VAL HG11 H N N 431 
VAL HG12 H N N 432 
VAL HG13 H N N 433 
VAL HG21 H N N 434 
VAL HG22 H N N 435 
VAL HG23 H N N 436 
VAL HXT  H N N 437 
# 
loop_
_chem_comp_bond.comp_id 
_chem_comp_bond.atom_id_1 
_chem_comp_bond.atom_id_2 
_chem_comp_bond.value_order 
_chem_comp_bond.pdbx_aromatic_flag 
_chem_comp_bond.pdbx_stereo_config 
_chem_comp_bond.pdbx_ordinal 
1EX CAG CAE  doub N Z 1   
1EX CAG CAJ  sing N N 2   
1EX CAE CAD  sing N N 3   
1EX CAL CAN  sing N N 4   
1EX CAL CAJ  sing N N 5   
1EX CAN CAP  sing N N 6   
1EX CAD CAF  doub N Z 7   
1EX CAP CAQ  sing N N 8   
1EX CAK CAM  sing N N 9   
1EX CAK CAI  sing N N 10  
1EX CAQ CAO  sing N N 11  
1EX CAM CAO  sing N N 12  
1EX CAF CAH  sing N N 13  
1EX CAH CAA  sing N N 14  
1EX CAI CAC  sing N N 15  
1EX CAC OAB  sing N N 16  
1EX CAA H1   sing N N 17  
1EX CAA H2   sing N N 18  
1EX CAA H3   sing N N 19  
1EX CAH H4   sing N N 20  
1EX CAH H5   sing N N 21  
1EX CAF H6   sing N N 22  
1EX CAD H7   sing N N 23  
1EX CAE H8   sing N N 24  
1EX CAG H9   sing N N 25  
1EX CAJ H10  sing N N 26  
1EX CAJ H11  sing N N 27  
1EX CAL H12  sing N N 28  
1EX CAL H13  sing N N 29  
1EX CAN H14  sing N N 30  
1EX CAN H15  sing N N 31  
1EX CAP H16  sing N N 32  
1EX CAP H17  sing N N 33  
1EX CAQ H18  sing N N 34  
1EX CAQ H19  sing N N 35  
1EX CAO H20  sing N N 36  
1EX CAO H21  sing N N 37  
1EX CAM H22  sing N N 38  
1EX CAM H23  sing N N 39  
1EX CAK H24  sing N N 40  
1EX CAK H25  sing N N 41  
1EX CAI H26  sing N N 42  
1EX CAI H27  sing N N 43  
1EX CAC H28  sing N N 44  
1EX CAC H29  sing N N 45  
1EX OAB H30  sing N N 46  
ALA N   CA   sing N N 47  
ALA N   H    sing N N 48  
ALA N   H2   sing N N 49  
ALA CA  C    sing N N 50  
ALA CA  CB   sing N N 51  
ALA CA  HA   sing N N 52  
ALA C   O    doub N N 53  
ALA C   OXT  sing N N 54  
ALA CB  HB1  sing N N 55  
ALA CB  HB2  sing N N 56  
ALA CB  HB3  sing N N 57  
ALA OXT HXT  sing N N 58  
ARG N   CA   sing N N 59  
ARG N   H    sing N N 60  
ARG N   H2   sing N N 61  
ARG CA  C    sing N N 62  
ARG CA  CB   sing N N 63  
ARG CA  HA   sing N N 64  
ARG C   O    doub N N 65  
ARG C   OXT  sing N N 66  
ARG CB  CG   sing N N 67  
ARG CB  HB2  sing N N 68  
ARG CB  HB3  sing N N 69  
ARG CG  CD   sing N N 70  
ARG CG  HG2  sing N N 71  
ARG CG  HG3  sing N N 72  
ARG CD  NE   sing N N 73  
ARG CD  HD2  sing N N 74  
ARG CD  HD3  sing N N 75  
ARG NE  CZ   sing N N 76  
ARG NE  HE   sing N N 77  
ARG CZ  NH1  sing N N 78  
ARG CZ  NH2  doub N N 79  
ARG NH1 HH11 sing N N 80  
ARG NH1 HH12 sing N N 81  
ARG NH2 HH21 sing N N 82  
ARG NH2 HH22 sing N N 83  
ARG OXT HXT  sing N N 84  
ASN N   CA   sing N N 85  
ASN N   H    sing N N 86  
ASN N   H2   sing N N 87  
ASN CA  C    sing N N 88  
ASN CA  CB   sing N N 89  
ASN CA  HA   sing N N 90  
ASN C   O    doub N N 91  
ASN C   OXT  sing N N 92  
ASN CB  CG   sing N N 93  
ASN CB  HB2  sing N N 94  
ASN CB  HB3  sing N N 95  
ASN CG  OD1  doub N N 96  
ASN CG  ND2  sing N N 97  
ASN ND2 HD21 sing N N 98  
ASN ND2 HD22 sing N N 99  
ASN OXT HXT  sing N N 100 
ASP N   CA   sing N N 101 
ASP N   H    sing N N 102 
ASP N   H2   sing N N 103 
ASP CA  C    sing N N 104 
ASP CA  CB   sing N N 105 
ASP CA  HA   sing N N 106 
ASP C   O    doub N N 107 
ASP C   OXT  sing N N 108 
ASP CB  CG   sing N N 109 
ASP CB  HB2  sing N N 110 
ASP CB  HB3  sing N N 111 
ASP CG  OD1  doub N N 112 
ASP CG  OD2  sing N N 113 
ASP OD2 HD2  sing N N 114 
ASP OXT HXT  sing N N 115 
CYS N   CA   sing N N 116 
CYS N   H    sing N N 117 
CYS N   H2   sing N N 118 
CYS CA  C    sing N N 119 
CYS CA  CB   sing N N 120 
CYS CA  HA   sing N N 121 
CYS C   O    doub N N 122 
CYS C   OXT  sing N N 123 
CYS CB  SG   sing N N 124 
CYS CB  HB2  sing N N 125 
CYS CB  HB3  sing N N 126 
CYS SG  HG   sing N N 127 
CYS OXT HXT  sing N N 128 
GLN N   CA   sing N N 129 
GLN N   H    sing N N 130 
GLN N   H2   sing N N 131 
GLN CA  C    sing N N 132 
GLN CA  CB   sing N N 133 
GLN CA  HA   sing N N 134 
GLN C   O    doub N N 135 
GLN C   OXT  sing N N 136 
GLN CB  CG   sing N N 137 
GLN CB  HB2  sing N N 138 
GLN CB  HB3  sing N N 139 
GLN CG  CD   sing N N 140 
GLN CG  HG2  sing N N 141 
GLN CG  HG3  sing N N 142 
GLN CD  OE1  doub N N 143 
GLN CD  NE2  sing N N 144 
GLN NE2 HE21 sing N N 145 
GLN NE2 HE22 sing N N 146 
GLN OXT HXT  sing N N 147 
GLU N   CA   sing N N 148 
GLU N   H    sing N N 149 
GLU N   H2   sing N N 150 
GLU CA  C    sing N N 151 
GLU CA  CB   sing N N 152 
GLU CA  HA   sing N N 153 
GLU C   O    doub N N 154 
GLU C   OXT  sing N N 155 
GLU CB  CG   sing N N 156 
GLU CB  HB2  sing N N 157 
GLU CB  HB3  sing N N 158 
GLU CG  CD   sing N N 159 
GLU CG  HG2  sing N N 160 
GLU CG  HG3  sing N N 161 
GLU CD  OE1  doub N N 162 
GLU CD  OE2  sing N N 163 
GLU OE2 HE2  sing N N 164 
GLU OXT HXT  sing N N 165 
GLY N   CA   sing N N 166 
GLY N   H    sing N N 167 
GLY N   H2   sing N N 168 
GLY CA  C    sing N N 169 
GLY CA  HA2  sing N N 170 
GLY CA  HA3  sing N N 171 
GLY C   O    doub N N 172 
GLY C   OXT  sing N N 173 
GLY OXT HXT  sing N N 174 
HIS N   CA   sing N N 175 
HIS N   H    sing N N 176 
HIS N   H2   sing N N 177 
HIS CA  C    sing N N 178 
HIS CA  CB   sing N N 179 
HIS CA  HA   sing N N 180 
HIS C   O    doub N N 181 
HIS C   OXT  sing N N 182 
HIS CB  CG   sing N N 183 
HIS CB  HB2  sing N N 184 
HIS CB  HB3  sing N N 185 
HIS CG  ND1  sing Y N 186 
HIS CG  CD2  doub Y N 187 
HIS ND1 CE1  doub Y N 188 
HIS ND1 HD1  sing N N 189 
HIS CD2 NE2  sing Y N 190 
HIS CD2 HD2  sing N N 191 
HIS CE1 NE2  sing Y N 192 
HIS CE1 HE1  sing N N 193 
HIS NE2 HE2  sing N N 194 
HIS OXT HXT  sing N N 195 
HOH O   H1   sing N N 196 
HOH O   H2   sing N N 197 
ILE N   CA   sing N N 198 
ILE N   H    sing N N 199 
ILE N   H2   sing N N 200 
ILE CA  C    sing N N 201 
ILE CA  CB   sing N N 202 
ILE CA  HA   sing N N 203 
ILE C   O    doub N N 204 
ILE C   OXT  sing N N 205 
ILE CB  CG1  sing N N 206 
ILE CB  CG2  sing N N 207 
ILE CB  HB   sing N N 208 
ILE CG1 CD1  sing N N 209 
ILE CG1 HG12 sing N N 210 
ILE CG1 HG13 sing N N 211 
ILE CG2 HG21 sing N N 212 
ILE CG2 HG22 sing N N 213 
ILE CG2 HG23 sing N N 214 
ILE CD1 HD11 sing N N 215 
ILE CD1 HD12 sing N N 216 
ILE CD1 HD13 sing N N 217 
ILE OXT HXT  sing N N 218 
LEU N   CA   sing N N 219 
LEU N   H    sing N N 220 
LEU N   H2   sing N N 221 
LEU CA  C    sing N N 222 
LEU CA  CB   sing N N 223 
LEU CA  HA   sing N N 224 
LEU C   O    doub N N 225 
LEU C   OXT  sing N N 226 
LEU CB  CG   sing N N 227 
LEU CB  HB2  sing N N 228 
LEU CB  HB3  sing N N 229 
LEU CG  CD1  sing N N 230 
LEU CG  CD2  sing N N 231 
LEU CG  HG   sing N N 232 
LEU CD1 HD11 sing N N 233 
LEU CD1 HD12 sing N N 234 
LEU CD1 HD13 sing N N 235 
LEU CD2 HD21 sing N N 236 
LEU CD2 HD22 sing N N 237 
LEU CD2 HD23 sing N N 238 
LEU OXT HXT  sing N N 239 
LYS N   CA   sing N N 240 
LYS N   H    sing N N 241 
LYS N   H2   sing N N 242 
LYS CA  C    sing N N 243 
LYS CA  CB   sing N N 244 
LYS CA  HA   sing N N 245 
LYS C   O    doub N N 246 
LYS C   OXT  sing N N 247 
LYS CB  CG   sing N N 248 
LYS CB  HB2  sing N N 249 
LYS CB  HB3  sing N N 250 
LYS CG  CD   sing N N 251 
LYS CG  HG2  sing N N 252 
LYS CG  HG3  sing N N 253 
LYS CD  CE   sing N N 254 
LYS CD  HD2  sing N N 255 
LYS CD  HD3  sing N N 256 
LYS CE  NZ   sing N N 257 
LYS CE  HE2  sing N N 258 
LYS CE  HE3  sing N N 259 
LYS NZ  HZ1  sing N N 260 
LYS NZ  HZ2  sing N N 261 
LYS NZ  HZ3  sing N N 262 
LYS OXT HXT  sing N N 263 
MET N   CA   sing N N 264 
MET N   H    sing N N 265 
MET N   H2   sing N N 266 
MET CA  C    sing N N 267 
MET CA  CB   sing N N 268 
MET CA  HA   sing N N 269 
MET C   O    doub N N 270 
MET C   OXT  sing N N 271 
MET CB  CG   sing N N 272 
MET CB  HB2  sing N N 273 
MET CB  HB3  sing N N 274 
MET CG  SD   sing N N 275 
MET CG  HG2  sing N N 276 
MET CG  HG3  sing N N 277 
MET SD  CE   sing N N 278 
MET CE  HE1  sing N N 279 
MET CE  HE2  sing N N 280 
MET CE  HE3  sing N N 281 
MET OXT HXT  sing N N 282 
PHE N   CA   sing N N 283 
PHE N   H    sing N N 284 
PHE N   H2   sing N N 285 
PHE CA  C    sing N N 286 
PHE CA  CB   sing N N 287 
PHE CA  HA   sing N N 288 
PHE C   O    doub N N 289 
PHE C   OXT  sing N N 290 
PHE CB  CG   sing N N 291 
PHE CB  HB2  sing N N 292 
PHE CB  HB3  sing N N 293 
PHE CG  CD1  doub Y N 294 
PHE CG  CD2  sing Y N 295 
PHE CD1 CE1  sing Y N 296 
PHE CD1 HD1  sing N N 297 
PHE CD2 CE2  doub Y N 298 
PHE CD2 HD2  sing N N 299 
PHE CE1 CZ   doub Y N 300 
PHE CE1 HE1  sing N N 301 
PHE CE2 CZ   sing Y N 302 
PHE CE2 HE2  sing N N 303 
PHE CZ  HZ   sing N N 304 
PHE OXT HXT  sing N N 305 
PRO N   CA   sing N N 306 
PRO N   CD   sing N N 307 
PRO N   H    sing N N 308 
PRO CA  C    sing N N 309 
PRO CA  CB   sing N N 310 
PRO CA  HA   sing N N 311 
PRO C   O    doub N N 312 
PRO C   OXT  sing N N 313 
PRO CB  CG   sing N N 314 
PRO CB  HB2  sing N N 315 
PRO CB  HB3  sing N N 316 
PRO CG  CD   sing N N 317 
PRO CG  HG2  sing N N 318 
PRO CG  HG3  sing N N 319 
PRO CD  HD2  sing N N 320 
PRO CD  HD3  sing N N 321 
PRO OXT HXT  sing N N 322 
SER N   CA   sing N N 323 
SER N   H    sing N N 324 
SER N   H2   sing N N 325 
SER CA  C    sing N N 326 
SER CA  CB   sing N N 327 
SER CA  HA   sing N N 328 
SER C   O    doub N N 329 
SER C   OXT  sing N N 330 
SER CB  OG   sing N N 331 
SER CB  HB2  sing N N 332 
SER CB  HB3  sing N N 333 
SER OG  HG   sing N N 334 
SER OXT HXT  sing N N 335 
THR N   CA   sing N N 336 
THR N   H    sing N N 337 
THR N   H2   sing N N 338 
THR CA  C    sing N N 339 
THR CA  CB   sing N N 340 
THR CA  HA   sing N N 341 
THR C   O    doub N N 342 
THR C   OXT  sing N N 343 
THR CB  OG1  sing N N 344 
THR CB  CG2  sing N N 345 
THR CB  HB   sing N N 346 
THR OG1 HG1  sing N N 347 
THR CG2 HG21 sing N N 348 
THR CG2 HG22 sing N N 349 
THR CG2 HG23 sing N N 350 
THR OXT HXT  sing N N 351 
TRP N   CA   sing N N 352 
TRP N   H    sing N N 353 
TRP N   H2   sing N N 354 
TRP CA  C    sing N N 355 
TRP CA  CB   sing N N 356 
TRP CA  HA   sing N N 357 
TRP C   O    doub N N 358 
TRP C   OXT  sing N N 359 
TRP CB  CG   sing N N 360 
TRP CB  HB2  sing N N 361 
TRP CB  HB3  sing N N 362 
TRP CG  CD1  doub Y N 363 
TRP CG  CD2  sing Y N 364 
TRP CD1 NE1  sing Y N 365 
TRP CD1 HD1  sing N N 366 
TRP CD2 CE2  doub Y N 367 
TRP CD2 CE3  sing Y N 368 
TRP NE1 CE2  sing Y N 369 
TRP NE1 HE1  sing N N 370 
TRP CE2 CZ2  sing Y N 371 
TRP CE3 CZ3  doub Y N 372 
TRP CE3 HE3  sing N N 373 
TRP CZ2 CH2  doub Y N 374 
TRP CZ2 HZ2  sing N N 375 
TRP CZ3 CH2  sing Y N 376 
TRP CZ3 HZ3  sing N N 377 
TRP CH2 HH2  sing N N 378 
TRP OXT HXT  sing N N 379 
TYR N   CA   sing N N 380 
TYR N   H    sing N N 381 
TYR N   H2   sing N N 382 
TYR CA  C    sing N N 383 
TYR CA  CB   sing N N 384 
TYR CA  HA   sing N N 385 
TYR C   O    doub N N 386 
TYR C   OXT  sing N N 387 
TYR CB  CG   sing N N 388 
TYR CB  HB2  sing N N 389 
TYR CB  HB3  sing N N 390 
TYR CG  CD1  doub Y N 391 
TYR CG  CD2  sing Y N 392 
TYR CD1 CE1  sing Y N 393 
TYR CD1 HD1  sing N N 394 
TYR CD2 CE2  doub Y N 395 
TYR CD2 HD2  sing N N 396 
TYR CE1 CZ   doub Y N 397 
TYR CE1 HE1  sing N N 398 
TYR CE2 CZ   sing Y N 399 
TYR CE2 HE2  sing N N 400 
TYR CZ  OH   sing N N 401 
TYR OH  HH   sing N N 402 
TYR OXT HXT  sing N N 403 
VAL N   CA   sing N N 404 
VAL N   H    sing N N 405 
VAL N   H2   sing N N 406 
VAL CA  C    sing N N 407 
VAL CA  CB   sing N N 408 
VAL CA  HA   sing N N 409 
VAL C   O    doub N N 410 
VAL C   OXT  sing N N 411 
VAL CB  CG1  sing N N 412 
VAL CB  CG2  sing N N 413 
VAL CB  HB   sing N N 414 
VAL CG1 HG11 sing N N 415 
VAL CG1 HG12 sing N N 416 
VAL CG1 HG13 sing N N 417 
VAL CG2 HG21 sing N N 418 
VAL CG2 HG22 sing N N 419 
VAL CG2 HG23 sing N N 420 
VAL OXT HXT  sing N N 421 
# 
_atom_sites.entry_id                    4INX 
_atom_sites.fract_transf_matrix[1][1]   0.00284892 
_atom_sites.fract_transf_matrix[1][2]   -0.01576850 
_atom_sites.fract_transf_matrix[1][3]   0.01208608 
_atom_sites.fract_transf_matrix[2][1]   0.01027199 
_atom_sites.fract_transf_matrix[2][2]   0.00219201 
_atom_sites.fract_transf_matrix[2][3]   0.01710340 
_atom_sites.fract_transf_matrix[3][1]   -0.00907986 
_atom_sites.fract_transf_matrix[3][2]   0.00231211 
_atom_sites.fract_transf_matrix[3][3]   0.00515687 
_atom_sites.fract_transf_vector[1]      0.379638 
_atom_sites.fract_transf_vector[2]      -0.165411 
_atom_sites.fract_transf_vector[3]      -0.082066 
# 
loop_
_atom_type.symbol 
C 
N 
O 
S 
# 
loop_
_atom_site.group_PDB 
_atom_site.id 
_atom_site.type_symbol 
_atom_site.label_atom_id 
_atom_site.label_alt_id 
_atom_site.label_comp_id 
_atom_site.label_asym_id 
_atom_site.label_entity_id 
_atom_site.label_seq_id 
_atom_site.pdbx_PDB_ins_code 
_atom_site.Cartn_x 
_atom_site.Cartn_y 
_atom_site.Cartn_z 
_atom_site.occupancy 
_atom_site.B_iso_or_equiv 
_atom_site.pdbx_formal_charge 
_atom_site.auth_seq_id 
_atom_site.auth_comp_id 
_atom_site.auth_asym_id 
_atom_site.auth_atom_id 
_atom_site.pdbx_PDB_model_num 
ATOM   1    N N   . SER A 1 1   ? -14.105 -1.345  -6.505  1.00 14.54 ? 1   SER A N   1 
ATOM   2    C CA  . SER A 1 1   ? -13.891 -1.772  -7.928  1.00 14.11 ? 1   SER A CA  1 
ATOM   3    C C   . SER A 1 1   ? -12.417 -1.762  -8.326  1.00 13.90 ? 1   SER A C   1 
ATOM   4    O O   . SER A 1 1   ? -11.625 -1.001  -7.743  1.00 12.29 ? 1   SER A O   1 
ATOM   5    C CB  . SER A 1 1   ? -14.639 -0.858  -8.908  1.00 15.18 ? 1   SER A CB  1 
ATOM   6    O OG  . SER A 1 1   ? -14.025 0.427   -9.045  1.00 14.83 ? 1   SER A OG  1 
ATOM   7    N N   . PRO A 1 2   ? -12.082 -2.501  -9.409  1.00 12.37 ? 2   PRO A N   1 
ATOM   8    C CA  . PRO A 1 2   ? -10.689 -2.417  -9.876  1.00 12.00 ? 2   PRO A CA  1 
ATOM   9    C C   . PRO A 1 2   ? -10.329 -1.020  -10.391 1.00 11.16 ? 2   PRO A C   1 
ATOM   10   O O   . PRO A 1 2   ? -9.162  -0.657  -10.321 1.00 9.73  ? 2   PRO A O   1 
ATOM   11   C CB  . PRO A 1 2   ? -10.591 -3.487  -10.992 1.00 12.42 ? 2   PRO A CB  1 
ATOM   12   C CG  . PRO A 1 2   ? -11.766 -4.503  -10.635 1.00 12.58 ? 2   PRO A CG  1 
ATOM   13   C CD  . PRO A 1 2   ? -12.831 -3.627  -10.027 1.00 12.56 ? 2   PRO A CD  1 
ATOM   14   N N   . GLU A 1 3   ? -11.311 -0.290  -10.949 1.00 11.12 ? 3   GLU A N   1 
ATOM   15   C CA  . GLU A 1 3   ? -11.067 1.077   -11.441 1.00 10.56 ? 3   GLU A CA  1 
ATOM   16   C C   . GLU A 1 3   ? -10.684 1.989   -10.306 1.00 8.42  ? 3   GLU A C   1 
ATOM   17   O O   . GLU A 1 3   ? -9.694  2.729   -10.420 1.00 8.13  ? 3   GLU A O   1 
ATOM   18   C CB  . GLU A 1 3   ? -12.301 1.627   -12.180 1.00 11.94 ? 3   GLU A CB  1 
ATOM   19   C CG  . GLU A 1 3   ? -12.631 0.863   -13.512 1.00 18.27 ? 3   GLU A CG  1 
ATOM   20   C CD  . GLU A 1 3   ? -13.254 -0.569  -13.322 1.00 28.26 ? 3   GLU A CD  1 
ATOM   21   O OE1 . GLU A 1 3   ? -13.126 -1.378  -14.265 1.00 31.13 ? 3   GLU A OE1 1 
ATOM   22   O OE2 . GLU A 1 3   ? -13.845 -0.903  -12.256 1.00 26.02 ? 3   GLU A OE2 1 
ATOM   23   N N   . ILE A 1 4   ? -11.386 1.917   -9.180  1.00 8.31  ? 4   ILE A N   1 
ATOM   24   C CA  . ILE A 1 4   ? -11.022 2.792   -8.069  1.00 9.78  ? 4   ILE A CA  1 
ATOM   25   C C   . ILE A 1 4   ? -9.682  2.335   -7.483  1.00 7.52  ? 4   ILE A C   1 
ATOM   26   O O   . ILE A 1 4   ? -8.822  3.160   -7.090  1.00 5.74  ? 4   ILE A O   1 
ATOM   27   C CB  . ILE A 1 4   ? -12.096 2.836   -6.979  1.00 10.97 ? 4   ILE A CB  1 
ATOM   28   C CG1 . ILE A 1 4   ? -13.317 3.651   -7.482  1.00 15.15 ? 4   ILE A CG1 1 
ATOM   29   C CG2 . ILE A 1 4   ? -11.557 3.494   -5.680  1.00 10.48 ? 4   ILE A CG2 1 
ATOM   30   C CD1 . ILE A 1 4   ? -14.623 3.302   -6.768  1.00 10.57 ? 4   ILE A CD1 1 
ATOM   31   N N   . MET A 1 5   ? -9.538  1.026   -7.321  1.00 6.42  ? 5   MET A N   1 
ATOM   32   C CA  . MET A 1 5   ? -8.263  0.504   -6.770  1.00 5.59  ? 5   MET A CA  1 
ATOM   33   C C   . MET A 1 5   ? -7.057  0.873   -7.681  1.00 7.41  ? 5   MET A C   1 
ATOM   34   O O   . MET A 1 5   ? -5.969  1.186   -7.201  1.00 7.39  ? 5   MET A O   1 
ATOM   35   C CB  . MET A 1 5   ? -8.351  -1.020  -6.571  1.00 5.05  ? 5   MET A CB  1 
ATOM   36   C CG  . MET A 1 5   ? -9.327  -1.438  -5.440  1.00 8.52  ? 5   MET A CG  1 
ATOM   37   S SD  . MET A 1 5   ? -9.082  -0.503  -3.923  1.00 12.24 ? 5   MET A SD  1 
ATOM   38   C CE  . MET A 1 5   ? -7.375  -0.898  -3.508  1.00 13.61 ? 5   MET A CE  1 
ATOM   39   N N   . LYS A 1 6   ? -7.242  0.894   -9.006  1.00 7.39  ? 6   LYS A N   1 
ATOM   40   C CA  . LYS A 1 6   ? -6.144  1.389   -9.862  1.00 7.91  ? 6   LYS A CA  1 
ATOM   41   C C   . LYS A 1 6   ? -5.781  2.834   -9.543  1.00 7.74  ? 6   LYS A C   1 
ATOM   42   O O   . LYS A 1 6   ? -4.599  3.183   -9.449  1.00 6.55  ? 6   LYS A O   1 
ATOM   43   C CB  . LYS A 1 6   ? -6.506  1.272   -11.358 1.00 8.44  ? 6   LYS A CB  1 
ATOM   44   C CG  . LYS A 1 6   ? -5.572  2.032   -12.255 1.00 11.01 ? 6   LYS A CG  1 
ATOM   45   C CD  . LYS A 1 6   ? -5.909  1.763   -13.730 1.00 10.83 ? 6   LYS A CD  1 
ATOM   46   C CE  . LYS A 1 6   ? -4.810  2.373   -14.643 1.00 14.52 ? 6   LYS A CE  1 
ATOM   47   N NZ  . LYS A 1 6   ? -5.148  2.155   -16.092 1.00 21.71 ? 6   LYS A NZ  1 
ATOM   48   N N   . ASP A 1 7   ? -6.797  3.687   -9.384  1.00 6.31  ? 7   ASP A N   1 
ATOM   49   C CA  . ASP A 1 7   ? -6.570  5.113   -9.179  1.00 7.30  ? 7   ASP A CA  1 
ATOM   50   C C   . ASP A 1 7   ? -5.882  5.306   -7.797  1.00 8.08  ? 7   ASP A C   1 
ATOM   51   O O   . ASP A 1 7   ? -4.928  6.085   -7.651  1.00 6.90  ? 7   ASP A O   1 
ATOM   52   C CB  . ASP A 1 7   ? -7.926  5.840   -9.233  1.00 8.10  ? 7   ASP A CB  1 
ATOM   53   C CG  . ASP A 1 7   ? -7.784  7.362   -9.281  1.00 14.22 ? 7   ASP A CG  1 
ATOM   54   O OD1 . ASP A 1 7   ? -6.641  7.857   -9.203  1.00 14.33 ? 7   ASP A OD1 1 
ATOM   55   O OD2 . ASP A 1 7   ? -8.822  8.046   -9.425  1.00 12.73 ? 7   ASP A OD2 1 
ATOM   56   N N   . LEU A 1 8   ? -6.345  4.585   -6.769  1.00 5.73  ? 8   LEU A N   1 
ATOM   57   C CA  . LEU A 1 8   ? -5.678  4.647   -5.468  1.00 8.16  ? 8   LEU A CA  1 
ATOM   58   C C   . LEU A 1 8   ? -4.238  4.187   -5.556  1.00 5.37  ? 8   LEU A C   1 
ATOM   59   O O   . LEU A 1 8   ? -3.366  4.786   -4.958  1.00 8.18  ? 8   LEU A O   1 
ATOM   60   C CB  . LEU A 1 8   ? -6.415  3.753   -4.486  1.00 7.89  ? 8   LEU A CB  1 
ATOM   61   C CG  . LEU A 1 8   ? -7.510  4.371   -3.622  1.00 16.95 ? 8   LEU A CG  1 
ATOM   62   C CD1 . LEU A 1 8   ? -7.941  5.778   -3.819  1.00 13.87 ? 8   LEU A CD1 1 
ATOM   63   C CD2 . LEU A 1 8   ? -8.573  3.398   -3.003  1.00 14.57 ? 8   LEU A CD2 1 
ATOM   64   N N   . SER A 1 9   ? -4.019  3.121   -6.326  1.00 6.41  ? 9   SER A N   1 
ATOM   65   C CA  . SER A 1 9   ? -2.691  2.560   -6.479  1.00 5.71  ? 9   SER A CA  1 
ATOM   66   C C   . SER A 1 9   ? -1.770  3.570   -7.131  1.00 5.82  ? 9   SER A C   1 
ATOM   67   O O   . SER A 1 9   ? -0.628  3.699   -6.714  1.00 4.22  ? 9   SER A O   1 
ATOM   68   C CB  . SER A 1 9   ? -2.743  1.279   -7.342  1.00 5.34  ? 9   SER A CB  1 
ATOM   69   O OG  . SER A 1 9   ? -3.429  0.244   -6.626  1.00 8.55  ? 9   SER A OG  1 
ATOM   70   N N   . ILE A 1 10  ? -2.230  4.198   -8.240  1.00 6.69  ? 10  ILE A N   1 
ATOM   71   C CA  . ILE A 1 10  ? -1.348  5.107   -8.964  1.00 8.50  ? 10  ILE A CA  1 
ATOM   72   C C   . ILE A 1 10  ? -0.971  6.239   -8.036  1.00 7.83  ? 10  ILE A C   1 
ATOM   73   O O   . ILE A 1 10  ? 0.223   6.593   -7.907  1.00 8.37  ? 10  ILE A O   1 
ATOM   74   C CB  . ILE A 1 10  ? -2.003  5.658   -10.256 1.00 8.84  ? 10  ILE A CB  1 
ATOM   75   C CG1 . ILE A 1 10  ? -2.089  4.528   -11.291 1.00 10.28 ? 10  ILE A CG1 1 
ATOM   76   C CG2 . ILE A 1 10  ? -1.253  6.952   -10.714 1.00 11.90 ? 10  ILE A CG2 1 
ATOM   77   C CD1 . ILE A 1 10  ? -2.873  4.868   -12.618 1.00 11.20 ? 10  ILE A CD1 1 
ATOM   78   N N   . ASN A 1 11  ? -1.970  6.768   -7.314  1.00 7.07  ? 11  ASN A N   1 
ATOM   79   C CA  . ASN A 1 11  ? -1.680  7.855   -6.414  1.00 8.68  ? 11  ASN A CA  1 
ATOM   80   C C   . ASN A 1 11  ? -0.839  7.480   -5.199  1.00 9.56  ? 11  ASN A C   1 
ATOM   81   O O   . ASN A 1 11  ? -0.091  8.305   -4.693  1.00 10.51 ? 11  ASN A O   1 
ATOM   82   C CB  . ASN A 1 11  ? -2.953  8.593   -6.012  1.00 8.13  ? 11  ASN A CB  1 
ATOM   83   C CG  . ASN A 1 11  ? -3.435  9.517   -7.137  1.00 12.03 ? 11  ASN A CG  1 
ATOM   84   O OD1 . ASN A 1 11  ? -2.799  10.541  -7.391  1.00 9.24  ? 11  ASN A OD1 1 
ATOM   85   N ND2 . ASN A 1 11  ? -4.448  9.070   -7.912  1.00 9.48  ? 11  ASN A ND2 1 
ATOM   86   N N   . PHE A 1 12  ? -0.964  6.248   -4.735  1.00 7.47  ? 12  PHE A N   1 
ATOM   87   C CA  . PHE A 1 12  ? -0.137  5.781   -3.640  1.00 6.98  ? 12  PHE A CA  1 
ATOM   88   C C   . PHE A 1 12  ? 1.336   5.652   -4.103  1.00 6.32  ? 12  PHE A C   1 
ATOM   89   O O   . PHE A 1 12  ? 2.287   5.951   -3.341  1.00 5.63  ? 12  PHE A O   1 
ATOM   90   C CB  . PHE A 1 12  ? -0.625  4.390   -3.231  1.00 6.37  ? 12  PHE A CB  1 
ATOM   91   C CG  . PHE A 1 12  ? 0.046   3.851   -2.024  1.00 9.46  ? 12  PHE A CG  1 
ATOM   92   C CD1 . PHE A 1 12  ? -0.386  4.243   -0.741  1.00 9.26  ? 12  PHE A CD1 1 
ATOM   93   C CD2 . PHE A 1 12  ? 1.077   2.872   -2.148  1.00 6.95  ? 12  PHE A CD2 1 
ATOM   94   C CE1 . PHE A 1 12  ? 0.244   3.706   0.448   1.00 10.57 ? 12  PHE A CE1 1 
ATOM   95   C CE2 . PHE A 1 12  ? 1.700   2.349   -0.975  1.00 9.60  ? 12  PHE A CE2 1 
ATOM   96   C CZ  . PHE A 1 12  ? 1.251   2.759   0.317   1.00 8.62  ? 12  PHE A CZ  1 
ATOM   97   N N   . GLY A 1 13  ? 1.527   5.207   -5.343  1.00 7.13  ? 13  GLY A N   1 
ATOM   98   C CA  . GLY A 1 13  ? 2.863   4.990   -5.859  1.00 6.20  ? 13  GLY A CA  1 
ATOM   99   C C   . GLY A 1 13  ? 3.558   6.225   -6.397  1.00 6.89  ? 13  GLY A C   1 
ATOM   100  O O   . GLY A 1 13  ? 4.755   6.166   -6.686  1.00 6.56  ? 13  GLY A O   1 
ATOM   101  N N   . LYS A 1 14  ? 2.875   7.375   -6.470  1.00 7.85  ? 14  LYS A N   1 
ATOM   102  C CA  . LYS A 1 14  ? 3.465   8.529   -7.207  1.00 7.73  ? 14  LYS A CA  1 
ATOM   103  C C   . LYS A 1 14  ? 4.711   9.040   -6.497  1.00 9.62  ? 14  LYS A C   1 
ATOM   104  O O   . LYS A 1 14  ? 5.592   9.592   -7.128  1.00 9.27  ? 14  LYS A O   1 
ATOM   105  C CB  . LYS A 1 14  ? 2.433   9.660   -7.380  1.00 11.90 ? 14  LYS A CB  1 
ATOM   106  C CG  . LYS A 1 14  ? 1.515   9.501   -8.585  0.01 9.01  ? 14  LYS A CG  1 
ATOM   107  C CD  . LYS A 1 14  ? 2.202   9.932   -9.873  0.01 9.38  ? 14  LYS A CD  1 
ATOM   108  C CE  . LYS A 1 14  ? 1.286   9.768   -11.072 0.01 9.14  ? 14  LYS A CE  1 
ATOM   109  N NZ  . LYS A 1 14  ? 0.023   10.535  -10.909 0.01 8.83  ? 14  LYS A NZ  1 
ATOM   110  N N   . ALA A 1 15  ? 4.826   8.782   -5.191  1.00 8.38  ? 15  ALA A N   1 
ATOM   111  C CA  . ALA A 1 15  ? 5.998   9.241   -4.427  1.00 7.60  ? 15  ALA A CA  1 
ATOM   112  C C   . ALA A 1 15  ? 7.139   8.217   -4.366  1.00 7.58  ? 15  ALA A C   1 
ATOM   113  O O   . ALA A 1 15  ? 8.040   8.393   -3.574  1.00 7.08  ? 15  ALA A O   1 
ATOM   114  C CB  . ALA A 1 15  ? 5.582   9.652   -2.992  1.00 9.04  ? 15  ALA A CB  1 
ATOM   115  N N   . LEU A 1 16  ? 7.069   7.144   -5.165  1.00 5.75  ? 16  LEU A N   1 
ATOM   116  C CA  . LEU A 1 16  ? 8.036   6.047   -5.063  1.00 7.00  ? 16  LEU A CA  1 
ATOM   117  C C   . LEU A 1 16  ? 9.476   6.534   -5.295  1.00 8.91  ? 16  LEU A C   1 
ATOM   118  O O   . LEU A 1 16  ? 10.411  6.148   -4.538  1.00 8.08  ? 16  LEU A O   1 
ATOM   119  C CB  . LEU A 1 16  ? 7.677   4.877   -6.010  1.00 5.79  ? 16  LEU A CB  1 
ATOM   120  C CG  . LEU A 1 16  ? 8.653   3.654   -6.010  1.00 5.64  ? 16  LEU A CG  1 
ATOM   121  C CD1 . LEU A 1 16  ? 8.830   3.024   -4.599  1.00 9.90  ? 16  LEU A CD1 1 
ATOM   122  C CD2 . LEU A 1 16  ? 8.160   2.590   -7.015  1.00 8.36  ? 16  LEU A CD2 1 
ATOM   123  N N   . ASP A 1 17  ? 9.675   7.363   -6.323  1.00 9.27  ? 17  ASP A N   1 
ATOM   124  C CA  . ASP A 1 17  ? 11.053  7.818   -6.616  1.00 11.47 ? 17  ASP A CA  1 
ATOM   125  C C   . ASP A 1 17  ? 11.568  8.737   -5.480  1.00 9.83  ? 17  ASP A C   1 
ATOM   126  O O   . ASP A 1 17  ? 12.704  8.600   -5.022  1.00 11.06 ? 17  ASP A O   1 
ATOM   127  C CB  . ASP A 1 17  ? 11.189  8.486   -7.991  1.00 10.61 ? 17  ASP A CB  1 
ATOM   128  C CG  . ASP A 1 17  ? 12.645  8.755   -8.327  1.00 19.19 ? 17  ASP A CG  1 
ATOM   129  O OD1 . ASP A 1 17  ? 13.462  7.779   -8.315  1.00 16.54 ? 17  ASP A OD1 1 
ATOM   130  O OD2 . ASP A 1 17  ? 12.992  9.946   -8.437  1.00 21.47 ? 17  ASP A OD2 1 
ATOM   131  N N   . THR A 1 18  ? 10.695  9.582   -4.952  1.00 9.27  ? 18  THR A N   1 
ATOM   132  C CA  . THR A 1 18  ? 11.018  10.464  -3.835  1.00 10.82 ? 18  THR A CA  1 
ATOM   133  C C   . THR A 1 18  ? 11.406  9.638   -2.597  1.00 10.71 ? 18  THR A C   1 
ATOM   134  O O   . THR A 1 18  ? 12.432  9.928   -1.932  1.00 9.32  ? 18  THR A O   1 
ATOM   135  C CB  . THR A 1 18  ? 9.813   11.346  -3.495  1.00 12.86 ? 18  THR A CB  1 
ATOM   136  O OG1 . THR A 1 18  ? 9.541   12.152  -4.649  1.00 16.35 ? 18  THR A OG1 1 
ATOM   137  C CG2 . THR A 1 18  ? 10.074  12.264  -2.276  1.00 15.82 ? 18  THR A CG2 1 
ATOM   138  N N   . CYS A 1 19  ? 10.601  8.608   -2.311  1.00 8.67  ? 19  CYS A N   1 
ATOM   139  C CA  . CYS A 1 19  ? 10.898  7.702   -1.167  1.00 6.63  ? 19  CYS A CA  1 
ATOM   140  C C   . CYS A 1 19  ? 12.193  6.919   -1.350  1.00 6.69  ? 19  CYS A C   1 
ATOM   141  O O   . CYS A 1 19  ? 12.993  6.801   -0.394  1.00 5.82  ? 19  CYS A O   1 
ATOM   142  C CB  . CYS A 1 19  ? 9.732   6.741   -0.877  1.00 7.17  ? 19  CYS A CB  1 
ATOM   143  S SG  . CYS A 1 19  ? 8.351   7.557   -0.057  1.00 12.76 ? 19  CYS A SG  1 
ATOM   144  N N   . LYS A 1 20  ? 12.438  6.395   -2.551  1.00 6.20  ? 20  LYS A N   1 
ATOM   145  C CA  . LYS A 1 20  ? 13.727  5.727   -2.819  1.00 7.00  ? 20  LYS A CA  1 
ATOM   146  C C   . LYS A 1 20  ? 14.880  6.644   -2.600  1.00 7.76  ? 20  LYS A C   1 
ATOM   147  O O   . LYS A 1 20  ? 15.891  6.231   -2.031  1.00 7.53  ? 20  LYS A O   1 
ATOM   148  C CB  . LYS A 1 20  ? 13.809  5.215   -4.245  1.00 5.38  ? 20  LYS A CB  1 
ATOM   149  C CG  . LYS A 1 20  ? 12.981  3.962   -4.418  1.00 8.76  ? 20  LYS A CG  1 
ATOM   150  C CD  . LYS A 1 20  ? 12.975  3.517   -5.884  1.00 12.22 ? 20  LYS A CD  1 
ATOM   151  C CE  . LYS A 1 20  ? 14.235  2.701   -6.184  1.00 12.34 ? 20  LYS A CE  1 
ATOM   152  N NZ  . LYS A 1 20  ? 14.466  2.647   -7.633  1.00 10.52 ? 20  LYS A NZ  1 
ATOM   153  N N   . LYS A 1 21  ? 14.726  7.896   -3.009  1.00 7.11  ? 21  LYS A N   1 
ATOM   154  C CA  . LYS A 1 21  ? 15.803  8.868   -2.759  1.00 7.68  ? 21  LYS A CA  1 
ATOM   155  C C   . LYS A 1 21  ? 16.050  9.174   -1.263  1.00 10.97 ? 21  LYS A C   1 
ATOM   156  O O   . LYS A 1 21  ? 17.231  9.183   -0.777  1.00 10.87 ? 21  LYS A O   1 
ATOM   157  C CB  . LYS A 1 21  ? 15.589  10.140  -3.604  1.00 8.94  ? 21  LYS A CB  1 
ATOM   158  C CG  . LYS A 1 21  ? 15.887  9.948   -5.085  0.01 8.01  ? 21  LYS A CG  1 
ATOM   159  C CD  . LYS A 1 21  ? 16.315  11.249  -5.742  0.01 8.28  ? 21  LYS A CD  1 
ATOM   160  C CE  . LYS A 1 21  ? 16.611  11.048  -7.219  0.01 8.27  ? 21  LYS A CE  1 
ATOM   161  N NZ  . LYS A 1 21  ? 17.108  12.295  -7.861  0.01 8.39  ? 21  LYS A NZ  1 
ATOM   162  N N   . GLU A 1 22  ? 14.979  9.453   -0.543  1.00 8.56  ? 22  GLU A N   1 
ATOM   163  C CA  . GLU A 1 22  ? 15.013  9.702   0.909   1.00 10.94 ? 22  GLU A CA  1 
ATOM   164  C C   . GLU A 1 22  ? 15.624  8.586   1.746   1.00 10.99 ? 22  GLU A C   1 
ATOM   165  O O   . GLU A 1 22  ? 16.414  8.849   2.704   1.00 11.58 ? 22  GLU A O   1 
ATOM   166  C CB  . GLU A 1 22  ? 13.579  9.983   1.383   1.00 10.55 ? 22  GLU A CB  1 
ATOM   167  C CG  . GLU A 1 22  ? 13.107  11.398  0.949   1.00 12.28 ? 22  GLU A CG  1 
ATOM   168  C CD  . GLU A 1 22  ? 11.710  11.724  1.453   1.00 19.38 ? 22  GLU A CD  1 
ATOM   169  O OE1 . GLU A 1 22  ? 11.219  12.847  1.174   1.00 20.98 ? 22  GLU A OE1 1 
ATOM   170  O OE2 . GLU A 1 22  ? 11.142  10.892  2.187   1.00 23.39 ? 22  GLU A OE2 1 
ATOM   171  N N   . LEU A 1 23  ? 15.328  7.350   1.353   1.00 8.69  ? 23  LEU A N   1 
ATOM   172  C CA  . LEU A 1 23  ? 15.782  6.162   2.060   1.00 10.58 ? 23  LEU A CA  1 
ATOM   173  C C   . LEU A 1 23  ? 16.982  5.481   1.408   1.00 8.28  ? 23  LEU A C   1 
ATOM   174  O O   . LEU A 1 23  ? 17.445  4.437   1.872   1.00 8.27  ? 23  LEU A O   1 
ATOM   175  C CB  . LEU A 1 23  ? 14.628  5.164   2.146   1.00 10.30 ? 23  LEU A CB  1 
ATOM   176  C CG  . LEU A 1 23  ? 13.436  5.602   2.978   1.00 15.68 ? 23  LEU A CG  1 
ATOM   177  C CD1 . LEU A 1 23  ? 12.261  4.624   2.724   1.00 15.80 ? 23  LEU A CD1 1 
ATOM   178  C CD2 . LEU A 1 23  ? 13.845  5.591   4.429   1.00 20.38 ? 23  LEU A CD2 1 
ATOM   179  N N   . ASP A 1 24  ? 17.493  6.108   0.347   1.00 7.77  ? 24  ASP A N   1 
ATOM   180  C CA  A ASP A 1 24  ? 18.548  5.541   -0.492  0.50 10.27 ? 24  ASP A CA  1 
ATOM   181  C CA  B ASP A 1 24  ? 18.562  5.525   -0.457  0.50 9.97  ? 24  ASP A CA  1 
ATOM   182  C C   . ASP A 1 24  ? 18.348  4.044   -0.776  1.00 9.53  ? 24  ASP A C   1 
ATOM   183  O O   . ASP A 1 24  ? 19.232  3.225   -0.567  1.00 11.25 ? 24  ASP A O   1 
ATOM   184  C CB  A ASP A 1 24  ? 19.935  5.832   0.107   0.50 11.26 ? 24  ASP A CB  1 
ATOM   185  C CB  B ASP A 1 24  ? 19.912  5.723   0.239   0.50 10.53 ? 24  ASP A CB  1 
ATOM   186  C CG  A ASP A 1 24  ? 21.059  5.690   -0.911  0.50 14.16 ? 24  ASP A CG  1 
ATOM   187  C CG  B ASP A 1 24  ? 20.411  7.142   0.131   0.50 12.56 ? 24  ASP A CG  1 
ATOM   188  O OD1 A ASP A 1 24  ? 20.786  5.708   -2.125  0.50 15.38 ? 24  ASP A OD1 1 
ATOM   189  O OD1 B ASP A 1 24  ? 20.760  7.571   -0.991  0.50 16.39 ? 24  ASP A OD1 1 
ATOM   190  O OD2 A ASP A 1 24  ? 22.221  5.514   -0.489  0.50 21.41 ? 24  ASP A OD2 1 
ATOM   191  O OD2 B ASP A 1 24  ? 20.432  7.828   1.174   0.50 12.02 ? 24  ASP A OD2 1 
ATOM   192  N N   . LEU A 1 25  ? 17.185  3.701   -1.315  1.00 9.40  ? 25  LEU A N   1 
ATOM   193  C CA  . LEU A 1 25  ? 16.804  2.281   -1.530  1.00 9.54  ? 25  LEU A CA  1 
ATOM   194  C C   . LEU A 1 25  ? 17.384  1.819   -2.847  1.00 10.53 ? 25  LEU A C   1 
ATOM   195  O O   . LEU A 1 25  ? 17.495  2.629   -3.791  1.00 10.26 ? 25  LEU A O   1 
ATOM   196  C CB  . LEU A 1 25  ? 15.263  2.172   -1.558  1.00 8.39  ? 25  LEU A CB  1 
ATOM   197  C CG  . LEU A 1 25  ? 14.613  2.439   -0.186  1.00 9.48  ? 25  LEU A CG  1 
ATOM   198  C CD1 . LEU A 1 25  ? 13.105  2.565   -0.329  1.00 10.92 ? 25  LEU A CD1 1 
ATOM   199  C CD2 . LEU A 1 25  ? 14.982  1.306   0.834   1.00 11.83 ? 25  LEU A CD2 1 
ATOM   200  N N   . PRO A 1 26  ? 17.716  0.520   -2.955  1.00 11.19 ? 26  PRO A N   1 
ATOM   201  C CA  . PRO A 1 26  ? 18.298  0.010   -4.199  1.00 11.61 ? 26  PRO A CA  1 
ATOM   202  C C   . PRO A 1 26  ? 17.224  -0.316  -5.259  1.00 12.02 ? 26  PRO A C   1 
ATOM   203  O O   . PRO A 1 26  ? 16.042  -0.493  -4.894  1.00 10.31 ? 26  PRO A O   1 
ATOM   204  C CB  . PRO A 1 26  ? 19.014  -1.268  -3.743  1.00 11.15 ? 26  PRO A CB  1 
ATOM   205  C CG  . PRO A 1 26  ? 18.100  -1.808  -2.666  1.00 13.33 ? 26  PRO A CG  1 
ATOM   206  C CD  . PRO A 1 26  ? 17.568  -0.547  -1.935  1.00 11.11 ? 26  PRO A CD  1 
ATOM   207  N N   . ASP A 1 27  ? 17.600  -0.288  -6.547  1.00 10.00 ? 27  ASP A N   1 
ATOM   208  C CA  . ASP A 1 27  ? 16.651  -0.599  -7.625  1.00 10.15 ? 27  ASP A CA  1 
ATOM   209  C C   . ASP A 1 27  ? 16.153  -2.039  -7.584  1.00 8.90  ? 27  ASP A C   1 
ATOM   210  O O   . ASP A 1 27  ? 15.198  -2.404  -8.246  1.00 7.86  ? 27  ASP A O   1 
ATOM   211  C CB  . ASP A 1 27  ? 17.284  -0.330  -8.994  1.00 10.79 ? 27  ASP A CB  1 
ATOM   212  C CG  . ASP A 1 27  ? 17.668  1.117   -9.182  1.00 16.83 ? 27  ASP A CG  1 
ATOM   213  O OD1 . ASP A 1 27  ? 16.966  2.021   -8.617  1.00 15.67 ? 27  ASP A OD1 1 
ATOM   214  O OD2 . ASP A 1 27  ? 18.744  1.337   -9.777  1.00 21.17 ? 27  ASP A OD2 1 
ATOM   215  N N   . SER A 1 28  ? 16.783  -2.881  -6.799  1.00 9.04  ? 28  SER A N   1 
ATOM   216  C CA  . SER A 1 28  ? 16.254  -4.222  -6.596  1.00 10.92 ? 28  SER A CA  1 
ATOM   217  C C   . SER A 1 28  ? 14.839  -4.297  -5.981  1.00 10.23 ? 28  SER A C   1 
ATOM   218  O O   . SER A 1 28  ? 14.208  -5.376  -6.008  1.00 12.28 ? 28  SER A O   1 
ATOM   219  C CB  . SER A 1 28  ? 17.230  -5.047  -5.766  1.00 11.69 ? 28  SER A CB  1 
ATOM   220  O OG  . SER A 1 28  ? 17.428  -4.423  -4.501  1.00 15.91 ? 28  SER A OG  1 
ATOM   221  N N   . ILE A 1 29  ? 14.343  -3.206  -5.391  1.00 8.76  ? 29  ILE A N   1 
ATOM   222  C CA  . ILE A 1 29  ? 12.949  -3.228  -4.896  1.00 7.90  ? 29  ILE A CA  1 
ATOM   223  C C   . ILE A 1 29  ? 11.944  -2.968  -6.045  1.00 6.70  ? 29  ILE A C   1 
ATOM   224  O O   . ILE A 1 29  ? 10.763  -3.249  -5.884  1.00 6.04  ? 29  ILE A O   1 
ATOM   225  C CB  . ILE A 1 29  ? 12.707  -2.226  -3.732  1.00 9.40  ? 29  ILE A CB  1 
ATOM   226  C CG1 . ILE A 1 29  ? 12.705  -0.788  -4.289  1.00 10.11 ? 29  ILE A CG1 1 
ATOM   227  C CG2 . ILE A 1 29  ? 13.805  -2.436  -2.639  1.00 10.65 ? 29  ILE A CG2 1 
ATOM   228  C CD1 . ILE A 1 29  ? 12.083  0.271   -3.340  1.00 11.46 ? 29  ILE A CD1 1 
ATOM   229  N N   . ASN A 1 30  ? 12.403  -2.427  -7.178  1.00 7.05  ? 30  ASN A N   1 
ATOM   230  C CA  . ASN A 1 30  ? 11.470  -2.028  -8.266  1.00 7.42  ? 30  ASN A CA  1 
ATOM   231  C C   . ASN A 1 30  ? 10.550  -3.164  -8.709  1.00 7.44  ? 30  ASN A C   1 
ATOM   232  O O   . ASN A 1 30  ? 9.338   -2.967  -8.836  1.00 6.95  ? 30  ASN A O   1 
ATOM   233  C CB  . ASN A 1 30  ? 12.210  -1.481  -9.508  1.00 7.17  ? 30  ASN A CB  1 
ATOM   234  C CG  . ASN A 1 30  ? 12.879  -0.138  -9.256  1.00 7.94  ? 30  ASN A CG  1 
ATOM   235  O OD1 . ASN A 1 30  ? 12.754  0.446   -8.172  1.00 10.54 ? 30  ASN A OD1 1 
ATOM   236  N ND2 . ASN A 1 30  ? 13.610  0.358   -10.275 1.00 10.69 ? 30  ASN A ND2 1 
ATOM   237  N N   . GLU A 1 31  ? 11.116  -4.357  -8.922  1.00 7.18  ? 31  GLU A N   1 
ATOM   238  C CA  . GLU A 1 31  ? 10.311  -5.464  -9.423  1.00 8.49  ? 31  GLU A CA  1 
ATOM   239  C C   . GLU A 1 31  ? 9.138   -5.812  -8.506  1.00 8.01  ? 31  GLU A C   1 
ATOM   240  O O   . GLU A 1 31  ? 8.058   -6.246  -8.970  1.00 5.78  ? 31  GLU A O   1 
ATOM   241  C CB  . GLU A 1 31  ? 11.173  -6.716  -9.682  1.00 9.31  ? 31  GLU A CB  1 
ATOM   242  C CG  . GLU A 1 31  ? 11.726  -7.419  -8.502  1.00 12.60 ? 31  GLU A CG  1 
ATOM   243  C CD  . GLU A 1 31  ? 12.413  -8.724  -8.963  1.00 22.76 ? 31  GLU A CD  1 
ATOM   244  O OE1 . GLU A 1 31  ? 13.584  -8.895  -8.662  1.00 28.47 ? 31  GLU A OE1 1 
ATOM   245  O OE2 . GLU A 1 31  ? 11.805  -9.487  -9.738  1.00 25.01 ? 31  GLU A OE2 1 
ATOM   246  N N   . ASP A 1 32  ? 9.338   -5.588  -7.203  1.00 7.04  ? 32  ASP A N   1 
ATOM   247  C CA  . ASP A 1 32  ? 8.256   -5.846  -6.228  1.00 8.11  ? 32  ASP A CA  1 
ATOM   248  C C   . ASP A 1 32  ? 7.107   -4.861  -6.461  1.00 7.13  ? 32  ASP A C   1 
ATOM   249  O O   . ASP A 1 32  ? 5.947   -5.236  -6.313  1.00 6.58  ? 32  ASP A O   1 
ATOM   250  C CB  . ASP A 1 32  ? 8.725   -5.711  -4.772  1.00 7.73  ? 32  ASP A CB  1 
ATOM   251  C CG  . ASP A 1 32  ? 9.733   -6.799  -4.354  1.00 11.87 ? 32  ASP A CG  1 
ATOM   252  O OD1 . ASP A 1 32  ? 9.644   -7.911  -4.910  1.00 10.03 ? 32  ASP A OD1 1 
ATOM   253  O OD2 . ASP A 1 32  ? 10.553  -6.537  -3.417  1.00 8.54  ? 32  ASP A OD2 1 
ATOM   254  N N   . PHE A 1 33  ? 7.434   -3.603  -6.785  1.00 6.29  ? 33  PHE A N   1 
ATOM   255  C CA  . PHE A 1 33  ? 6.388   -2.623  -7.123  1.00 7.09  ? 33  PHE A CA  1 
ATOM   256  C C   . PHE A 1 33  ? 5.713   -2.903  -8.477  1.00 7.85  ? 33  PHE A C   1 
ATOM   257  O O   . PHE A 1 33  ? 4.526   -2.813  -8.584  1.00 8.98  ? 33  PHE A O   1 
ATOM   258  C CB  . PHE A 1 33  ? 6.882   -1.163  -7.028  1.00 5.52  ? 33  PHE A CB  1 
ATOM   259  C CG  . PHE A 1 33  ? 7.004   -0.694  -5.611  1.00 6.37  ? 33  PHE A CG  1 
ATOM   260  C CD1 . PHE A 1 33  ? 5.869   -0.259  -4.929  1.00 9.28  ? 33  PHE A CD1 1 
ATOM   261  C CD2 . PHE A 1 33  ? 8.207   -0.826  -4.921  1.00 8.21  ? 33  PHE A CD2 1 
ATOM   262  C CE1 . PHE A 1 33  ? 5.935   0.153   -3.561  1.00 6.89  ? 33  PHE A CE1 1 
ATOM   263  C CE2 . PHE A 1 33  ? 8.287   -0.453  -3.558  1.00 6.67  ? 33  PHE A CE2 1 
ATOM   264  C CZ  . PHE A 1 33  ? 7.140   0.033   -2.907  1.00 7.99  ? 33  PHE A CZ  1 
ATOM   265  N N   . TYR A 1 34  ? 6.477   -3.337  -9.473  1.00 7.13  ? 34  TYR A N   1 
ATOM   266  C CA  . TYR A 1 34  ? 5.881   -3.696  -10.753 1.00 7.33  ? 34  TYR A CA  1 
ATOM   267  C C   . TYR A 1 34  ? 4.975   -4.924  -10.646 1.00 7.25  ? 34  TYR A C   1 
ATOM   268  O O   . TYR A 1 34  ? 4.023   -5.050  -11.420 1.00 8.08  ? 34  TYR A O   1 
ATOM   269  C CB  . TYR A 1 34  ? 7.006   -4.013  -11.758 1.00 6.26  ? 34  TYR A CB  1 
ATOM   270  C CG  . TYR A 1 34  ? 7.677   -2.781  -12.372 1.00 5.28  ? 34  TYR A CG  1 
ATOM   271  C CD1 . TYR A 1 34  ? 6.990   -1.932  -13.237 1.00 6.22  ? 34  TYR A CD1 1 
ATOM   272  C CD2 . TYR A 1 34  ? 9.047   -2.501  -12.098 1.00 4.41  ? 34  TYR A CD2 1 
ATOM   273  C CE1 . TYR A 1 34  ? 7.642   -0.879  -13.859 1.00 7.15  ? 34  TYR A CE1 1 
ATOM   274  C CE2 . TYR A 1 34  ? 9.659   -1.375  -12.615 1.00 2.82  ? 34  TYR A CE2 1 
ATOM   275  C CZ  . TYR A 1 34  ? 8.960   -0.580  -13.499 1.00 4.24  ? 34  TYR A CZ  1 
ATOM   276  O OH  . TYR A 1 34  ? 9.608   0.462   -14.091 1.00 7.10  ? 34  TYR A OH  1 
ATOM   277  N N   . LYS A 1 35  ? 5.229   -5.798  -9.677  1.00 6.62  ? 35  LYS A N   1 
ATOM   278  C CA  . LYS A 1 35  ? 4.382   -6.956  -9.486  1.00 5.59  ? 35  LYS A CA  1 
ATOM   279  C C   . LYS A 1 35  ? 3.412   -6.822  -8.310  1.00 6.71  ? 35  LYS A C   1 
ATOM   280  O O   . LYS A 1 35  ? 2.864   -7.829  -7.850  1.00 8.93  ? 35  LYS A O   1 
ATOM   281  C CB  . LYS A 1 35  ? 5.272   -8.179  -9.233  1.00 7.69  ? 35  LYS A CB  1 
ATOM   282  C CG  . LYS A 1 35  ? 6.016   -8.655  -10.490 1.00 7.65  ? 35  LYS A CG  1 
ATOM   283  C CD  . LYS A 1 35  ? 6.643   -10.029 -10.245 1.00 12.09 ? 35  LYS A CD  1 
ATOM   284  C CE  . LYS A 1 35  ? 8.030   -9.854  -9.738  1.00 21.58 ? 35  LYS A CE  1 
ATOM   285  N NZ  . LYS A 1 35  ? 8.993   -10.152 -10.849 1.00 32.61 ? 35  LYS A NZ  1 
ATOM   286  N N   . PHE A 1 36  ? 3.270   -5.603  -7.772  1.00 5.71  ? 36  PHE A N   1 
ATOM   287  C CA  . PHE A 1 36  ? 2.562   -5.464  -6.479  1.00 6.96  ? 36  PHE A CA  1 
ATOM   288  C C   . PHE A 1 36  ? 1.204   -6.172  -6.476  1.00 6.48  ? 36  PHE A C   1 
ATOM   289  O O   . PHE A 1 36  ? 0.842   -6.889  -5.502  1.00 9.11  ? 36  PHE A O   1 
ATOM   290  C CB  . PHE A 1 36  ? 2.389   -4.018  -6.050  1.00 6.18  ? 36  PHE A CB  1 
ATOM   291  C CG  . PHE A 1 36  ? 1.734   -3.890  -4.679  1.00 7.93  ? 36  PHE A CG  1 
ATOM   292  C CD1 . PHE A 1 36  ? 2.485   -3.963  -3.508  1.00 11.65 ? 36  PHE A CD1 1 
ATOM   293  C CD2 . PHE A 1 36  ? 0.349   -3.853  -4.584  1.00 7.12  ? 36  PHE A CD2 1 
ATOM   294  C CE1 . PHE A 1 36  ? 1.861   -3.935  -2.209  1.00 9.41  ? 36  PHE A CE1 1 
ATOM   295  C CE2 . PHE A 1 36  ? -0.294  -3.787  -3.320  1.00 10.21 ? 36  PHE A CE2 1 
ATOM   296  C CZ  . PHE A 1 36  ? 0.450   -3.849  -2.134  1.00 13.76 ? 36  PHE A CZ  1 
ATOM   297  N N   . TRP A 1 37  ? 0.446   -5.984  -7.544  1.00 6.42  ? 37  TRP A N   1 
ATOM   298  C CA  . TRP A 1 37  ? -0.904  -6.579  -7.625  1.00 5.55  ? 37  TRP A CA  1 
ATOM   299  C C   . TRP A 1 37  ? -0.971  -7.968  -8.324  1.00 7.86  ? 37  TRP A C   1 
ATOM   300  O O   . TRP A 1 37  ? -2.069  -8.491  -8.564  1.00 9.15  ? 37  TRP A O   1 
ATOM   301  C CB  . TRP A 1 37  ? -1.854  -5.609  -8.307  1.00 6.71  ? 37  TRP A CB  1 
ATOM   302  C CG  . TRP A 1 37  ? -2.286  -4.482  -7.401  1.00 6.15  ? 37  TRP A CG  1 
ATOM   303  C CD1 . TRP A 1 37  ? -1.983  -3.162  -7.543  1.00 7.63  ? 37  TRP A CD1 1 
ATOM   304  C CD2 . TRP A 1 37  ? -3.085  -4.592  -6.194  1.00 6.35  ? 37  TRP A CD2 1 
ATOM   305  N NE1 . TRP A 1 37  ? -2.531  -2.423  -6.494  1.00 9.82  ? 37  TRP A NE1 1 
ATOM   306  C CE2 . TRP A 1 37  ? -3.212  -3.269  -5.661  1.00 6.15  ? 37  TRP A CE2 1 
ATOM   307  C CE3 . TRP A 1 37  ? -3.671  -5.673  -5.501  1.00 8.64  ? 37  TRP A CE3 1 
ATOM   308  C CZ2 . TRP A 1 37  ? -3.921  -3.000  -4.486  1.00 7.00  ? 37  TRP A CZ2 1 
ATOM   309  C CZ3 . TRP A 1 37  ? -4.357  -5.422  -4.346  1.00 6.65  ? 37  TRP A CZ3 1 
ATOM   310  C CH2 . TRP A 1 37  ? -4.476  -4.079  -3.836  1.00 7.09  ? 37  TRP A CH2 1 
ATOM   311  N N   . LYS A 1 38  ? 0.179   -8.565  -8.655  1.00 8.33  ? 38  LYS A N   1 
ATOM   312  C CA  . LYS A 1 38  ? 0.202   -9.909  -9.280  1.00 8.99  ? 38  LYS A CA  1 
ATOM   313  C C   . LYS A 1 38  ? -0.348  -10.919 -8.270  1.00 9.99  ? 38  LYS A C   1 
ATOM   314  O O   . LYS A 1 38  ? 0.155   -11.012 -7.161  1.00 9.85  ? 38  LYS A O   1 
ATOM   315  C CB  . LYS A 1 38  ? 1.654   -10.295 -9.613  1.00 9.45  ? 38  LYS A CB  1 
ATOM   316  C CG  . LYS A 1 38  ? 1.792   -11.595 -10.499 1.00 9.74  ? 38  LYS A CG  1 
ATOM   317  C CD  . LYS A 1 38  ? 3.233   -11.862 -10.897 0.01 7.24  ? 38  LYS A CD  1 
ATOM   318  C CE  . LYS A 1 38  ? 3.324   -13.057 -11.834 0.01 6.24  ? 38  LYS A CE  1 
ATOM   319  N NZ  . LYS A 1 38  ? 4.727   -13.356 -12.227 0.01 4.75  ? 38  LYS A NZ  1 
ATOM   320  N N   . GLU A 1 39  ? -1.420  -11.620 -8.622  1.00 11.92 ? 39  GLU A N   1 
ATOM   321  C CA  . GLU A 1 39  ? -2.046  -12.610 -7.715  1.00 12.44 ? 39  GLU A CA  1 
ATOM   322  C C   . GLU A 1 39  ? -1.023  -13.639 -7.262  1.00 13.04 ? 39  GLU A C   1 
ATOM   323  O O   . GLU A 1 39  ? -0.241  -14.140 -8.102  1.00 12.90 ? 39  GLU A O   1 
ATOM   324  C CB  . GLU A 1 39  ? -3.168  -13.352 -8.448  1.00 14.41 ? 39  GLU A CB  1 
ATOM   325  C CG  . GLU A 1 39  ? -3.892  -14.316 -7.537  1.00 18.00 ? 39  GLU A CG  1 
ATOM   326  C CD  . GLU A 1 39  ? -5.283  -14.647 -7.975  1.00 25.48 ? 39  GLU A CD  1 
ATOM   327  O OE1 . GLU A 1 39  ? -5.571  -14.598 -9.184  1.00 26.38 ? 39  GLU A OE1 1 
ATOM   328  O OE2 . GLU A 1 39  ? -6.077  -14.958 -7.077  1.00 33.22 ? 39  GLU A OE2 1 
ATOM   329  N N   . ASP A 1 40  ? -0.932  -13.834 -5.948  1.00 13.26 ? 40  ASP A N   1 
ATOM   330  C CA  . ASP A 1 40  ? -0.093  -14.870 -5.330  1.00 16.05 ? 40  ASP A CA  1 
ATOM   331  C C   . ASP A 1 40  ? 1.404   -14.522 -5.303  1.00 16.84 ? 40  ASP A C   1 
ATOM   332  O O   . ASP A 1 40  ? 2.250   -15.343 -4.899  1.00 18.13 ? 40  ASP A O   1 
ATOM   333  C CB  . ASP A 1 40  ? -0.306  -16.241 -6.009  1.00 17.62 ? 40  ASP A CB  1 
ATOM   334  C CG  . ASP A 1 40  ? -1.734  -16.795 -5.794  1.00 21.53 ? 40  ASP A CG  1 
ATOM   335  O OD1 . ASP A 1 40  ? -2.204  -16.797 -4.647  1.00 22.40 ? 40  ASP A OD1 1 
ATOM   336  O OD2 . ASP A 1 40  ? -2.367  -17.237 -6.774  1.00 28.27 ? 40  ASP A OD2 1 
ATOM   337  N N   . TYR A 1 41  ? 1.746   -13.329 -5.796  1.00 14.76 ? 41  TYR A N   1 
ATOM   338  C CA  . TYR A 1 41  ? 3.115   -12.887 -5.708  1.00 13.50 ? 41  TYR A CA  1 
ATOM   339  C C   . TYR A 1 41  ? 3.326   -12.311 -4.298  1.00 13.32 ? 41  TYR A C   1 
ATOM   340  O O   . TYR A 1 41  ? 2.591   -11.441 -3.881  1.00 14.54 ? 41  TYR A O   1 
ATOM   341  C CB  . TYR A 1 41  ? 3.422   -11.839 -6.801  1.00 13.04 ? 41  TYR A CB  1 
ATOM   342  C CG  . TYR A 1 41  ? 4.822   -11.314 -6.724  1.00 7.88  ? 41  TYR A CG  1 
ATOM   343  C CD1 . TYR A 1 41  ? 5.876   -12.020 -7.300  1.00 16.80 ? 41  TYR A CD1 1 
ATOM   344  C CD2 . TYR A 1 41  ? 5.107   -10.141 -6.026  1.00 6.12  ? 41  TYR A CD2 1 
ATOM   345  C CE1 . TYR A 1 41  ? 7.181   -11.561 -7.186  1.00 16.35 ? 41  TYR A CE1 1 
ATOM   346  C CE2 . TYR A 1 41  ? 6.454   -9.662  -5.892  1.00 6.32  ? 41  TYR A CE2 1 
ATOM   347  C CZ  . TYR A 1 41  ? 7.459   -10.372 -6.495  1.00 16.89 ? 41  TYR A CZ  1 
ATOM   348  O OH  . TYR A 1 41  ? 8.754   -9.957  -6.408  1.00 17.58 ? 41  TYR A OH  1 
ATOM   349  N N   . GLU A 1 42  ? 4.294   -12.863 -3.574  1.00 11.78 ? 42  GLU A N   1 
ATOM   350  C CA  . GLU A 1 42  ? 4.582   -12.423 -2.212  1.00 12.27 ? 42  GLU A CA  1 
ATOM   351  C C   . GLU A 1 42  ? 5.834   -11.553 -2.224  1.00 11.56 ? 42  GLU A C   1 
ATOM   352  O O   . GLU A 1 42  ? 6.921   -12.017 -2.608  1.00 9.95  ? 42  GLU A O   1 
ATOM   353  C CB  . GLU A 1 42  ? 4.766   -13.621 -1.240  1.00 13.75 ? 42  GLU A CB  1 
ATOM   354  C CG  . GLU A 1 42  ? 5.032   -13.123 0.212   1.00 19.93 ? 42  GLU A CG  1 
ATOM   355  C CD  . GLU A 1 42  ? 5.408   -14.222 1.242   1.00 30.99 ? 42  GLU A CD  1 
ATOM   356  O OE1 . GLU A 1 42  ? 5.450   -15.428 0.892   1.00 31.44 ? 42  GLU A OE1 1 
ATOM   357  O OE2 . GLU A 1 42  ? 5.679   -13.856 2.419   1.00 30.08 ? 42  GLU A OE2 1 
ATOM   358  N N   . ILE A 1 43  ? 5.708   -10.355 -1.712  1.00 8.71  ? 43  ILE A N   1 
ATOM   359  C CA  . ILE A 1 43  ? 6.847   -9.521  -1.528  1.00 9.39  ? 43  ILE A CA  1 
ATOM   360  C C   . ILE A 1 43  ? 7.459   -9.886  -0.184  1.00 7.92  ? 43  ILE A C   1 
ATOM   361  O O   . ILE A 1 43  ? 6.799   -9.885  0.784   1.00 9.99  ? 43  ILE A O   1 
ATOM   362  C CB  . ILE A 1 43  ? 6.512   -8.014  -1.538  1.00 7.71  ? 43  ILE A CB  1 
ATOM   363  C CG1 . ILE A 1 43  ? 5.986   -7.633  -2.896  1.00 9.30  ? 43  ILE A CG1 1 
ATOM   364  C CG2 . ILE A 1 43  ? 7.711   -7.211  -1.146  1.00 8.76  ? 43  ILE A CG2 1 
ATOM   365  C CD1 . ILE A 1 43  ? 5.217   -6.352  -2.944  1.00 13.85 ? 43  ILE A CD1 1 
ATOM   366  N N   . THR A 1 44  ? 8.744   -10.155 -0.186  1.00 8.73  ? 44  THR A N   1 
ATOM   367  C CA  . THR A 1 44  ? 9.491   -10.566 1.004   1.00 11.59 ? 44  THR A CA  1 
ATOM   368  C C   . THR A 1 44  ? 10.579  -9.581  1.474   1.00 11.64 ? 44  THR A C   1 
ATOM   369  O O   . THR A 1 44  ? 11.018  -9.670  2.564   1.00 12.08 ? 44  THR A O   1 
ATOM   370  C CB  . THR A 1 44  ? 10.205  -11.932 0.804   1.00 13.47 ? 44  THR A CB  1 
ATOM   371  O OG1 . THR A 1 44  ? 10.893  -11.921 -0.410  1.00 7.40  ? 44  THR A OG1 1 
ATOM   372  C CG2 . THR A 1 44  ? 9.272   -13.062 0.828   1.00 21.07 ? 44  THR A CG2 1 
ATOM   373  N N   . ASN A 1 45  ? 11.000  -8.680  0.621   1.00 10.63 ? 45  ASN A N   1 
ATOM   374  C CA  . ASN A 1 45  ? 12.120  -7.839  0.921   1.00 10.18 ? 45  ASN A CA  1 
ATOM   375  C C   . ASN A 1 45  ? 11.749  -6.695  1.872   1.00 10.40 ? 45  ASN A C   1 
ATOM   376  O O   . ASN A 1 45  ? 10.916  -5.846  1.540   1.00 8.05  ? 45  ASN A O   1 
ATOM   377  C CB  . ASN A 1 45  ? 12.686  -7.343  -0.376  1.00 9.84  ? 45  ASN A CB  1 
ATOM   378  C CG  . ASN A 1 45  ? 13.925  -6.515  -0.231  1.00 10.10 ? 45  ASN A CG  1 
ATOM   379  O OD1 . ASN A 1 45  ? 14.463  -6.110  -1.226  1.00 17.48 ? 45  ASN A OD1 1 
ATOM   380  N ND2 . ASN A 1 45  ? 14.331  -6.230  0.958   1.00 7.78  ? 45  ASN A ND2 1 
ATOM   381  N N   . ARG A 1 46  ? 12.333  -6.731  3.068   1.00 7.51  ? 46  ARG A N   1 
ATOM   382  C CA  . ARG A 1 46  ? 11.981  -5.722  4.060   1.00 9.62  ? 46  ARG A CA  1 
ATOM   383  C C   . ARG A 1 46  ? 12.139  -4.262  3.566   1.00 7.51  ? 46  ARG A C   1 
ATOM   384  O O   . ARG A 1 46  ? 11.406  -3.424  3.902   1.00 6.11  ? 46  ARG A O   1 
ATOM   385  C CB  . ARG A 1 46  ? 12.683  -5.964  5.401   1.00 11.61 ? 46  ARG A CB  1 
ATOM   386  C CG  . ARG A 1 46  ? 14.111  -5.613  5.560   1.00 19.99 ? 46  ARG A CG  1 
ATOM   387  C CD  . ARG A 1 46  ? 14.616  -5.787  7.008   1.00 12.13 ? 46  ARG A CD  1 
ATOM   388  N NE  . ARG A 1 46  ? 14.215  -4.706  7.847   1.00 9.80  ? 46  ARG A NE  1 
ATOM   389  C CZ  . ARG A 1 46  ? 14.610  -3.446  7.713   1.00 11.28 ? 46  ARG A CZ  1 
ATOM   390  N NH1 . ARG A 1 46  ? 15.505  -3.093  6.809   1.00 5.72  ? 46  ARG A NH1 1 
ATOM   391  N NH2 . ARG A 1 46  ? 14.107  -2.549  8.540   1.00 9.49  ? 46  ARG A NH2 1 
ATOM   392  N N   . LEU A 1 47  ? 13.166  -4.065  2.770   1.00 7.37  ? 47  LEU A N   1 
ATOM   393  C CA  . LEU A 1 47  ? 13.376  -2.748  2.152   1.00 7.66  ? 47  LEU A CA  1 
ATOM   394  C C   . LEU A 1 47  ? 12.168  -2.276  1.328   1.00 8.58  ? 47  LEU A C   1 
ATOM   395  O O   . LEU A 1 47  ? 11.857  -1.132  1.359   1.00 7.33  ? 47  LEU A O   1 
ATOM   396  C CB  . LEU A 1 47  ? 14.612  -2.713  1.316   1.00 7.68  ? 47  LEU A CB  1 
ATOM   397  C CG  . LEU A 1 47  ? 15.891  -3.071  2.097   1.00 9.22  ? 47  LEU A CG  1 
ATOM   398  C CD1 . LEU A 1 47  ? 17.014  -3.031  1.111   1.00 9.68  ? 47  LEU A CD1 1 
ATOM   399  C CD2 . LEU A 1 47  ? 16.122  -2.036  3.161   1.00 10.07 ? 47  LEU A CD2 1 
ATOM   400  N N   . THR A 1 48  ? 11.530  -3.206  0.610   1.00 6.93  ? 48  THR A N   1 
ATOM   401  C CA  . THR A 1 48  ? 10.264  -2.868  -0.071  1.00 6.14  ? 48  THR A CA  1 
ATOM   402  C C   . THR A 1 48  ? 9.218   -2.411  0.983   1.00 6.84  ? 48  THR A C   1 
ATOM   403  O O   . THR A 1 48  ? 8.439   -1.469  0.747   1.00 6.80  ? 48  THR A O   1 
ATOM   404  C CB  . THR A 1 48  ? 9.752   -4.077  -0.952  1.00 5.86  ? 48  THR A CB  1 
ATOM   405  O OG1 . THR A 1 48  ? 10.790  -4.402  -1.909  1.00 8.50  ? 48  THR A OG1 1 
ATOM   406  C CG2 . THR A 1 48  ? 8.445   -3.631  -1.724  1.00 5.63  ? 48  THR A CG2 1 
ATOM   407  N N   . GLY A 1 49  ? 9.171   -3.133  2.108   1.00 7.70  ? 49  GLY A N   1 
ATOM   408  C CA  . GLY A 1 49  ? 8.412   -2.713  3.288   1.00 8.46  ? 49  GLY A CA  1 
ATOM   409  C C   . GLY A 1 49  ? 8.746   -1.280  3.682   1.00 7.65  ? 49  GLY A C   1 
ATOM   410  O O   . GLY A 1 49  ? 7.836   -0.481  3.941   1.00 5.98  ? 49  GLY A O   1 
ATOM   411  N N   . CYS A 1 50  ? 10.030  -0.947  3.757   1.00 7.30  ? 50  CYS A N   1 
ATOM   412  C CA  . CYS A 1 50  ? 10.376  0.440   4.174   1.00 7.80  ? 50  CYS A CA  1 
ATOM   413  C C   . CYS A 1 50  ? 9.849   1.407   3.133   1.00 7.22  ? 50  CYS A C   1 
ATOM   414  O O   . CYS A 1 50  ? 9.406   2.489   3.487   1.00 5.36  ? 50  CYS A O   1 
ATOM   415  C CB  . CYS A 1 50  ? 11.873  0.663   4.387   1.00 8.70  ? 50  CYS A CB  1 
ATOM   416  S SG  . CYS A 1 50  ? 12.618  -0.375  5.676   1.00 12.75 ? 50  CYS A SG  1 
ATOM   417  N N   . ALA A 1 51  ? 9.949   1.041   1.852   1.00 7.64  ? 51  ALA A N   1 
ATOM   418  C CA  . ALA A 1 51  ? 9.348   1.929   0.823   1.00 5.97  ? 51  ALA A CA  1 
ATOM   419  C C   . ALA A 1 51  ? 7.829   2.107   0.978   1.00 5.53  ? 51  ALA A C   1 
ATOM   420  O O   . ALA A 1 51  ? 7.319   3.257   0.919   1.00 5.99  ? 51  ALA A O   1 
ATOM   421  C CB  . ALA A 1 51  ? 9.662   1.451   -0.616  1.00 5.16  ? 51  ALA A CB  1 
ATOM   422  N N   . ILE A 1 52  ? 7.092   0.997   1.145   1.00 4.69  ? 52  ILE A N   1 
ATOM   423  C CA  . ILE A 1 52  ? 5.644   1.088   1.353   1.00 5.39  ? 52  ILE A CA  1 
ATOM   424  C C   . ILE A 1 52  ? 5.305   1.924   2.577   1.00 5.28  ? 52  ILE A C   1 
ATOM   425  O O   . ILE A 1 52  ? 4.378   2.730   2.551   1.00 5.18  ? 52  ILE A O   1 
ATOM   426  C CB  . ILE A 1 52  ? 4.987   -0.316  1.439   1.00 5.64  ? 52  ILE A CB  1 
ATOM   427  C CG1 . ILE A 1 52  ? 5.183   -1.046  0.081   1.00 7.98  ? 52  ILE A CG1 1 
ATOM   428  C CG2 . ILE A 1 52  ? 3.472   -0.175  1.819   1.00 5.65  ? 52  ILE A CG2 1 
ATOM   429  C CD1 . ILE A 1 52  ? 4.954   -2.532  0.140   1.00 9.30  ? 52  ILE A CD1 1 
ATOM   430  N N   . LYS A 1 53  ? 6.055   1.737   3.654   1.00 5.35  ? 53  LYS A N   1 
ATOM   431  C CA  . LYS A 1 53  ? 5.870   2.556   4.848   1.00 6.83  ? 53  LYS A CA  1 
ATOM   432  C C   . LYS A 1 53  ? 6.041   4.057   4.520   1.00 6.28  ? 53  LYS A C   1 
ATOM   433  O O   . LYS A 1 53  ? 5.203   4.875   4.923   1.00 5.37  ? 53  LYS A O   1 
ATOM   434  C CB  . LYS A 1 53  ? 6.853   2.116   5.969   1.00 5.90  ? 53  LYS A CB  1 
ATOM   435  C CG  . LYS A 1 53  ? 6.497   2.745   7.367   1.00 8.23  ? 53  LYS A CG  1 
ATOM   436  C CD  . LYS A 1 53  ? 7.447   2.201   8.492   1.00 6.56  ? 53  LYS A CD  1 
ATOM   437  C CE  . LYS A 1 53  ? 8.837   2.795   8.442   1.00 11.76 ? 53  LYS A CE  1 
ATOM   438  N NZ  . LYS A 1 53  ? 8.771   4.166   9.087   1.00 10.57 ? 53  LYS A NZ  1 
ATOM   439  N N   . CYS A 1 54  ? 7.085   4.399   3.768   1.00 6.21  ? 54  CYS A N   1 
ATOM   440  C CA  . CYS A 1 54  ? 7.340   5.777   3.395   1.00 7.37  ? 54  CYS A CA  1 
ATOM   441  C C   . CYS A 1 54  ? 6.150   6.322   2.573   1.00 6.66  ? 54  CYS A C   1 
ATOM   442  O O   . CYS A 1 54  ? 5.686   7.432   2.823   1.00 6.48  ? 54  CYS A O   1 
ATOM   443  C CB  . CYS A 1 54  ? 8.676   5.883   2.627   1.00 9.74  ? 54  CYS A CB  1 
ATOM   444  S SG  . CYS A 1 54  ? 9.072   7.561   1.975   1.00 13.96 ? 54  CYS A SG  1 
ATOM   445  N N   . LEU A 1 55  ? 5.682   5.537   1.603   1.00 5.39  ? 55  LEU A N   1 
ATOM   446  C CA  . LEU A 1 55  ? 4.521   5.926   0.784   1.00 6.76  ? 55  LEU A CA  1 
ATOM   447  C C   . LEU A 1 55  ? 3.289   6.218   1.626   1.00 7.16  ? 55  LEU A C   1 
ATOM   448  O O   . LEU A 1 55  ? 2.554   7.195   1.342   1.00 6.53  ? 55  LEU A O   1 
ATOM   449  C CB  . LEU A 1 55  ? 4.233   4.910   -0.341  1.00 4.47  ? 55  LEU A CB  1 
ATOM   450  C CG  . LEU A 1 55  ? 5.370   4.781   -1.380  1.00 5.28  ? 55  LEU A CG  1 
ATOM   451  C CD1 . LEU A 1 55  ? 5.010   3.597   -2.303  1.00 8.74  ? 55  LEU A CD1 1 
ATOM   452  C CD2 . LEU A 1 55  ? 5.521   6.054   -2.218  1.00 3.04  ? 55  LEU A CD2 1 
ATOM   453  N N   . SER A 1 56  ? 3.054   5.394   2.642   1.00 7.20  ? 56  SER A N   1 
ATOM   454  C CA  . SER A 1 56  ? 1.887   5.582   3.503   1.00 7.46  ? 56  SER A CA  1 
ATOM   455  C C   . SER A 1 56  ? 2.069   6.889   4.296   1.00 6.72  ? 56  SER A C   1 
ATOM   456  O O   . SER A 1 56  ? 1.091   7.653   4.478   1.00 6.95  ? 56  SER A O   1 
ATOM   457  C CB  . SER A 1 56  ? 1.740   4.423   4.508   1.00 8.59  ? 56  SER A CB  1 
ATOM   458  O OG  . SER A 1 56  ? 1.654   3.180   3.827   1.00 13.47 ? 56  SER A OG  1 
ATOM   459  N N   . GLU A 1 57  ? 3.279   7.097   4.824   1.00 6.50  ? 57  GLU A N   1 
ATOM   460  C CA  . GLU A 1 57  ? 3.553   8.355   5.571   1.00 6.78  ? 57  GLU A CA  1 
ATOM   461  C C   . GLU A 1 57  ? 3.389   9.631   4.714   1.00 6.81  ? 57  GLU A C   1 
ATOM   462  O O   . GLU A 1 57  ? 2.901   10.654  5.188   1.00 8.38  ? 57  GLU A O   1 
ATOM   463  C CB  . GLU A 1 57  ? 4.965   8.319   6.171   1.00 7.91  ? 57  GLU A CB  1 
ATOM   464  C CG  . GLU A 1 57  ? 5.099   7.264   7.267   1.00 9.98  ? 57  GLU A CG  1 
ATOM   465  C CD  . GLU A 1 57  ? 6.568   6.963   7.665   1.00 12.64 ? 57  GLU A CD  1 
ATOM   466  O OE1 . GLU A 1 57  ? 7.510   7.704   7.242   1.00 15.21 ? 57  GLU A OE1 1 
ATOM   467  O OE2 . GLU A 1 57  ? 6.779   5.962   8.398   1.00 13.82 ? 57  GLU A OE2 1 
ATOM   468  N N   . LYS A 1 58  ? 3.760   9.554   3.443   1.00 7.58  ? 58  LYS A N   1 
ATOM   469  C CA  . LYS A 1 58  ? 3.636   10.701  2.512   1.00 8.84  ? 58  LYS A CA  1 
ATOM   470  C C   . LYS A 1 58  ? 2.178   11.078  2.349   1.00 9.49  ? 58  LYS A C   1 
ATOM   471  O O   . LYS A 1 58  ? 1.855   12.246  2.144   1.00 9.19  ? 58  LYS A O   1 
ATOM   472  C CB  . LYS A 1 58  ? 4.207   10.370  1.131   1.00 8.78  ? 58  LYS A CB  1 
ATOM   473  C CG  . LYS A 1 58  ? 5.743   10.205  1.078   1.00 8.26  ? 58  LYS A CG  1 
ATOM   474  C CD  . LYS A 1 58  ? 6.424   11.535  1.267   1.00 17.04 ? 58  LYS A CD  1 
ATOM   475  C CE  . LYS A 1 58  ? 7.926   11.447  0.983   1.00 17.16 ? 58  LYS A CE  1 
ATOM   476  N NZ  . LYS A 1 58  ? 8.510   12.821  1.222   1.00 24.86 ? 58  LYS A NZ  1 
ATOM   477  N N   . LEU A 1 59  ? 1.294   10.101  2.500   1.00 8.49  ? 59  LEU A N   1 
ATOM   478  C CA  . LEU A 1 59  ? -0.151  10.361  2.437   1.00 9.97  ? 59  LEU A CA  1 
ATOM   479  C C   . LEU A 1 59  ? -0.766  10.541  3.855   1.00 10.05 ? 59  LEU A C   1 
ATOM   480  O O   . LEU A 1 59  ? -2.019  10.498  4.031   1.00 10.66 ? 59  LEU A O   1 
ATOM   481  C CB  . LEU A 1 59  ? -0.847  9.248   1.634   1.00 9.87  ? 59  LEU A CB  1 
ATOM   482  C CG  . LEU A 1 59  ? -0.596  9.292   0.124   1.00 11.50 ? 59  LEU A CG  1 
ATOM   483  C CD1 . LEU A 1 59  ? -1.025  7.950   -0.501  1.00 11.22 ? 59  LEU A CD1 1 
ATOM   484  C CD2 . LEU A 1 59  ? -1.351  10.371  -0.569  1.00 11.43 ? 59  LEU A CD2 1 
ATOM   485  N N   . GLU A 1 60  ? 0.115   10.694  4.859   1.00 8.94  ? 60  GLU A N   1 
ATOM   486  C CA  . GLU A 1 60  ? -0.254  10.866  6.286   1.00 10.50 ? 60  GLU A CA  1 
ATOM   487  C C   . GLU A 1 60  ? -1.258  9.751   6.757   1.00 10.18 ? 60  GLU A C   1 
ATOM   488  O O   . GLU A 1 60  ? -2.173  9.969   7.569   1.00 9.85  ? 60  GLU A O   1 
ATOM   489  C CB  . GLU A 1 60  ? -0.841  12.278  6.528   1.00 12.50 ? 60  GLU A CB  1 
ATOM   490  C CG  . GLU A 1 60  ? 0.012   13.440  5.882   1.00 18.42 ? 60  GLU A CG  1 
ATOM   491  C CD  . GLU A 1 60  ? -0.560  14.836  6.246   1.00 31.53 ? 60  GLU A CD  1 
ATOM   492  O OE1 . GLU A 1 60  ? -1.386  15.362  5.473   1.00 34.28 ? 60  GLU A OE1 1 
ATOM   493  O OE2 . GLU A 1 60  ? -0.243  15.354  7.341   1.00 35.12 ? 60  GLU A OE2 1 
ATOM   494  N N   . MET A 1 61  ? -1.062  8.532   6.233   1.00 8.98  ? 61  MET A N   1 
ATOM   495  C CA  . MET A 1 61  ? -1.901  7.393   6.617   1.00 7.99  ? 61  MET A CA  1 
ATOM   496  C C   . MET A 1 61  ? -1.409  6.619   7.826   1.00 9.22  ? 61  MET A C   1 
ATOM   497  O O   . MET A 1 61  ? -2.008  5.612   8.172   1.00 9.65  ? 61  MET A O   1 
ATOM   498  C CB  . MET A 1 61  ? -2.146  6.466   5.408   1.00 7.79  ? 61  MET A CB  1 
ATOM   499  C CG  . MET A 1 61  ? -3.125  7.113   4.446   1.00 12.47 ? 61  MET A CG  1 
ATOM   500  S SD  . MET A 1 61  ? -3.714  5.996   3.125   1.00 21.95 ? 61  MET A SD  1 
ATOM   501  C CE  . MET A 1 61  ? -2.168  5.455   2.635   1.00 6.51  ? 61  MET A CE  1 
ATOM   502  N N   . VAL A 1 62  ? -0.359  7.110   8.510   1.00 8.61  ? 62  VAL A N   1 
ATOM   503  C CA  . VAL A 1 62  ? 0.105   6.484   9.755   1.00 8.86  ? 62  VAL A CA  1 
ATOM   504  C C   . VAL A 1 62  ? -0.165  7.460   10.881  1.00 10.50 ? 62  VAL A C   1 
ATOM   505  O O   . VAL A 1 62  ? 0.300   8.626   10.834  1.00 10.50 ? 62  VAL A O   1 
ATOM   506  C CB  . VAL A 1 62  ? 1.620   6.197   9.688   1.00 8.81  ? 62  VAL A CB  1 
ATOM   507  C CG1 . VAL A 1 62  ? 2.088   5.330   10.914  1.00 9.85  ? 62  VAL A CG1 1 
ATOM   508  C CG2 . VAL A 1 62  ? 1.933   5.425   8.380   1.00 10.76 ? 62  VAL A CG2 1 
ATOM   509  N N   . ASP A 1 63  ? -0.852  6.998   11.921  1.00 10.70 ? 63  ASP A N   1 
ATOM   510  C CA  . ASP A 1 63  ? -1.136  7.865   13.059  1.00 13.46 ? 63  ASP A CA  1 
ATOM   511  C C   . ASP A 1 63  ? 0.048   7.978   14.020  1.00 14.94 ? 63  ASP A C   1 
ATOM   512  O O   . ASP A 1 63  ? 1.059   7.294   13.860  1.00 14.02 ? 63  ASP A O   1 
ATOM   513  C CB  . ASP A 1 63  ? -2.437  7.450   13.785  1.00 13.00 ? 63  ASP A CB  1 
ATOM   514  C CG  . ASP A 1 63  ? -2.295  6.204   14.626  1.00 18.09 ? 63  ASP A CG  1 
ATOM   515  O OD1 . ASP A 1 63  ? -1.172  5.656   14.813  1.00 15.57 ? 63  ASP A OD1 1 
ATOM   516  O OD2 . ASP A 1 63  ? -3.343  5.784   15.172  1.00 13.59 ? 63  ASP A OD2 1 
ATOM   517  N N   . ALA A 1 64  ? -0.111  8.770   15.080  1.00 16.36 ? 64  ALA A N   1 
ATOM   518  C CA  . ALA A 1 64  ? 0.946   8.920   16.070  1.00 18.33 ? 64  ALA A CA  1 
ATOM   519  C C   . ALA A 1 64  ? 1.423   7.604   16.725  1.00 19.05 ? 64  ALA A C   1 
ATOM   520  O O   . ALA A 1 64  ? 2.492   7.581   17.303  1.00 23.77 ? 64  ALA A O   1 
ATOM   521  C CB  . ALA A 1 64  ? 0.540   9.954   17.146  1.00 17.80 ? 64  ALA A CB  1 
ATOM   522  N N   . ASP A 1 65  ? 0.644   6.525   16.670  1.00 19.55 ? 65  ASP A N   1 
ATOM   523  C CA  . ASP A 1 65  ? 1.055   5.270   17.280  1.00 18.68 ? 65  ASP A CA  1 
ATOM   524  C C   . ASP A 1 65  ? 1.532   4.192   16.300  1.00 18.23 ? 65  ASP A C   1 
ATOM   525  O O   . ASP A 1 65  ? 1.719   3.029   16.675  1.00 18.37 ? 65  ASP A O   1 
ATOM   526  C CB  . ASP A 1 65  ? -0.078  4.755   18.147  1.00 19.81 ? 65  ASP A CB  1 
ATOM   527  C CG  . ASP A 1 65  ? -0.561  5.821   19.121  1.00 25.17 ? 65  ASP A CG  1 
ATOM   528  O OD1 . ASP A 1 65  ? 0.235   6.243   19.993  1.00 25.08 ? 65  ASP A OD1 1 
ATOM   529  O OD2 . ASP A 1 65  ? -1.707  6.295   18.973  1.00 23.47 ? 65  ASP A OD2 1 
ATOM   530  N N   . GLY A 1 66  ? 1.743   4.574   15.038  1.00 15.28 ? 66  GLY A N   1 
ATOM   531  C CA  . GLY A 1 66  ? 2.187   3.611   14.081  1.00 14.00 ? 66  GLY A CA  1 
ATOM   532  C C   . GLY A 1 66  ? 1.095   2.769   13.445  1.00 13.89 ? 66  GLY A C   1 
ATOM   533  O O   . GLY A 1 66  ? 1.411   1.785   12.799  1.00 13.41 ? 66  GLY A O   1 
ATOM   534  N N   . LYS A 1 67  ? -0.177  3.143   13.631  1.00 12.02 ? 67  LYS A N   1 
ATOM   535  C CA  . LYS A 1 67  ? -1.303  2.373   13.096  1.00 12.91 ? 67  LYS A CA  1 
ATOM   536  C C   . LYS A 1 67  ? -1.954  3.233   12.013  1.00 10.83 ? 67  LYS A C   1 
ATOM   537  O O   . LYS A 1 67  ? -1.702  4.436   11.915  1.00 11.69 ? 67  LYS A O   1 
ATOM   538  C CB  . LYS A 1 67  ? -2.381  2.107   14.182  1.00 12.97 ? 67  LYS A CB  1 
ATOM   539  C CG  . LYS A 1 67  ? -1.954  1.198   15.350  1.00 20.13 ? 67  LYS A CG  1 
ATOM   540  C CD  . LYS A 1 67  ? -1.511  -0.138  14.809  1.00 27.03 ? 67  LYS A CD  1 
ATOM   541  C CE  . LYS A 1 67  ? -1.396  -1.201  15.907  1.00 36.96 ? 67  LYS A CE  1 
ATOM   542  N NZ  . LYS A 1 67  ? 0.043   -1.595  15.993  1.00 37.55 ? 67  LYS A NZ  1 
ATOM   543  N N   . LEU A 1 68  ? -2.927  2.647   11.326  1.00 8.87  ? 68  LEU A N   1 
ATOM   544  C CA  . LEU A 1 68  ? -3.644  3.390   10.271  1.00 8.24  ? 68  LEU A CA  1 
ATOM   545  C C   . LEU A 1 68  ? -4.329  4.634   10.835  1.00 8.53  ? 68  LEU A C   1 
ATOM   546  O O   . LEU A 1 68  ? -5.020  4.560   11.868  1.00 8.70  ? 68  LEU A O   1 
ATOM   547  C CB  . LEU A 1 68  ? -4.708  2.488   9.617   1.00 6.73  ? 68  LEU A CB  1 
ATOM   548  C CG  . LEU A 1 68  ? -5.399  3.143   8.424   1.00 7.07  ? 68  LEU A CG  1 
ATOM   549  C CD1 . LEU A 1 68  ? -4.428  3.214   7.230   1.00 6.95  ? 68  LEU A CD1 1 
ATOM   550  C CD2 . LEU A 1 68  ? -6.646  2.340   8.040   1.00 12.57 ? 68  LEU A CD2 1 
ATOM   551  N N   . HIS A 1 69  ? -4.121  5.770   10.173  1.00 8.05  ? 69  HIS A N   1 
ATOM   552  C CA  . HIS A 1 69  ? -4.911  6.955   10.468  1.00 8.37  ? 69  HIS A CA  1 
ATOM   553  C C   . HIS A 1 69  ? -6.200  6.858   9.688   1.00 7.43  ? 69  HIS A C   1 
ATOM   554  O O   . HIS A 1 69  ? -6.187  7.009   8.495   1.00 9.10  ? 69  HIS A O   1 
ATOM   555  C CB  . HIS A 1 69  ? -4.128  8.220   10.054  1.00 7.41  ? 69  HIS A CB  1 
ATOM   556  C CG  . HIS A 1 69  ? -4.755  9.489   10.541  1.00 11.66 ? 69  HIS A CG  1 
ATOM   557  N ND1 . HIS A 1 69  ? -5.968  9.950   10.072  1.00 9.00  ? 69  HIS A ND1 1 
ATOM   558  C CD2 . HIS A 1 69  ? -4.333  10.395  11.460  1.00 14.47 ? 69  HIS A CD2 1 
ATOM   559  C CE1 . HIS A 1 69  ? -6.291  11.064  10.716  1.00 11.23 ? 69  HIS A CE1 1 
ATOM   560  N NE2 . HIS A 1 69  ? -5.299  11.375  11.537  1.00 9.97  ? 69  HIS A NE2 1 
ATOM   561  N N   . HIS A 1 70  ? -7.293  6.463   10.322  1.00 8.31  ? 70  HIS A N   1 
ATOM   562  C CA  . HIS A 1 70  ? -8.511  6.183   9.570   1.00 9.30  ? 70  HIS A CA  1 
ATOM   563  C C   . HIS A 1 70  ? -9.055  7.411   8.801   1.00 8.89  ? 70  HIS A C   1 
ATOM   564  O O   . HIS A 1 70  ? -9.528  7.305   7.632   1.00 8.44  ? 70  HIS A O   1 
ATOM   565  C CB  . HIS A 1 70  ? -9.566  5.642   10.529  1.00 9.78  ? 70  HIS A CB  1 
ATOM   566  C CG  . HIS A 1 70  ? -9.268  4.266   11.014  1.00 12.27 ? 70  HIS A CG  1 
ATOM   567  N ND1 . HIS A 1 70  ? -10.254 3.327   11.235  1.00 17.93 ? 70  HIS A ND1 1 
ATOM   568  C CD2 . HIS A 1 70  ? -8.090  3.653   11.306  1.00 14.55 ? 70  HIS A CD2 1 
ATOM   569  C CE1 . HIS A 1 70  ? -9.699  2.197   11.646  1.00 16.63 ? 70  HIS A CE1 1 
ATOM   570  N NE2 . HIS A 1 70  ? -8.388  2.366   11.695  1.00 16.47 ? 70  HIS A NE2 1 
ATOM   571  N N   . GLY A 1 71  ? -9.018  8.571   9.450   1.00 8.18  ? 71  GLY A N   1 
ATOM   572  C CA  . GLY A 1 71  ? -9.593  9.791   8.822   1.00 7.70  ? 71  GLY A CA  1 
ATOM   573  C C   . GLY A 1 71  ? -8.829  10.135  7.538   1.00 7.75  ? 71  GLY A C   1 
ATOM   574  O O   . GLY A 1 71  ? -9.414  10.464  6.490   1.00 6.55  ? 71  GLY A O   1 
ATOM   575  N N   . ASN A 1 72  ? -7.503  10.083  7.604   1.00 6.62  ? 72  ASN A N   1 
ATOM   576  C CA  . ASN A 1 72  ? -6.734  10.456  6.423   1.00 6.88  ? 72  ASN A CA  1 
ATOM   577  C C   . ASN A 1 72  ? -6.817  9.352   5.334   1.00 7.09  ? 72  ASN A C   1 
ATOM   578  O O   . ASN A 1 72  ? -6.667  9.682   4.146   1.00 6.44  ? 72  ASN A O   1 
ATOM   579  C CB  . ASN A 1 72  ? -5.285  10.722  6.782   1.00 8.09  ? 72  ASN A CB  1 
ATOM   580  C CG  . ASN A 1 72  ? -5.105  11.975  7.612   1.00 10.14 ? 72  ASN A CG  1 
ATOM   581  O OD1 . ASN A 1 72  ? -5.976  12.810  7.637   1.00 11.67 ? 72  ASN A OD1 1 
ATOM   582  N ND2 . ASN A 1 72  ? -3.970  12.076  8.332   1.00 7.62  ? 72  ASN A ND2 1 
ATOM   583  N N   . ALA A 1 73  ? -6.911  8.072   5.739   1.00 5.28  ? 73  ALA A N   1 
ATOM   584  C CA  . ALA A 1 73  ? -7.052  6.976   4.780   1.00 6.62  ? 73  ALA A CA  1 
ATOM   585  C C   . ALA A 1 73  ? -8.418  7.152   4.045   1.00 6.58  ? 73  ALA A C   1 
ATOM   586  O O   . ALA A 1 73  ? -8.477  7.041   2.814   1.00 5.68  ? 73  ALA A O   1 
ATOM   587  C CB  . ALA A 1 73  ? -6.936  5.603   5.466   1.00 6.47  ? 73  ALA A CB  1 
ATOM   588  N N   . ARG A 1 74  ? -9.463  7.531   4.791   1.00 6.48  ? 74  ARG A N   1 
ATOM   589  C CA  . ARG A 1 74  ? -10.793 7.793   4.205   1.00 7.09  ? 74  ARG A CA  1 
ATOM   590  C C   . ARG A 1 74  ? -10.735 8.985   3.231   1.00 8.36  ? 74  ARG A C   1 
ATOM   591  O O   . ARG A 1 74  ? -11.250 8.888   2.114   1.00 7.21  ? 74  ARG A O   1 
ATOM   592  C CB  . ARG A 1 74  ? -11.853 8.018   5.305   1.00 6.37  ? 74  ARG A CB  1 
ATOM   593  C CG  . ARG A 1 74  ? -13.182 8.533   4.805   1.00 8.47  ? 74  ARG A CG  1 
ATOM   594  C CD  . ARG A 1 74  ? -14.161 8.828   5.973   1.00 9.61  ? 74  ARG A CD  1 
ATOM   595  N NE  . ARG A 1 74  ? -15.387 9.467   5.477   1.00 9.64  ? 74  ARG A NE  1 
ATOM   596  C CZ  . ARG A 1 74  ? -15.568 10.774  5.334   1.00 15.37 ? 74  ARG A CZ  1 
ATOM   597  N NH1 . ARG A 1 74  ? -14.587 11.625  5.657   1.00 13.28 ? 74  ARG A NH1 1 
ATOM   598  N NH2 . ARG A 1 74  ? -16.718 11.236  4.801   1.00 14.53 ? 74  ARG A NH2 1 
ATOM   599  N N   . GLU A 1 75  ? -10.083 10.080  3.648   1.00 6.99  ? 75  GLU A N   1 
ATOM   600  C CA  . GLU A 1 75  ? -9.908  11.275  2.800   1.00 9.87  ? 75  GLU A CA  1 
ATOM   601  C C   . GLU A 1 75  ? -9.277  10.874  1.437   1.00 9.62  ? 75  GLU A C   1 
ATOM   602  O O   . GLU A 1 75  ? -9.806  11.205  0.359   1.00 8.44  ? 75  GLU A O   1 
ATOM   603  C CB  . GLU A 1 75  ? -9.002  12.296  3.488   1.00 9.67  ? 75  GLU A CB  1 
ATOM   604  C CG  . GLU A 1 75  ? -9.026  13.662  2.818   1.00 15.52 ? 75  GLU A CG  1 
ATOM   605  C CD  . GLU A 1 75  ? -7.841  14.546  3.244   0.01 13.64 ? 75  GLU A CD  1 
ATOM   606  O OE1 . GLU A 1 75  ? -7.667  14.768  4.526   0.01 13.47 ? 75  GLU A OE1 1 
ATOM   607  O OE2 . GLU A 1 75  ? -7.116  15.034  2.303   0.01 13.84 ? 75  GLU A OE2 1 
ATOM   608  N N   . PHE A 1 76  ? -8.150  10.174  1.511   1.00 8.25  ? 76  PHE A N   1 
ATOM   609  C CA  . PHE A 1 76  ? -7.477  9.636   0.309   1.00 8.10  ? 76  PHE A CA  1 
ATOM   610  C C   . PHE A 1 76  ? -8.349  8.773   -0.571  1.00 7.62  ? 76  PHE A C   1 
ATOM   611  O O   . PHE A 1 76  ? -8.415  9.012   -1.789  1.00 6.84  ? 76  PHE A O   1 
ATOM   612  C CB  . PHE A 1 76  ? -6.242  8.822   0.740   1.00 9.24  ? 76  PHE A CB  1 
ATOM   613  C CG  . PHE A 1 76  ? -5.485  8.203   -0.414  1.00 8.72  ? 76  PHE A CG  1 
ATOM   614  C CD1 . PHE A 1 76  ? -4.873  9.030   -1.381  1.00 12.03 ? 76  PHE A CD1 1 
ATOM   615  C CD2 . PHE A 1 76  ? -5.334  6.829   -0.518  1.00 12.60 ? 76  PHE A CD2 1 
ATOM   616  C CE1 . PHE A 1 76  ? -4.124  8.468   -2.440  1.00 10.23 ? 76  PHE A CE1 1 
ATOM   617  C CE2 . PHE A 1 76  ? -4.625  6.269   -1.578  1.00 12.06 ? 76  PHE A CE2 1 
ATOM   618  C CZ  . PHE A 1 76  ? -4.030  7.085   -2.524  1.00 9.54  ? 76  PHE A CZ  1 
ATOM   619  N N   . ALA A 1 77  ? -8.992  7.749   -0.004  1.00 5.04  ? 77  ALA A N   1 
ATOM   620  C CA  . ALA A 1 77  ? -9.919  6.906   -0.779  1.00 4.58  ? 77  ALA A CA  1 
ATOM   621  C C   . ALA A 1 77  ? -11.012 7.723   -1.486  1.00 5.73  ? 77  ALA A C   1 
ATOM   622  O O   . ALA A 1 77  ? -11.285 7.475   -2.646  1.00 6.49  ? 77  ALA A O   1 
ATOM   623  C CB  . ALA A 1 77  ? -10.583 5.804   0.132   1.00 9.43  ? 77  ALA A CB  1 
ATOM   624  N N   . MET A 1 78  ? -11.634 8.669   -0.765  1.00 6.06  ? 78  MET A N   1 
ATOM   625  C CA  . MET A 1 78  ? -12.785 9.423   -1.308  1.00 6.62  ? 78  MET A CA  1 
ATOM   626  C C   . MET A 1 78  ? -12.364 10.409  -2.395  1.00 7.89  ? 78  MET A C   1 
ATOM   627  O O   . MET A 1 78  ? -13.100 10.577  -3.400  1.00 8.87  ? 78  MET A O   1 
ATOM   628  C CB  . MET A 1 78  ? -13.528 10.086  -0.175  1.00 6.40  ? 78  MET A CB  1 
ATOM   629  C CG  . MET A 1 78  ? -14.185 9.001   0.740   1.00 4.26  ? 78  MET A CG  1 
ATOM   630  S SD  . MET A 1 78  ? -15.290 9.764   1.932   1.00 10.49 ? 78  MET A SD  1 
ATOM   631  C CE  . MET A 1 78  ? -16.637 10.270  0.830   1.00 7.24  ? 78  MET A CE  1 
ATOM   632  N N   . LYS A 1 79  ? -11.152 10.974  -2.248  1.00 7.54  ? 79  LYS A N   1 
ATOM   633  C CA  . LYS A 1 79  ? -10.589 11.890  -3.289  1.00 8.52  ? 79  LYS A CA  1 
ATOM   634  C C   . LYS A 1 79  ? -10.591 11.218  -4.663  1.00 8.87  ? 79  LYS A C   1 
ATOM   635  O O   . LYS A 1 79  ? -10.822 11.870  -5.669  1.00 8.84  ? 79  LYS A O   1 
ATOM   636  C CB  . LYS A 1 79  ? -9.118  12.247  -2.972  1.00 9.02  ? 79  LYS A CB  1 
ATOM   637  C CG  . LYS A 1 79  ? -8.963  13.433  -2.076  1.00 14.98 ? 79  LYS A CG  1 
ATOM   638  C CD  . LYS A 1 79  ? -7.487  13.721  -1.785  1.00 17.25 ? 79  LYS A CD  1 
ATOM   639  C CE  . LYS A 1 79  ? -7.363  14.970  -0.882  1.00 26.73 ? 79  LYS A CE  1 
ATOM   640  N NZ  . LYS A 1 79  ? -5.936  15.440  -0.899  1.00 33.92 ? 79  LYS A NZ  1 
ATOM   641  N N   . HIS A 1 80  ? -10.412 9.899   -4.673  1.00 6.74  ? 80  HIS A N   1 
ATOM   642  C CA  . HIS A 1 80  ? -10.216 9.151   -5.927  1.00 5.91  ? 80  HIS A CA  1 
ATOM   643  C C   . HIS A 1 80  ? -11.378 8.203   -6.231  1.00 6.10  ? 80  HIS A C   1 
ATOM   644  O O   . HIS A 1 80  ? -11.240 7.285   -7.047  1.00 9.37  ? 80  HIS A O   1 
ATOM   645  C CB  . HIS A 1 80  ? -8.867  8.442   -5.946  1.00 5.04  ? 80  HIS A CB  1 
ATOM   646  C CG  . HIS A 1 80  ? -7.722  9.365   -5.722  1.00 6.37  ? 80  HIS A CG  1 
ATOM   647  N ND1 . HIS A 1 80  ? -7.342  10.308  -6.655  1.00 6.49  ? 80  HIS A ND1 1 
ATOM   648  C CD2 . HIS A 1 80  ? -6.906  9.536   -4.649  1.00 6.49  ? 80  HIS A CD2 1 
ATOM   649  C CE1 . HIS A 1 80  ? -6.320  11.001  -6.181  1.00 9.35  ? 80  HIS A CE1 1 
ATOM   650  N NE2 . HIS A 1 80  ? -6.052  10.573  -4.956  1.00 9.06  ? 80  HIS A NE2 1 
ATOM   651  N N   . GLY A 1 81  ? -12.540 8.490   -5.641  1.00 5.50  ? 81  GLY A N   1 
ATOM   652  C CA  . GLY A 1 81  ? -13.782 7.886   -6.154  1.00 6.61  ? 81  GLY A CA  1 
ATOM   653  C C   . GLY A 1 81  ? -14.555 7.020   -5.164  1.00 7.82  ? 81  GLY A C   1 
ATOM   654  O O   . GLY A 1 81  ? -15.707 6.612   -5.429  1.00 6.15  ? 81  GLY A O   1 
ATOM   655  N N   . ALA A 1 82  ? -13.924 6.658   -4.061  1.00 8.65  ? 82  ALA A N   1 
ATOM   656  C CA  . ALA A 1 82  ? -14.655 5.854   -3.044  1.00 8.05  ? 82  ALA A CA  1 
ATOM   657  C C   . ALA A 1 82  ? -15.785 6.662   -2.455  1.00 9.40  ? 82  ALA A C   1 
ATOM   658  O O   . ALA A 1 82  ? -15.605 7.840   -2.106  1.00 6.87  ? 82  ALA A O   1 
ATOM   659  C CB  . ALA A 1 82  ? -13.696 5.367   -1.877  1.00 9.72  ? 82  ALA A CB  1 
ATOM   660  N N   . ASP A 1 83  ? -16.970 6.053   -2.343  1.00 6.53  ? 83  ASP A N   1 
ATOM   661  C CA  . ASP A 1 83  ? -18.002 6.672   -1.496  1.00 8.10  ? 83  ASP A CA  1 
ATOM   662  C C   . ASP A 1 83  ? -17.724 6.401   -0.023  1.00 6.66  ? 83  ASP A C   1 
ATOM   663  O O   . ASP A 1 83  ? -16.718 5.735   0.325   1.00 6.51  ? 83  ASP A O   1 
ATOM   664  C CB  . ASP A 1 83  ? -19.424 6.241   -1.896  1.00 8.52  ? 83  ASP A CB  1 
ATOM   665  C CG  . ASP A 1 83  ? -19.670 4.698   -1.814  1.00 11.32 ? 83  ASP A CG  1 
ATOM   666  O OD1 . ASP A 1 83  ? -18.744 3.914   -1.473  1.00 8.83  ? 83  ASP A OD1 1 
ATOM   667  O OD2 . ASP A 1 83  ? -20.819 4.272   -2.164  1.00 12.94 ? 83  ASP A OD2 1 
ATOM   668  N N   . ASP A 1 84  ? -18.589 6.891   0.852   1.00 5.21  ? 84  ASP A N   1 
ATOM   669  C CA  . ASP A 1 84  ? -18.374 6.633   2.300   1.00 7.84  ? 84  ASP A CA  1 
ATOM   670  C C   . ASP A 1 84  ? -18.245 5.160   2.610   1.00 6.22  ? 84  ASP A C   1 
ATOM   671  O O   . ASP A 1 84  ? -17.405 4.765   3.421   1.00 7.47  ? 84  ASP A O   1 
ATOM   672  C CB  . ASP A 1 84  ? -19.475 7.227   3.158   1.00 7.57  ? 84  ASP A CB  1 
ATOM   673  C CG  . ASP A 1 84  ? -19.210 8.693   3.461   1.00 19.42 ? 84  ASP A CG  1 
ATOM   674  O OD1 . ASP A 1 84  ? -19.650 9.541   2.642   1.00 27.34 ? 84  ASP A OD1 1 
ATOM   675  O OD2 . ASP A 1 84  ? -18.522 8.970   4.462   1.00 22.70 ? 84  ASP A OD2 1 
ATOM   676  N N   . ALA A 1 85  ? -19.093 4.371   1.969   1.00 6.28  ? 85  ALA A N   1 
ATOM   677  C CA  . ALA A 1 85  ? -19.159 2.942   2.154   1.00 6.08  ? 85  ALA A CA  1 
ATOM   678  C C   . ALA A 1 85  ? -17.871 2.220   1.749   1.00 8.27  ? 85  ALA A C   1 
ATOM   679  O O   . ALA A 1 85  ? -17.256 1.480   2.570   1.00 5.12  ? 85  ALA A O   1 
ATOM   680  C CB  . ALA A 1 85  ? -20.360 2.388   1.383   1.00 6.22  ? 85  ALA A CB  1 
ATOM   681  N N   . MET A 1 86  ? -17.410 2.473   0.526   1.00 6.18  ? 86  MET A N   1 
ATOM   682  C CA  . MET A 1 86  ? -16.093 1.914   0.106   1.00 6.79  ? 86  MET A CA  1 
ATOM   683  C C   . MET A 1 86  ? -14.929 2.349   0.962   1.00 6.73  ? 86  MET A C   1 
ATOM   684  O O   . MET A 1 86  ? -14.072 1.519   1.305   1.00 7.48  ? 86  MET A O   1 
ATOM   685  C CB  . MET A 1 86  ? -15.774 2.142   -1.366  1.00 8.24  ? 86  MET A CB  1 
ATOM   686  C CG  . MET A 1 86  ? -14.645 1.200   -1.849  1.00 8.00  ? 86  MET A CG  1 
ATOM   687  S SD  . MET A 1 86  ? -14.360 1.659   -3.594  1.00 20.45 ? 86  MET A SD  1 
ATOM   688  C CE  . MET A 1 86  ? -12.968 0.559   -3.877  1.00 19.34 ? 86  MET A CE  1 
ATOM   689  N N   . ALA A 1 87  ? -14.907 3.632   1.346   1.00 5.30  ? 87  ALA A N   1 
ATOM   690  C CA  . ALA A 1 87  ? -13.826 4.149   2.225   1.00 6.72  ? 87  ALA A CA  1 
ATOM   691  C C   . ALA A 1 87  ? -13.807 3.350   3.525   1.00 6.77  ? 87  ALA A C   1 
ATOM   692  O O   . ALA A 1 87  ? -12.718 2.901   3.968   1.00 7.62  ? 87  ALA A O   1 
ATOM   693  C CB  . ALA A 1 87  ? -13.983 5.668   2.492   1.00 5.57  ? 87  ALA A CB  1 
ATOM   694  N N   . LYS A 1 88  ? -14.995 3.098   4.089   1.00 5.85  ? 88  LYS A N   1 
ATOM   695  C CA  . LYS A 1 88  ? -15.076 2.379   5.367   1.00 6.86  ? 88  LYS A CA  1 
ATOM   696  C C   . LYS A 1 88  ? -14.688 0.909   5.143   1.00 5.70  ? 88  LYS A C   1 
ATOM   697  O O   . LYS A 1 88  ? -13.927 0.336   5.933   1.00 7.13  ? 88  LYS A O   1 
ATOM   698  C CB  . LYS A 1 88  ? -16.472 2.513   6.017   1.00 5.06  ? 88  LYS A CB  1 
ATOM   699  C CG  . LYS A 1 88  ? -16.630 1.713   7.324   1.00 6.06  ? 88  LYS A CG  1 
ATOM   700  C CD  . LYS A 1 88  ? -15.625 2.176   8.392   1.00 9.08  ? 88  LYS A CD  1 
ATOM   701  C CE  . LYS A 1 88  ? -16.092 1.719   9.799   1.00 15.77 ? 88  LYS A CE  1 
ATOM   702  N NZ  . LYS A 1 88  ? -14.880 1.315   10.602  1.00 18.73 ? 88  LYS A NZ  1 
ATOM   703  N N   . GLN A 1 89  ? -15.141 0.319   4.048   1.00 5.29  ? 89  GLN A N   1 
ATOM   704  C CA  . GLN A 1 89  ? -14.794 -1.076  3.759   1.00 4.37  ? 89  GLN A CA  1 
ATOM   705  C C   . GLN A 1 89  ? -13.267 -1.261  3.625   1.00 6.00  ? 89  GLN A C   1 
ATOM   706  O O   . GLN A 1 89  ? -12.707 -2.236  4.128   1.00 5.96  ? 89  GLN A O   1 
ATOM   707  C CB  . GLN A 1 89  ? -15.525 -1.515  2.482   1.00 5.66  ? 89  GLN A CB  1 
ATOM   708  C CG  . GLN A 1 89  ? -15.290 -2.993  2.128   1.00 6.36  ? 89  GLN A CG  1 
ATOM   709  C CD  . GLN A 1 89  ? -16.358 -3.544  1.200   1.00 9.01  ? 89  GLN A CD  1 
ATOM   710  O OE1 . GLN A 1 89  ? -17.136 -2.796  0.601   1.00 9.88  ? 89  GLN A OE1 1 
ATOM   711  N NE2 . GLN A 1 89  ? -16.416 -4.858  1.111   1.00 7.18  ? 89  GLN A NE2 1 
ATOM   712  N N   . LEU A 1 90  ? -12.609 -0.343  2.924   1.00 7.01  ? 90  LEU A N   1 
ATOM   713  C CA  . LEU A 1 90  ? -11.142 -0.376  2.783   1.00 7.73  ? 90  LEU A CA  1 
ATOM   714  C C   . LEU A 1 90  ? -10.411 -0.195  4.077   1.00 6.58  ? 90  LEU A C   1 
ATOM   715  O O   . LEU A 1 90  ? -9.464  -0.922  4.368   1.00 6.66  ? 90  LEU A O   1 
ATOM   716  C CB  . LEU A 1 90  ? -10.687 0.716   1.813   1.00 8.13  ? 90  LEU A CB  1 
ATOM   717  C CG  . LEU A 1 90  ? -11.127 0.478   0.372   1.00 5.97  ? 90  LEU A CG  1 
ATOM   718  C CD1 . LEU A 1 90  ? -10.638 1.669   -0.522  1.00 9.04  ? 90  LEU A CD1 1 
ATOM   719  C CD2 . LEU A 1 90  ? -10.637 -0.913  -0.147  1.00 8.61  ? 90  LEU A CD2 1 
ATOM   720  N N   . VAL A 1 91  ? -10.856 0.777   4.858   1.00 5.47  ? 91  VAL A N   1 
ATOM   721  C CA  . VAL A 1 91  ? -10.271 1.009   6.151   1.00 7.94  ? 91  VAL A CA  1 
ATOM   722  C C   . VAL A 1 91  ? -10.451 -0.201  7.091   1.00 7.37  ? 91  VAL A C   1 
ATOM   723  O O   . VAL A 1 91  ? -9.517  -0.616  7.800   1.00 6.35  ? 91  VAL A O   1 
ATOM   724  C CB  . VAL A 1 91  ? -10.837 2.284   6.764   1.00 7.47  ? 91  VAL A CB  1 
ATOM   725  C CG1 . VAL A 1 91  ? -10.579 2.275   8.240   1.00 13.73 ? 91  VAL A CG1 1 
ATOM   726  C CG2 . VAL A 1 91  ? -10.202 3.556   6.013   1.00 8.18  ? 91  VAL A CG2 1 
ATOM   727  N N   . ASP A 1 92  ? -11.643 -0.796  7.078   1.00 6.48  ? 92  ASP A N   1 
ATOM   728  C CA  . ASP A 1 92  ? -11.860 -2.049  7.822   1.00 4.83  ? 92  ASP A CA  1 
ATOM   729  C C   . ASP A 1 92  ? -10.946 -3.191  7.383   1.00 6.23  ? 92  ASP A C   1 
ATOM   730  O O   . ASP A 1 92  ? -10.463 -3.922  8.211   1.00 6.70  ? 92  ASP A O   1 
ATOM   731  C CB  . ASP A 1 92  ? -13.317 -2.477  7.695   1.00 6.92  ? 92  ASP A CB  1 
ATOM   732  C CG  . ASP A 1 92  ? -14.265 -1.638  8.570   1.00 9.81  ? 92  ASP A CG  1 
ATOM   733  O OD1 . ASP A 1 92  ? -13.794 -0.786  9.362   1.00 9.59  ? 92  ASP A OD1 1 
ATOM   734  O OD2 . ASP A 1 92  ? -15.510 -1.829  8.449   1.00 9.98  ? 92  ASP A OD2 1 
ATOM   735  N N   . LEU A 1 93  ? -10.657 -3.325  6.084   1.00 5.29  ? 93  LEU A N   1 
ATOM   736  C CA  . LEU A 1 93  ? -9.696  -4.352  5.642   1.00 6.23  ? 93  LEU A CA  1 
ATOM   737  C C   . LEU A 1 93  ? -8.301  -4.114  6.209   1.00 6.35  ? 93  LEU A C   1 
ATOM   738  O O   . LEU A 1 93  ? -7.633  -5.087  6.679   1.00 6.74  ? 93  LEU A O   1 
ATOM   739  C CB  . LEU A 1 93  ? -9.601  -4.454  4.117   1.00 6.25  ? 93  LEU A CB  1 
ATOM   740  C CG  . LEU A 1 93  ? -10.878 -4.860  3.397   1.00 7.33  ? 93  LEU A CG  1 
ATOM   741  C CD1 . LEU A 1 93  ? -10.630 -4.796  1.848   1.00 12.11 ? 93  LEU A CD1 1 
ATOM   742  C CD2 . LEU A 1 93  ? -11.263 -6.242  3.863   1.00 12.19 ? 93  LEU A CD2 1 
ATOM   743  N N   . ILE A 1 94  ? -7.852  -2.868  6.160   1.00 6.89  ? 94  ILE A N   1 
ATOM   744  C CA  . ILE A 1 94  ? -6.524  -2.567  6.687   1.00 7.46  ? 94  ILE A CA  1 
ATOM   745  C C   . ILE A 1 94  ? -6.476  -2.811  8.174   1.00 7.53  ? 94  ILE A C   1 
ATOM   746  O O   . ILE A 1 94  ? -5.511  -3.396  8.689   1.00 7.33  ? 94  ILE A O   1 
ATOM   747  C CB  . ILE A 1 94  ? -6.055  -1.133  6.317   1.00 8.36  ? 94  ILE A CB  1 
ATOM   748  C CG1 . ILE A 1 94  ? -5.894  -1.038  4.784   1.00 9.50  ? 94  ILE A CG1 1 
ATOM   749  C CG2 . ILE A 1 94  ? -4.694  -0.822  6.968   1.00 7.40  ? 94  ILE A CG2 1 
ATOM   750  C CD1 . ILE A 1 94  ? -5.853  0.370   4.281   1.00 9.10  ? 94  ILE A CD1 1 
ATOM   751  N N   . HIS A 1 95  ? -7.475  -2.285  8.879   1.00 7.56  ? 95  HIS A N   1 
ATOM   752  C CA  . HIS A 1 95  ? -7.506  -2.498  10.338  1.00 8.41  ? 95  HIS A CA  1 
ATOM   753  C C   . HIS A 1 95  ? -7.514  -3.997  10.668  1.00 8.85  ? 95  HIS A C   1 
ATOM   754  O O   . HIS A 1 95  ? -6.777  -4.469  11.547  1.00 8.49  ? 95  HIS A O   1 
ATOM   755  C CB  . HIS A 1 95  ? -8.717  -1.818  10.950  1.00 8.12  ? 95  HIS A CB  1 
ATOM   756  C CG  . HIS A 1 95  ? -8.799  -2.002  12.445  1.00 12.07 ? 95  HIS A CG  1 
ATOM   757  N ND1 . HIS A 1 95  ? -9.524  -3.014  13.040  1.00 16.21 ? 95  HIS A ND1 1 
ATOM   758  C CD2 . HIS A 1 95  ? -8.241  -1.300  13.453  1.00 13.06 ? 95  HIS A CD2 1 
ATOM   759  C CE1 . HIS A 1 95  ? -9.415  -2.922  14.352  1.00 14.54 ? 95  HIS A CE1 1 
ATOM   760  N NE2 . HIS A 1 95  ? -8.681  -1.858  14.625  1.00 16.40 ? 95  HIS A NE2 1 
ATOM   761  N N   . GLY A 1 96  ? -8.324  -4.761  9.938   1.00 8.41  ? 96  GLY A N   1 
ATOM   762  C CA  . GLY A 1 96  ? -8.379  -6.201  10.164  1.00 8.76  ? 96  GLY A CA  1 
ATOM   763  C C   . GLY A 1 96  ? -7.038  -6.873  9.923   1.00 7.51  ? 96  GLY A C   1 
ATOM   764  O O   . GLY A 1 96  ? -6.691  -7.850  10.616  1.00 7.07  ? 96  GLY A O   1 
ATOM   765  N N   . CYS A 1 97  ? -6.302  -6.386  8.920   1.00 6.69  ? 97  CYS A N   1 
ATOM   766  C CA  . CYS A 1 97  ? -4.961  -6.888  8.640   1.00 8.41  ? 97  CYS A CA  1 
ATOM   767  C C   . CYS A 1 97  ? -3.981  -6.561  9.782   1.00 7.96  ? 97  CYS A C   1 
ATOM   768  O O   . CYS A 1 97  ? -3.131  -7.393  10.172  1.00 8.17  ? 97  CYS A O   1 
ATOM   769  C CB  . CYS A 1 97  ? -4.472  -6.349  7.314   1.00 9.79  ? 97  CYS A CB  1 
ATOM   770  S SG  . CYS A 1 97  ? -5.328  -7.197  5.930   1.00 11.37 ? 97  CYS A SG  1 
ATOM   771  N N   . GLU A 1 98  ? -4.115  -5.357  10.333  1.00 7.94  ? 98  GLU A N   1 
ATOM   772  C CA  . GLU A 1 98  ? -3.247  -4.954  11.468  1.00 10.05 ? 98  GLU A CA  1 
ATOM   773  C C   . GLU A 1 98  ? -3.478  -5.946  12.616  1.00 11.27 ? 98  GLU A C   1 
ATOM   774  O O   . GLU A 1 98  ? -2.566  -6.256  13.391  1.00 11.64 ? 98  GLU A O   1 
ATOM   775  C CB  . GLU A 1 98  ? -3.563  -3.536  11.949  1.00 9.61  ? 98  GLU A CB  1 
ATOM   776  C CG  . GLU A 1 98  ? -3.113  -2.475  10.983  1.00 9.31  ? 98  GLU A CG  1 
ATOM   777  C CD  . GLU A 1 98  ? -3.534  -1.061  11.392  1.00 14.84 ? 98  GLU A CD  1 
ATOM   778  O OE1 . GLU A 1 98  ? -4.491  -0.872  12.183  1.00 16.52 ? 98  GLU A OE1 1 
ATOM   779  O OE2 . GLU A 1 98  ? -2.899  -0.125  10.913  1.00 17.52 ? 98  GLU A OE2 1 
ATOM   780  N N   . LYS A 1 99  ? -4.724  -6.360  12.772  1.00 11.26 ? 99  LYS A N   1 
ATOM   781  C CA  . LYS A 1 99  ? -5.100  -7.213  13.895  1.00 13.45 ? 99  LYS A CA  1 
ATOM   782  C C   . LYS A 1 99  ? -4.782  -8.672  13.647  1.00 15.89 ? 99  LYS A C   1 
ATOM   783  O O   . LYS A 1 99  ? -4.602  -9.463  14.598  1.00 16.58 ? 99  LYS A O   1 
ATOM   784  C CB  . LYS A 1 99  ? -6.589  -7.038  14.249  1.00 14.21 ? 99  LYS A CB  1 
ATOM   785  C CG  . LYS A 1 99  ? -6.926  -5.693  14.791  1.00 15.74 ? 99  LYS A CG  1 
ATOM   786  C CD  . LYS A 1 99  ? -6.288  -5.488  16.174  1.00 18.00 ? 99  LYS A CD  1 
ATOM   787  C CE  . LYS A 1 99  ? -6.739  -4.154  16.770  1.00 17.49 ? 99  LYS A CE  1 
ATOM   788  N NZ  . LYS A 1 99  ? -6.359  -4.032  18.213  1.00 16.11 ? 99  LYS A NZ  1 
ATOM   789  N N   . SER A 1 100 ? -4.651  -9.041  12.393  1.00 15.42 ? 100 SER A N   1 
ATOM   790  C CA  . SER A 1 100 ? -4.517  -10.436 12.087  1.00 19.74 ? 100 SER A CA  1 
ATOM   791  C C   . SER A 1 100 ? -3.078  -10.874 11.954  1.00 22.07 ? 100 SER A C   1 
ATOM   792  O O   . SER A 1 100 ? -2.782  -12.018 12.278  1.00 21.03 ? 100 SER A O   1 
ATOM   793  C CB  . SER A 1 100 ? -5.353  -10.813 10.871  1.00 21.34 ? 100 SER A CB  1 
ATOM   794  O OG  . SER A 1 100 ? -4.811  -10.268 9.703   1.00 21.53 ? 100 SER A OG  1 
ATOM   795  N N   . ILE A 1 101 ? -2.202  -9.949  11.503  1.00 25.28 ? 101 ILE A N   1 
ATOM   796  C CA  . ILE A 1 101 ? -0.810  -10.261 11.088  1.00 26.75 ? 101 ILE A CA  1 
ATOM   797  C C   . ILE A 1 101 ? 0.011   -10.864 12.243  1.00 27.92 ? 101 ILE A C   1 
ATOM   798  O O   . ILE A 1 101 ? -0.298  -10.611 13.413  1.00 28.53 ? 101 ILE A O   1 
ATOM   799  C CB  . ILE A 1 101 ? -0.015  -9.000  10.486  1.00 26.38 ? 101 ILE A CB  1 
ATOM   800  C CG1 . ILE A 1 101 ? 0.054   -7.845  11.490  1.00 25.45 ? 101 ILE A CG1 1 
ATOM   801  C CG2 . ILE A 1 101 ? -0.559  -8.569  9.142   1.00 23.32 ? 101 ILE A CG2 1 
ATOM   802  C CD1 . ILE A 1 101 ? 1.217   -6.883  11.247  1.00 22.74 ? 101 ILE A CD1 1 
ATOM   803  N N   . PRO A 1 102 ? 1.057   -11.649 11.911  1.00 30.82 ? 102 PRO A N   1 
ATOM   804  C CA  . PRO A 1 102 ? 2.051   -11.941 12.958  1.00 32.84 ? 102 PRO A CA  1 
ATOM   805  C C   . PRO A 1 102 ? 2.650   -10.605 13.456  1.00 33.62 ? 102 PRO A C   1 
ATOM   806  O O   . PRO A 1 102 ? 3.103   -9.780  12.645  1.00 33.91 ? 102 PRO A O   1 
ATOM   807  C CB  . PRO A 1 102 ? 3.113   -12.799 12.236  1.00 32.87 ? 102 PRO A CB  1 
ATOM   808  C CG  . PRO A 1 102 ? 2.492   -13.206 10.887  1.00 32.89 ? 102 PRO A CG  1 
ATOM   809  C CD  . PRO A 1 102 ? 1.475   -12.140 10.576  1.00 31.10 ? 102 PRO A CD  1 
ATOM   810  N N   . PRO A 1 103 ? 2.567   -10.349 14.771  1.00 34.24 ? 103 PRO A N   1 
ATOM   811  C CA  . PRO A 1 103 ? 3.197   -9.126  15.263  1.00 32.87 ? 103 PRO A CA  1 
ATOM   812  C C   . PRO A 1 103 ? 4.697   -9.011  14.863  1.00 31.07 ? 103 PRO A C   1 
ATOM   813  O O   . PRO A 1 103 ? 5.411   -10.034 14.821  1.00 30.40 ? 103 PRO A O   1 
ATOM   814  C CB  . PRO A 1 103 ? 3.074   -9.271  16.784  1.00 33.66 ? 103 PRO A CB  1 
ATOM   815  C CG  . PRO A 1 103 ? 1.730   -10.030 16.981  1.00 35.43 ? 103 PRO A CG  1 
ATOM   816  C CD  . PRO A 1 103 ? 1.599   -10.932 15.741  1.00 35.07 ? 103 PRO A CD  1 
ATOM   817  N N   . ASN A 1 104 ? 5.164   -7.790  14.553  1.00 28.03 ? 104 ASN A N   1 
ATOM   818  C CA  . ASN A 1 104 ? 6.604   -7.592  14.236  1.00 22.26 ? 104 ASN A CA  1 
ATOM   819  C C   . ASN A 1 104 ? 7.069   -6.238  14.690  1.00 21.42 ? 104 ASN A C   1 
ATOM   820  O O   . ASN A 1 104 ? 6.499   -5.214  14.302  1.00 19.87 ? 104 ASN A O   1 
ATOM   821  C CB  . ASN A 1 104 ? 6.906   -7.783  12.738  1.00 22.61 ? 104 ASN A CB  1 
ATOM   822  C CG  . ASN A 1 104 ? 8.371   -8.107  12.472  1.00 19.28 ? 104 ASN A CG  1 
ATOM   823  O OD1 . ASN A 1 104 ? 9.283   -7.465  13.006  1.00 18.02 ? 104 ASN A OD1 1 
ATOM   824  N ND2 . ASN A 1 104 ? 8.609   -9.159  11.693  1.00 18.44 ? 104 ASN A ND2 1 
ATOM   825  N N   . ASP A 1 105 ? 8.131   -6.197  15.483  1.00 18.86 ? 105 ASP A N   1 
ATOM   826  C CA  . ASP A 1 105 ? 8.580   -4.867  15.875  1.00 19.56 ? 105 ASP A CA  1 
ATOM   827  C C   . ASP A 1 105 ? 9.405   -4.059  14.899  1.00 15.94 ? 105 ASP A C   1 
ATOM   828  O O   . ASP A 1 105 ? 9.476   -2.853  15.056  1.00 16.11 ? 105 ASP A O   1 
ATOM   829  C CB  . ASP A 1 105 ? 9.096   -4.810  17.277  1.00 20.67 ? 105 ASP A CB  1 
ATOM   830  C CG  . ASP A 1 105 ? 8.071   -5.347  18.261  1.00 23.83 ? 105 ASP A CG  1 
ATOM   831  O OD1 . ASP A 1 105 ? 6.806   -4.950  18.273  1.00 20.31 ? 105 ASP A OD1 1 
ATOM   832  O OD2 . ASP A 1 105 ? 8.543   -6.308  18.854  1.00 18.88 ? 105 ASP A OD2 1 
ATOM   833  N N   . ASP A 1 106 ? 9.868   -4.718  13.833  1.00 10.91 ? 106 ASP A N   1 
ATOM   834  C CA  . ASP A 1 106 ? 10.429  -4.034  12.662  1.00 9.54  ? 106 ASP A CA  1 
ATOM   835  C C   . ASP A 1 106 ? 9.270   -3.450  11.875  1.00 7.70  ? 106 ASP A C   1 
ATOM   836  O O   . ASP A 1 106 ? 8.475   -4.199  11.299  1.00 7.39  ? 106 ASP A O   1 
ATOM   837  C CB  . ASP A 1 106 ? 11.210  -5.074  11.822  1.00 9.25  ? 106 ASP A CB  1 
ATOM   838  C CG  . ASP A 1 106 ? 11.834  -4.494  10.555  1.00 10.91 ? 106 ASP A CG  1 
ATOM   839  O OD1 . ASP A 1 106 ? 11.498  -3.371  10.149  1.00 8.86  ? 106 ASP A OD1 1 
ATOM   840  O OD2 . ASP A 1 106 ? 12.668  -5.214  9.960   1.00 15.85 ? 106 ASP A OD2 1 
ATOM   841  N N   . ARG A 1 107 ? 9.157   -2.120  11.826  1.00 7.22  ? 107 ARG A N   1 
ATOM   842  C CA  . ARG A 1 107 ? 7.989   -1.514  11.168  1.00 7.51  ? 107 ARG A CA  1 
ATOM   843  C C   . ARG A 1 107 ? 7.976   -1.744  9.650   1.00 8.40  ? 107 ARG A C   1 
ATOM   844  O O   . ARG A 1 107 ? 6.921   -1.723  9.025   1.00 8.03  ? 107 ARG A O   1 
ATOM   845  C CB  . ARG A 1 107 ? 7.950   0.006   11.422  1.00 9.17  ? 107 ARG A CB  1 
ATOM   846  C CG  . ARG A 1 107 ? 7.402   0.448   12.800  1.00 11.44 ? 107 ARG A CG  1 
ATOM   847  C CD  . ARG A 1 107 ? 6.457   1.687   12.503  1.00 25.94 ? 107 ARG A CD  1 
ATOM   848  N NE  . ARG A 1 107 ? 5.249   1.042   12.175  1.00 13.40 ? 107 ARG A NE  1 
ATOM   849  C CZ  . ARG A 1 107 ? 4.378   1.122   11.159  1.00 15.69 ? 107 ARG A CZ  1 
ATOM   850  N NH1 . ARG A 1 107 ? 4.115   2.194   10.421  1.00 14.88 ? 107 ARG A NH1 1 
ATOM   851  N NH2 . ARG A 1 107 ? 3.540   0.100   11.098  1.00 12.87 ? 107 ARG A NH2 1 
ATOM   852  N N   . CYS A 1 108 ? 9.152   -1.896  9.049   1.00 7.03  ? 108 CYS A N   1 
ATOM   853  C CA  . CYS A 1 108 ? 9.186   -2.228  7.615   1.00 8.00  ? 108 CYS A CA  1 
ATOM   854  C C   . CYS A 1 108 ? 8.611   -3.614  7.346   1.00 8.87  ? 108 CYS A C   1 
ATOM   855  O O   . CYS A 1 108 ? 7.912   -3.810  6.371   1.00 8.64  ? 108 CYS A O   1 
ATOM   856  C CB  . CYS A 1 108 ? 10.585  -2.165  7.063   1.00 7.01  ? 108 CYS A CB  1 
ATOM   857  S SG  . CYS A 1 108 ? 11.281  -0.481  7.255   1.00 9.96  ? 108 CYS A SG  1 
ATOM   858  N N   . MET A 1 109 ? 8.890   -4.562  8.230   1.00 8.54  ? 109 MET A N   1 
ATOM   859  C CA  . MET A 1 109 ? 8.283   -5.887  8.090   1.00 8.83  ? 109 MET A CA  1 
ATOM   860  C C   . MET A 1 109 ? 6.794   -5.834  8.454   1.00 8.24  ? 109 MET A C   1 
ATOM   861  O O   . MET A 1 109 ? 5.981   -6.571  7.861   1.00 7.52  ? 109 MET A O   1 
ATOM   862  C CB  . MET A 1 109 ? 8.979   -6.916  8.983   1.00 9.50  ? 109 MET A CB  1 
ATOM   863  C CG  . MET A 1 109 ? 10.325  -7.304  8.456   1.00 16.56 ? 109 MET A CG  1 
ATOM   864  S SD  . MET A 1 109 ? 10.133  -8.139  6.875   1.00 26.54 ? 109 MET A SD  1 
ATOM   865  C CE  . MET A 1 109 ? 9.938   -9.843  7.477   1.00 30.91 ? 109 MET A CE  1 
ATOM   866  N N   . GLU A 1 110 ? 6.440   -5.063  9.480   1.00 6.11  ? 110 GLU A N   1 
ATOM   867  C CA  . GLU A 1 110 ? 5.040   -4.969  9.868   1.00 7.09  ? 110 GLU A CA  1 
ATOM   868  C C   . GLU A 1 110 ? 4.157   -4.422  8.697   1.00 7.91  ? 110 GLU A C   1 
ATOM   869  O O   . GLU A 1 110 ? 3.146   -5.025  8.336   1.00 5.62  ? 110 GLU A O   1 
ATOM   870  C CB  . GLU A 1 110 ? 4.924   -4.044  11.045  1.00 9.38  ? 110 GLU A CB  1 
ATOM   871  C CG  . GLU A 1 110 ? 3.523   -4.039  11.573  1.00 14.40 ? 110 GLU A CG  1 
ATOM   872  C CD  . GLU A 1 110 ? 3.413   -3.281  12.869  1.00 21.56 ? 110 GLU A CD  1 
ATOM   873  O OE1 . GLU A 1 110 ? 2.974   -3.904  13.850  1.00 28.54 ? 110 GLU A OE1 1 
ATOM   874  O OE2 . GLU A 1 110 ? 3.813   -2.106  12.936  1.00 15.40 ? 110 GLU A OE2 1 
ATOM   875  N N   . VAL A 1 111 ? 4.628   -3.338  8.081   1.00 6.96  ? 111 VAL A N   1 
ATOM   876  C CA  . VAL A 1 111 ? 3.964   -2.720  6.914   1.00 7.53  ? 111 VAL A CA  1 
ATOM   877  C C   . VAL A 1 111 ? 3.918   -3.694  5.754   1.00 6.21  ? 111 VAL A C   1 
ATOM   878  O O   . VAL A 1 111 ? 2.871   -3.826  5.085   1.00 7.69  ? 111 VAL A O   1 
ATOM   879  C CB  . VAL A 1 111 ? 4.634   -1.415  6.529   1.00 6.12  ? 111 VAL A CB  1 
ATOM   880  C CG1 . VAL A 1 111 ? 4.055   -0.895  5.182   1.00 7.28  ? 111 VAL A CG1 1 
ATOM   881  C CG2 . VAL A 1 111 ? 4.403   -0.386  7.602   1.00 7.11  ? 111 VAL A CG2 1 
ATOM   882  N N   . LEU A 1 112 ? 5.008   -4.436  5.535   1.00 6.42  ? 112 LEU A N   1 
ATOM   883  C CA  . LEU A 1 112 ? 4.992   -5.439  4.459   1.00 8.33  ? 112 LEU A CA  1 
ATOM   884  C C   . LEU A 1 112 ? 3.926   -6.506  4.691   1.00 7.89  ? 112 LEU A C   1 
ATOM   885  O O   . LEU A 1 112 ? 3.138   -6.830  3.795   1.00 8.85  ? 112 LEU A O   1 
ATOM   886  C CB  . LEU A 1 112 ? 6.359   -6.111  4.314   1.00 8.36  ? 112 LEU A CB  1 
ATOM   887  C CG  . LEU A 1 112 ? 6.528   -7.077  3.152   1.00 13.69 ? 112 LEU A CG  1 
ATOM   888  C CD1 . LEU A 1 112 ? 6.041   -6.437  1.858   1.00 10.86 ? 112 LEU A CD1 1 
ATOM   889  C CD2 . LEU A 1 112 ? 8.030   -7.521  3.069   1.00 16.82 ? 112 LEU A CD2 1 
ATOM   890  N N   . SER A 1 113 ? 3.840   -7.022  5.919   1.00 8.75  ? 113 SER A N   1 
ATOM   891  C CA  . SER A 1 113 ? 2.758   -7.932  6.263   1.00 8.86  ? 113 SER A CA  1 
ATOM   892  C C   . SER A 1 113 ? 1.364   -7.372  6.068   1.00 8.49  ? 113 SER A C   1 
ATOM   893  O O   . SER A 1 113 ? 0.468   -8.129  5.626   1.00 7.50  ? 113 SER A O   1 
ATOM   894  C CB  . SER A 1 113 ? 2.923   -8.456  7.706   1.00 9.69  ? 113 SER A CB  1 
ATOM   895  O OG  . SER A 1 113 ? 4.156   -9.174  7.729   1.00 18.98 ? 113 SER A OG  1 
ATOM   896  N N   . ILE A 1 114 ? 1.142   -6.113  6.477   1.00 7.58  ? 114 ILE A N   1 
ATOM   897  C CA  . ILE A 1 114 ? -0.206  -5.524  6.368   1.00 7.79  ? 114 ILE A CA  1 
ATOM   898  C C   . ILE A 1 114 ? -0.539  -5.366  4.868   1.00 8.67  ? 114 ILE A C   1 
ATOM   899  O O   . ILE A 1 114 ? -1.644  -5.746  4.435   1.00 8.51  ? 114 ILE A O   1 
ATOM   900  C CB  . ILE A 1 114 ? -0.269  -4.132  7.094   1.00 7.85  ? 114 ILE A CB  1 
ATOM   901  C CG1 . ILE A 1 114 ? -0.249  -4.308  8.638   1.00 7.49  ? 114 ILE A CG1 1 
ATOM   902  C CG2 . ILE A 1 114 ? -1.516  -3.336  6.650   1.00 7.06  ? 114 ILE A CG2 1 
ATOM   903  C CD1 . ILE A 1 114 ? 0.261   -3.032  9.347   1.00 12.43 ? 114 ILE A CD1 1 
ATOM   904  N N   . ALA A 1 115 ? 0.451   -4.911  4.084   1.00 7.15  ? 115 ALA A N   1 
ATOM   905  C CA  . ALA A 1 115 ? 0.265   -4.704  2.628   1.00 6.51  ? 115 ALA A CA  1 
ATOM   906  C C   . ALA A 1 115 ? -0.067  -6.044  1.950   1.00 7.49  ? 115 ALA A C   1 
ATOM   907  O O   . ALA A 1 115 ? -0.918  -6.105  1.047   1.00 7.79  ? 115 ALA A O   1 
ATOM   908  C CB  . ALA A 1 115 ? 1.550   -4.106  1.988   1.00 6.97  ? 115 ALA A CB  1 
ATOM   909  N N   . MET A 1 116 ? 0.590   -7.115  2.369   1.00 5.69  ? 116 MET A N   1 
ATOM   910  C CA  . MET A 1 116 ? 0.348   -8.446  1.718   1.00 8.88  ? 116 MET A CA  1 
ATOM   911  C C   . MET A 1 116 ? -1.014  -9.036  2.095   1.00 8.51  ? 116 MET A C   1 
ATOM   912  O O   . MET A 1 116 ? -1.694  -9.717  1.277   1.00 8.59  ? 116 MET A O   1 
ATOM   913  C CB  . MET A 1 116 ? 1.471   -9.450  2.076   1.00 8.03  ? 116 MET A CB  1 
ATOM   914  C CG  . MET A 1 116 ? 2.815   -9.229  1.356   1.00 10.00 ? 116 MET A CG  1 
ATOM   915  S SD  . MET A 1 116 ? 2.684   -9.208  -0.461  1.00 11.79 ? 116 MET A SD  1 
ATOM   916  C CE  . MET A 1 116 ? 2.469   -7.424  -0.827  1.00 12.60 ? 116 MET A CE  1 
ATOM   917  N N   . CYS A 1 117 ? -1.411  -8.778  3.334   1.00 7.24  ? 117 CYS A N   1 
ATOM   918  C CA  . CYS A 1 117 ? -2.725  -9.197  3.838   1.00 8.67  ? 117 CYS A CA  1 
ATOM   919  C C   . CYS A 1 117 ? -3.831  -8.396  3.121   1.00 8.61  ? 117 CYS A C   1 
ATOM   920  O O   . CYS A 1 117 ? -4.823  -8.969  2.665   1.00 9.90  ? 117 CYS A O   1 
ATOM   921  C CB  . CYS A 1 117 ? -2.807  -9.006  5.348   1.00 8.53  ? 117 CYS A CB  1 
ATOM   922  S SG  . CYS A 1 117 ? -4.507  -9.182  6.043   1.00 16.97 ? 117 CYS A SG  1 
ATOM   923  N N   . PHE A 1 118 ? -3.624  -7.086  2.971   1.00 6.95  ? 118 PHE A N   1 
ATOM   924  C CA  . PHE A 1 118 ? -4.576  -6.192  2.296   1.00 7.35  ? 118 PHE A CA  1 
ATOM   925  C C   . PHE A 1 118 ? -4.735  -6.615  0.822   1.00 7.98  ? 118 PHE A C   1 
ATOM   926  O O   . PHE A 1 118 ? -5.861  -6.725  0.299   1.00 6.59  ? 118 PHE A O   1 
ATOM   927  C CB  . PHE A 1 118 ? -4.033  -4.765  2.336   1.00 6.50  ? 118 PHE A CB  1 
ATOM   928  C CG  . PHE A 1 118 ? -4.946  -3.765  1.683   1.00 9.07  ? 118 PHE A CG  1 
ATOM   929  C CD1 . PHE A 1 118 ? -6.187  -3.443  2.254   1.00 6.43  ? 118 PHE A CD1 1 
ATOM   930  C CD2 . PHE A 1 118 ? -4.562  -3.157  0.481   1.00 8.91  ? 118 PHE A CD2 1 
ATOM   931  C CE1 . PHE A 1 118 ? -7.061  -2.519  1.595   1.00 6.52  ? 118 PHE A CE1 1 
ATOM   932  C CE2 . PHE A 1 118 ? -5.367  -2.220  -0.125  1.00 8.59  ? 118 PHE A CE2 1 
ATOM   933  C CZ  . PHE A 1 118 ? -6.644  -1.921  0.425   1.00 7.09  ? 118 PHE A CZ  1 
ATOM   934  N N   . LYS A 1 119 ? -3.603  -6.893  0.168   1.00 6.40  ? 119 LYS A N   1 
ATOM   935  C CA  . LYS A 1 119 ? -3.593  -7.339  -1.231  1.00 6.73  ? 119 LYS A CA  1 
ATOM   936  C C   . LYS A 1 119 ? -4.431  -8.594  -1.376  1.00 7.67  ? 119 LYS A C   1 
ATOM   937  O O   . LYS A 1 119 ? -5.263  -8.696  -2.306  1.00 7.44  ? 119 LYS A O   1 
ATOM   938  C CB  . LYS A 1 119 ? -2.113  -7.647  -1.633  1.00 6.11  ? 119 LYS A CB  1 
ATOM   939  C CG  . LYS A 1 119 ? -1.912  -8.404  -2.934  1.00 9.78  ? 119 LYS A CG  1 
ATOM   940  C CD  . LYS A 1 119 ? -0.344  -8.683  -3.100  1.00 13.57 ? 119 LYS A CD  1 
ATOM   941  C CE  . LYS A 1 119 ? -0.018  -9.684  -4.145  1.00 19.43 ? 119 LYS A CE  1 
ATOM   942  N NZ  . LYS A 1 119 ? -0.881  -9.372  -5.247  1.00 24.71 ? 119 LYS A NZ  1 
ATOM   943  N N   . LYS A 1 120 ? -4.226  -9.560  -0.471  1.00 7.39  ? 120 LYS A N   1 
ATOM   944  C CA  . LYS A 1 120 ? -5.050  -10.796 -0.513  1.00 9.41  ? 120 LYS A CA  1 
ATOM   945  C C   . LYS A 1 120 ? -6.554  -10.550 -0.357  1.00 9.08  ? 120 LYS A C   1 
ATOM   946  O O   . LYS A 1 120 ? -7.355  -11.143 -1.071  1.00 9.01  ? 120 LYS A O   1 
ATOM   947  C CB  . LYS A 1 120 ? -4.558  -11.782 0.509   1.00 10.60 ? 120 LYS A CB  1 
ATOM   948  C CG  . LYS A 1 120 ? -3.274  -12.489 -0.040  1.00 17.00 ? 120 LYS A CG  1 
ATOM   949  C CD  . LYS A 1 120 ? -2.852  -13.686 0.834   1.00 29.45 ? 120 LYS A CD  1 
ATOM   950  C CE  . LYS A 1 120 ? -1.726  -13.329 1.797   1.00 33.56 ? 120 LYS A CE  1 
ATOM   951  N NZ  . LYS A 1 120 ? -0.405  -13.528 1.151   1.00 34.85 ? 120 LYS A NZ  1 
ATOM   952  N N   . GLU A 1 121 ? -6.930  -9.657  0.553   1.00 7.77  ? 121 GLU A N   1 
ATOM   953  C CA  . GLU A 1 121 ? -8.339  -9.274  0.754   1.00 6.79  ? 121 GLU A CA  1 
ATOM   954  C C   . GLU A 1 121 ? -8.898  -8.578  -0.462  1.00 7.02  ? 121 GLU A C   1 
ATOM   955  O O   . GLU A 1 121 ? -10.048 -8.788  -0.829  1.00 5.86  ? 121 GLU A O   1 
ATOM   956  C CB  . GLU A 1 121 ? -8.507  -8.327  1.954   1.00 8.48  ? 121 GLU A CB  1 
ATOM   957  C CG  . GLU A 1 121 ? -8.179  -8.960  3.327   1.00 8.76  ? 121 GLU A CG  1 
ATOM   958  C CD  . GLU A 1 121 ? -8.951  -10.242 3.659   1.00 18.65 ? 121 GLU A CD  1 
ATOM   959  O OE1 . GLU A 1 121 ? -8.397  -11.121 4.387   1.00 23.26 ? 121 GLU A OE1 1 
ATOM   960  O OE2 . GLU A 1 121 ? -10.053 -10.446 3.150   1.00 14.11 ? 121 GLU A OE2 1 
ATOM   961  N N   . ILE A 1 122 ? -8.100  -7.732  -1.109  1.00 6.58  ? 122 ILE A N   1 
ATOM   962  C CA  . ILE A 1 122 ? -8.603  -7.050  -2.311  1.00 6.51  ? 122 ILE A CA  1 
ATOM   963  C C   . ILE A 1 122 ? -8.789  -8.056  -3.475  1.00 7.11  ? 122 ILE A C   1 
ATOM   964  O O   . ILE A 1 122 ? -9.797  -7.983  -4.198  1.00 7.63  ? 122 ILE A O   1 
ATOM   965  C CB  . ILE A 1 122 ? -7.676  -5.887  -2.703  1.00 5.18  ? 122 ILE A CB  1 
ATOM   966  C CG1 . ILE A 1 122 ? -7.827  -4.698  -1.697  1.00 6.19  ? 122 ILE A CG1 1 
ATOM   967  C CG2 . ILE A 1 122 ? -7.927  -5.443  -4.150  1.00 6.57  ? 122 ILE A CG2 1 
ATOM   968  C CD1 . ILE A 1 122 ? -9.169  -3.980  -1.683  1.00 8.37  ? 122 ILE A CD1 1 
ATOM   969  N N   . HIS A 1 123 ? -7.867  -9.010  -3.616  1.00 8.90  ? 123 HIS A N   1 
ATOM   970  C CA  . HIS A 1 123 ? -8.070  -10.088 -4.599  1.00 9.95  ? 123 HIS A CA  1 
ATOM   971  C C   . HIS A 1 123 ? -9.335  -10.885 -4.290  1.00 10.52 ? 123 HIS A C   1 
ATOM   972  O O   . HIS A 1 123 ? -10.081 -11.215 -5.231  1.00 9.80  ? 123 HIS A O   1 
ATOM   973  C CB  . HIS A 1 123 ? -6.874  -11.026 -4.692  1.00 10.19 ? 123 HIS A CB  1 
ATOM   974  C CG  . HIS A 1 123 ? -5.877  -10.590 -5.727  1.00 15.22 ? 123 HIS A CG  1 
ATOM   975  N ND1 . HIS A 1 123 ? -4.685  -9.971  -5.400  1.00 18.46 ? 123 HIS A ND1 1 
ATOM   976  C CD2 . HIS A 1 123 ? -5.958  -10.565 -7.083  1.00 12.83 ? 123 HIS A CD2 1 
ATOM   977  C CE1 . HIS A 1 123 ? -4.038  -9.654  -6.512  1.00 13.39 ? 123 HIS A CE1 1 
ATOM   978  N NE2 . HIS A 1 123 ? -4.790  -9.995  -7.542  1.00 20.02 ? 123 HIS A NE2 1 
ATOM   979  N N   . ASN A 1 124 ? -9.541  -11.207 -3.007  1.00 9.87  ? 124 ASN A N   1 
ATOM   980  C CA  . ASN A 1 124 ? -10.760 -11.920 -2.561  1.00 10.72 ? 124 ASN A CA  1 
ATOM   981  C C   . ASN A 1 124 ? -12.069 -11.201 -2.981  1.00 9.73  ? 124 ASN A C   1 
ATOM   982  O O   . ASN A 1 124 ? -13.030 -11.846 -3.425  1.00 10.96 ? 124 ASN A O   1 
ATOM   983  C CB  . ASN A 1 124 ? -10.706 -12.176 -1.041  1.00 10.44 ? 124 ASN A CB  1 
ATOM   984  C CG  . ASN A 1 124 ? -11.928 -12.984 -0.535  1.00 19.35 ? 124 ASN A CG  1 
ATOM   985  O OD1 . ASN A 1 124 ? -12.139 -14.132 -0.967  1.00 19.96 ? 124 ASN A OD1 1 
ATOM   986  N ND2 . ASN A 1 124 ? -12.702 -12.405 0.414   1.00 18.05 ? 124 ASN A ND2 1 
ATOM   987  N N   . LEU A 1 125 ? -12.073 -9.871  -2.940  1.00 6.58  ? 125 LEU A N   1 
ATOM   988  C CA  . LEU A 1 125 ? -13.236 -9.082  -3.382  1.00 7.97  ? 125 LEU A CA  1 
ATOM   989  C C   . LEU A 1 125 ? -13.335 -8.866  -4.903  1.00 9.50  ? 125 LEU A C   1 
ATOM   990  O O   . LEU A 1 125 ? -14.299 -8.217  -5.387  1.00 8.51  ? 125 LEU A O   1 
ATOM   991  C CB  . LEU A 1 125 ? -13.232 -7.742  -2.662  1.00 7.94  ? 125 LEU A CB  1 
ATOM   992  C CG  . LEU A 1 125 ? -13.524 -7.818  -1.146  1.00 7.70  ? 125 LEU A CG  1 
ATOM   993  C CD1 . LEU A 1 125 ? -13.285 -6.446  -0.509  1.00 10.48 ? 125 LEU A CD1 1 
ATOM   994  C CD2 . LEU A 1 125 ? -15.007 -8.274  -0.887  1.00 12.05 ? 125 LEU A CD2 1 
ATOM   995  N N   . LYS A 1 126 ? -12.356 -9.398  -5.633  1.00 9.40  ? 126 LYS A N   1 
ATOM   996  C CA  . LYS A 1 126 ? -12.225 -9.163  -7.087  1.00 11.31 ? 126 LYS A CA  1 
ATOM   997  C C   . LYS A 1 126 ? -12.063 -7.691  -7.445  1.00 11.39 ? 126 LYS A C   1 
ATOM   998  O O   . LYS A 1 126 ? -12.632 -7.197  -8.433  1.00 11.92 ? 126 LYS A O   1 
ATOM   999  C CB  . LYS A 1 126 ? -13.415 -9.777  -7.851  1.00 13.17 ? 126 LYS A CB  1 
ATOM   1000 C CG  . LYS A 1 126 ? -13.737 -11.225 -7.461  1.00 18.76 ? 126 LYS A CG  1 
ATOM   1001 C CD  . LYS A 1 126 ? -12.668 -12.220 -7.885  1.00 32.97 ? 126 LYS A CD  1 
ATOM   1002 C CE  . LYS A 1 126 ? -13.333 -13.532 -8.309  1.00 41.75 ? 126 LYS A CE  1 
ATOM   1003 N NZ  . LYS A 1 126 ? -12.341 -14.642 -8.564  1.00 44.01 ? 126 LYS A NZ  1 
ATOM   1004 N N   . TRP A 1 127 ? -11.333 -6.958  -6.602  1.00 8.05  ? 127 TRP A N   1 
ATOM   1005 C CA  . TRP A 1 127 ? -11.107 -5.537  -6.810  1.00 8.65  ? 127 TRP A CA  1 
ATOM   1006 C C   . TRP A 1 127 ? -9.684  -5.222  -7.245  1.00 7.06  ? 127 TRP A C   1 
ATOM   1007 O O   . TRP A 1 127 ? -9.295  -4.053  -7.290  1.00 7.39  ? 127 TRP A O   1 
ATOM   1008 C CB  . TRP A 1 127 ? -11.323 -4.799  -5.478  1.00 10.71 ? 127 TRP A CB  1 
ATOM   1009 C CG  . TRP A 1 127 ? -12.817 -4.684  -5.096  1.00 10.09 ? 127 TRP A CG  1 
ATOM   1010 C CD1 . TRP A 1 127 ? -13.901 -5.087  -5.842  1.00 14.65 ? 127 TRP A CD1 1 
ATOM   1011 C CD2 . TRP A 1 127 ? -13.347 -4.035  -3.920  1.00 9.70  ? 127 TRP A CD2 1 
ATOM   1012 N NE1 . TRP A 1 127 ? -15.070 -4.774  -5.163  1.00 13.05 ? 127 TRP A NE1 1 
ATOM   1013 C CE2 . TRP A 1 127 ? -14.759 -4.094  -4.012  1.00 9.92  ? 127 TRP A CE2 1 
ATOM   1014 C CE3 . TRP A 1 127 ? -12.758 -3.331  -2.845  1.00 13.98 ? 127 TRP A CE3 1 
ATOM   1015 C CZ2 . TRP A 1 127 ? -15.606 -3.528  -3.029  1.00 16.37 ? 127 TRP A CZ2 1 
ATOM   1016 C CZ3 . TRP A 1 127 ? -13.587 -2.757  -1.874  1.00 12.56 ? 127 TRP A CZ3 1 
ATOM   1017 C CH2 . TRP A 1 127 ? -15.004 -2.893  -1.963  1.00 14.19 ? 127 TRP A CH2 1 
ATOM   1018 N N   . ALA A 1 128 ? -8.875  -6.235  -7.475  1.00 7.79  ? 128 ALA A N   1 
ATOM   1019 C CA  . ALA A 1 128 ? -7.474  -5.987  -7.839  1.00 7.18  ? 128 ALA A CA  1 
ATOM   1020 C C   . ALA A 1 128 ? -7.335  -5.434  -9.216  1.00 7.87  ? 128 ALA A C   1 
ATOM   1021 O O   . ALA A 1 128 ? -7.932  -5.994  -10.167 1.00 8.66  ? 128 ALA A O   1 
ATOM   1022 C CB  . ALA A 1 128 ? -6.621  -7.291  -7.683  1.00 7.15  ? 128 ALA A CB  1 
ATOM   1023 N N   . PRO A 1 129 ? -6.535  -4.367  -9.364  1.00 7.18  ? 129 PRO A N   1 
ATOM   1024 C CA  . PRO A 1 129 ? -6.241  -3.828  -10.725 1.00 6.51  ? 129 PRO A CA  1 
ATOM   1025 C C   . PRO A 1 129 ? -5.078  -4.623  -11.334 1.00 7.34  ? 129 PRO A C   1 
ATOM   1026 O O   . PRO A 1 129 ? -4.614  -5.587  -10.705 1.00 9.37  ? 129 PRO A O   1 
ATOM   1027 C CB  . PRO A 1 129 ? -5.776  -2.393  -10.449 1.00 7.11  ? 129 PRO A CB  1 
ATOM   1028 C CG  . PRO A 1 129 ? -5.115  -2.448  -8.991  1.00 8.65  ? 129 PRO A CG  1 
ATOM   1029 C CD  . PRO A 1 129 ? -5.830  -3.644  -8.272  1.00 7.84  ? 129 PRO A CD  1 
ATOM   1030 N N   . ASN A 1 130 ? -4.612  -4.226  -12.513 1.00 9.19  ? 130 ASN A N   1 
ATOM   1031 C CA  . ASN A 1 130 ? -3.500  -4.899  -13.200 1.00 10.03 ? 130 ASN A CA  1 
ATOM   1032 C C   . ASN A 1 130 ? -2.241  -4.799  -12.352 1.00 9.43  ? 130 ASN A C   1 
ATOM   1033 O O   . ASN A 1 130 ? -2.131  -3.878  -11.508 1.00 8.66  ? 130 ASN A O   1 
ATOM   1034 C CB  . ASN A 1 130 ? -3.220  -4.231  -14.537 1.00 12.03 ? 130 ASN A CB  1 
ATOM   1035 C CG  . ASN A 1 130 ? -4.279  -4.582  -15.609 1.00 19.35 ? 130 ASN A CG  1 
ATOM   1036 O OD1 . ASN A 1 130 ? -5.291  -5.208  -15.324 1.00 24.67 ? 130 ASN A OD1 1 
ATOM   1037 N ND2 . ASN A 1 130 ? -4.054  -4.142  -16.809 1.00 23.82 ? 130 ASN A ND2 1 
ATOM   1038 N N   . MET A 1 131 ? -1.343  -5.783  -12.508 1.00 7.52  ? 131 MET A N   1 
ATOM   1039 C CA  . MET A 1 131 ? -0.286  -5.984  -11.464 1.00 6.89  ? 131 MET A CA  1 
ATOM   1040 C C   . MET A 1 131 ? 0.595   -4.746  -11.270 1.00 6.79  ? 131 MET A C   1 
ATOM   1041 O O   . MET A 1 131 ? 1.084   -4.515  -10.173 1.00 6.11  ? 131 MET A O   1 
ATOM   1042 C CB  . MET A 1 131 ? 0.627   -7.180  -11.776 1.00 7.04  ? 131 MET A CB  1 
ATOM   1043 C CG  . MET A 1 131 ? 1.382   -7.083  -13.124 1.00 7.19  ? 131 MET A CG  1 
ATOM   1044 S SD  . MET A 1 131 ? 2.316   -8.650  -13.497 1.00 9.64  ? 131 MET A SD  1 
ATOM   1045 C CE  . MET A 1 131 ? 0.927   -9.713  -13.933 1.00 10.90 ? 131 MET A CE  1 
ATOM   1046 N N   . GLU A 1 132 ? 0.903   -4.052  -12.384 1.00 7.93  ? 132 GLU A N   1 
ATOM   1047 C CA  . GLU A 1 132 ? 1.913   -2.981  -12.370 1.00 9.30  ? 132 GLU A CA  1 
ATOM   1048 C C   . GLU A 1 132 ? 1.412   -1.553  -12.083 1.00 9.54  ? 132 GLU A C   1 
ATOM   1049 O O   . GLU A 1 132 ? 2.209   -0.612  -12.141 1.00 10.34 ? 132 GLU A O   1 
ATOM   1050 C CB  . GLU A 1 132 ? 2.649   -2.952  -13.733 1.00 8.45  ? 132 GLU A CB  1 
ATOM   1051 C CG  . GLU A 1 132 ? 1.784   -2.344  -14.858 1.00 10.25 ? 132 GLU A CG  1 
ATOM   1052 C CD  . GLU A 1 132 ? 0.883   -3.324  -15.600 1.00 13.77 ? 132 GLU A CD  1 
ATOM   1053 O OE1 . GLU A 1 132 ? 0.480   -4.395  -15.100 1.00 9.66  ? 132 GLU A OE1 1 
ATOM   1054 O OE2 . GLU A 1 132 ? 0.483   -2.967  -16.712 1.00 12.90 ? 132 GLU A OE2 1 
ATOM   1055 N N   . VAL A 1 133 ? 0.131   -1.390  -11.765 1.00 8.65  ? 133 VAL A N   1 
ATOM   1056 C CA  . VAL A 1 133 ? -0.423  -0.035  -11.672 1.00 8.01  ? 133 VAL A CA  1 
ATOM   1057 C C   . VAL A 1 133 ? 0.146   0.839   -10.538 1.00 8.39  ? 133 VAL A C   1 
ATOM   1058 O O   . VAL A 1 133 ? 0.057   2.072   -10.637 1.00 10.07 ? 133 VAL A O   1 
ATOM   1059 C CB  . VAL A 1 133 ? -1.968  -0.038  -11.608 1.00 7.45  ? 133 VAL A CB  1 
ATOM   1060 C CG1 . VAL A 1 133 ? -2.536  -0.759  -12.835 1.00 10.06 ? 133 VAL A CG1 1 
ATOM   1061 C CG2 . VAL A 1 133 ? -2.476  -0.725  -10.339 1.00 5.79  ? 133 VAL A CG2 1 
ATOM   1062 N N   . VAL A 1 134 ? 0.697   0.233   -9.472  1.00 5.74  ? 134 VAL A N   1 
ATOM   1063 C CA  . VAL A 1 134 ? 1.264   1.110   -8.390  1.00 5.81  ? 134 VAL A CA  1 
ATOM   1064 C C   . VAL A 1 134 ? 2.399   1.971   -8.982  1.00 6.95  ? 134 VAL A C   1 
ATOM   1065 O O   . VAL A 1 134 ? 2.528   3.158   -8.667  1.00 7.00  ? 134 VAL A O   1 
ATOM   1066 C CB  . VAL A 1 134 ? 1.803   0.337   -7.178  1.00 4.45  ? 134 VAL A CB  1 
ATOM   1067 C CG1 . VAL A 1 134 ? 2.415   1.353   -6.155  1.00 5.70  ? 134 VAL A CG1 1 
ATOM   1068 C CG2 . VAL A 1 134 ? 0.630   -0.402  -6.477  1.00 5.48  ? 134 VAL A CG2 1 
ATOM   1069 N N   . VAL A 1 135 ? 3.203   1.370   -9.865  1.00 6.03  ? 135 VAL A N   1 
ATOM   1070 C CA  . VAL A 1 135 ? 4.334   2.120   -10.466 1.00 7.78  ? 135 VAL A CA  1 
ATOM   1071 C C   . VAL A 1 135 ? 3.850   3.245   -11.426 1.00 7.55  ? 135 VAL A C   1 
ATOM   1072 O O   . VAL A 1 135 ? 4.486   4.356   -11.509 1.00 8.35  ? 135 VAL A O   1 
ATOM   1073 C CB  . VAL A 1 135 ? 5.318   1.156   -11.219 1.00 7.53  ? 135 VAL A CB  1 
ATOM   1074 C CG1 . VAL A 1 135 ? 6.451   1.948   -11.819 1.00 7.88  ? 135 VAL A CG1 1 
ATOM   1075 C CG2 . VAL A 1 135 ? 5.889   0.121   -10.247 1.00 8.79  ? 135 VAL A CG2 1 
ATOM   1076 N N   . GLY A 1 136 ? 2.797   2.937   -12.204 1.00 9.51  ? 136 GLY A N   1 
ATOM   1077 C CA  . GLY A 1 136 ? 2.375   3.797   -13.329 1.00 12.06 ? 136 GLY A CA  1 
ATOM   1078 C C   . GLY A 1 136 ? 3.609   4.187   -14.146 1.00 13.52 ? 136 GLY A C   1 
ATOM   1079 O O   . GLY A 1 136 ? 4.409   3.299   -14.526 1.00 12.61 ? 136 GLY A O   1 
ATOM   1080 N N   . GLU A 1 137 ? 3.820   5.506   -14.287 1.00 13.42 ? 137 GLU A N   1 
ATOM   1081 C CA  . GLU A 1 137 ? 4.966   6.085   -15.050 1.00 15.84 ? 137 GLU A CA  1 
ATOM   1082 C C   . GLU A 1 137 ? 6.117   6.605   -14.172 1.00 14.53 ? 137 GLU A C   1 
ATOM   1083 O O   . GLU A 1 137 ? 7.038   7.298   -14.669 1.00 9.63  ? 137 GLU A O   1 
ATOM   1084 C CB  . GLU A 1 137 ? 4.440   7.263   -15.916 1.00 18.51 ? 137 GLU A CB  1 
ATOM   1085 C CG  . GLU A 1 137 ? 4.297   6.982   -17.388 1.00 24.04 ? 137 GLU A CG  1 
ATOM   1086 C CD  . GLU A 1 137 ? 3.671   5.674   -17.684 1.00 30.12 ? 137 GLU A CD  1 
ATOM   1087 O OE1 . GLU A 1 137 ? 2.453   5.576   -17.487 1.00 39.92 ? 137 GLU A OE1 1 
ATOM   1088 O OE2 . GLU A 1 137 ? 4.384   4.741   -18.079 1.00 20.27 ? 137 GLU A OE2 1 
ATOM   1089 N N   . VAL A 1 138 ? 6.056   6.326   -12.859 1.00 14.64 ? 138 VAL A N   1 
ATOM   1090 C CA  . VAL A 1 138 ? 7.008   6.929   -11.909 1.00 15.87 ? 138 VAL A CA  1 
ATOM   1091 C C   . VAL A 1 138 ? 8.425   6.508   -12.163 1.00 15.91 ? 138 VAL A C   1 
ATOM   1092 O O   . VAL A 1 138 ? 9.371   7.291   -11.926 1.00 17.47 ? 138 VAL A O   1 
ATOM   1093 C CB  . VAL A 1 138 ? 6.655   6.629   -10.413 1.00 15.24 ? 138 VAL A CB  1 
ATOM   1094 C CG1 . VAL A 1 138 ? 7.495   7.526   -9.473  1.00 15.40 ? 138 VAL A CG1 1 
ATOM   1095 C CG2 . VAL A 1 138 ? 5.262   7.025   -10.201 1.00 17.53 ? 138 VAL A CG2 1 
ATOM   1096 N N   . LEU A 1 139 ? 8.596   5.288   -12.659 1.00 14.95 ? 139 LEU A N   1 
ATOM   1097 C CA  . LEU A 1 139 ? 9.953   4.798   -12.894 1.00 16.01 ? 139 LEU A CA  1 
ATOM   1098 C C   . LEU A 1 139 ? 10.466  4.994   -14.342 1.00 17.12 ? 139 LEU A C   1 
ATOM   1099 O O   . LEU A 1 139 ? 11.614  4.613   -14.650 1.00 18.00 ? 139 LEU A O   1 
ATOM   1100 C CB  . LEU A 1 139 ? 10.050  3.348   -12.445 1.00 15.08 ? 139 LEU A CB  1 
ATOM   1101 C CG  . LEU A 1 139 ? 10.515  2.928   -11.047 1.00 18.53 ? 139 LEU A CG  1 
ATOM   1102 C CD1 . LEU A 1 139 ? 10.893  3.996   -10.014 1.00 13.09 ? 139 LEU A CD1 1 
ATOM   1103 C CD2 . LEU A 1 139 ? 9.891   1.653   -10.483 1.00 13.85 ? 139 LEU A CD2 1 
ATOM   1104 N N   . ALA A 1 140 ? 9.652   5.599   -15.206 1.00 17.62 ? 140 ALA A N   1 
ATOM   1105 C CA  . ALA A 1 140 ? 9.962   5.682   -16.665 1.00 18.64 ? 140 ALA A CA  1 
ATOM   1106 C C   . ALA A 1 140 ? 11.135  6.641   -17.040 1.00 20.29 ? 140 ALA A C   1 
ATOM   1107 O O   . ALA A 1 140 ? 11.279  7.714   -16.432 1.00 22.81 ? 140 ALA A O   1 
ATOM   1108 C CB  . ALA A 1 140 ? 8.706   6.039   -17.443 1.00 17.84 ? 140 ALA A CB  1 
HETATM 1109 C CAA . 1EX B 2 .   ? -4.749  2.180   0.933   1.00 27.09 ? 201 1EX A CAA 1 
HETATM 1110 C CAH . 1EX B 2 .   ? -4.152  1.308   -0.173  1.00 23.39 ? 201 1EX A CAH 1 
HETATM 1111 C CAF . 1EX B 2 .   ? -4.575  1.808   -1.553  1.00 22.76 ? 201 1EX A CAF 1 
HETATM 1112 C CAD . 1EX B 2 .   ? -3.906  1.576   -2.685  1.00 22.21 ? 201 1EX A CAD 1 
HETATM 1113 C CAE . 1EX B 2 .   ? -2.602  0.783   -2.874  1.00 26.49 ? 201 1EX A CAE 1 
HETATM 1114 C CAG . 1EX B 2 .   ? -1.870  0.163   -1.944  1.00 26.48 ? 201 1EX A CAG 1 
HETATM 1115 C CAJ . 1EX B 2 .   ? -2.206  0.124   -0.455  1.00 28.06 ? 201 1EX A CAJ 1 
HETATM 1116 C CAL . 1EX B 2 .   ? -1.512  -1.053  0.233   1.00 28.11 ? 201 1EX A CAL 1 
HETATM 1117 C CAN . 1EX B 2 .   ? -0.782  -0.598  1.499   1.00 29.09 ? 201 1EX A CAN 1 
HETATM 1118 C CAP . 1EX B 2 .   ? -1.775  -0.276  2.617   1.00 31.47 ? 201 1EX A CAP 1 
HETATM 1119 C CAQ . 1EX B 2 .   ? -1.083  0.451   3.772   1.00 33.11 ? 201 1EX A CAQ 1 
HETATM 1120 C CAO . 1EX B 2 .   ? -1.153  -0.375  5.059   1.00 35.84 ? 201 1EX A CAO 1 
HETATM 1121 C CAM . 1EX B 2 .   ? -0.196  0.178   6.118   1.00 37.48 ? 201 1EX A CAM 1 
HETATM 1122 C CAK . 1EX B 2 .   ? 0.325   1.560   5.717   1.00 35.21 ? 201 1EX A CAK 1 
HETATM 1123 C CAI . 1EX B 2 .   ? -0.831  2.534   5.479   1.00 36.18 ? 201 1EX A CAI 1 
HETATM 1124 C CAC . 1EX B 2 .   ? -1.104  3.378   6.726   1.00 38.22 ? 201 1EX A CAC 1 
HETATM 1125 O OAB . 1EX B 2 .   ? -0.696  2.931   8.021   1.00 34.50 ? 201 1EX A OAB 1 
HETATM 1126 O O   . HOH C 3 .   ? -15.022 -6.415  3.178   1.00 7.80  ? 301 HOH A O   1 
HETATM 1127 O O   . HOH C 3 .   ? -7.564  6.677   13.194  1.00 10.68 ? 302 HOH A O   1 
HETATM 1128 O O   . HOH C 3 .   ? -6.002  -1.941  -13.897 1.00 11.74 ? 303 HOH A O   1 
HETATM 1129 O O   . HOH C 3 .   ? -2.679  -12.327 -3.719  1.00 11.75 ? 304 HOH A O   1 
HETATM 1130 O O   . HOH C 3 .   ? -11.622 13.299  0.476   1.00 9.43  ? 305 HOH A O   1 
HETATM 1131 O O   . HOH C 3 .   ? 1.920   -2.310  -9.041  1.00 8.22  ? 306 HOH A O   1 
HETATM 1132 O O   . HOH C 3 .   ? -8.758  -7.605  6.856   1.00 10.23 ? 307 HOH A O   1 
HETATM 1133 O O   . HOH C 3 .   ? 8.586   3.546   11.832  1.00 11.39 ? 308 HOH A O   1 
HETATM 1134 O O   . HOH C 3 .   ? 10.227  4.138   5.836   1.00 10.16 ? 309 HOH A O   1 
HETATM 1135 O O   . HOH C 3 .   ? 6.264   -11.329 3.182   1.00 16.90 ? 310 HOH A O   1 
HETATM 1136 O O   . HOH C 3 .   ? 14.260  -8.915  3.758   1.00 18.75 ? 311 HOH A O   1 
HETATM 1137 O O   . HOH C 3 .   ? 13.911  -4.549  -9.517  1.00 6.41  ? 312 HOH A O   1 
HETATM 1138 O O   . HOH C 3 .   ? -18.449 -0.647  0.052   1.00 20.60 ? 313 HOH A O   1 
HETATM 1139 O O   . HOH C 3 .   ? -11.757 -9.755  1.248   1.00 9.80  ? 314 HOH A O   1 
HETATM 1140 O O   . HOH C 3 .   ? -13.083 3.756   10.650  1.00 11.70 ? 315 HOH A O   1 
HETATM 1141 O O   . HOH C 3 .   ? -8.331  10.675  -9.200  1.00 11.24 ? 316 HOH A O   1 
HETATM 1142 O O   . HOH C 3 .   ? 8.435   9.846   -6.993  1.00 12.79 ? 317 HOH A O   1 
HETATM 1143 O O   . HOH C 3 .   ? 13.013  -7.783  10.412  1.00 19.31 ? 318 HOH A O   1 
HETATM 1144 O O   . HOH C 3 .   ? -14.263 -4.600  5.188   1.00 6.74  ? 319 HOH A O   1 
HETATM 1145 O O   . HOH C 3 .   ? 7.254   3.660   -14.669 1.00 11.98 ? 320 HOH A O   1 
HETATM 1146 O O   . HOH C 3 .   ? -0.984  -6.399  -16.348 1.00 20.17 ? 321 HOH A O   1 
HETATM 1147 O O   . HOH C 3 .   ? 2.295   5.916   -9.641  1.00 8.50  ? 322 HOH A O   1 
HETATM 1148 O O   . HOH C 3 .   ? 2.479   7.945   -1.380  1.00 10.75 ? 323 HOH A O   1 
HETATM 1149 O O   . HOH C 3 .   ? -11.947 11.486  6.640   1.00 10.58 ? 324 HOH A O   1 
HETATM 1150 O O   . HOH C 3 .   ? 10.599  -9.320  -2.203  1.00 9.11  ? 325 HOH A O   1 
HETATM 1151 O O   . HOH C 3 .   ? 5.411   4.715   10.146  1.00 15.46 ? 326 HOH A O   1 
HETATM 1152 O O   . HOH C 3 .   ? -16.127 6.167   5.354   1.00 12.04 ? 327 HOH A O   1 
HETATM 1153 O O   . HOH C 3 .   ? 1.516   9.433   8.516   1.00 12.44 ? 328 HOH A O   1 
HETATM 1154 O O   . HOH C 3 .   ? -9.169  -9.243  -8.241  1.00 21.52 ? 329 HOH A O   1 
HETATM 1155 O O   . HOH C 3 .   ? -5.563  11.249  -9.806  1.00 12.42 ? 330 HOH A O   1 
HETATM 1156 O O   . HOH C 3 .   ? 9.866   6.891   5.651   1.00 14.18 ? 331 HOH A O   1 
HETATM 1157 O O   . HOH C 3 .   ? -5.636  7.127   14.973  1.00 22.79 ? 332 HOH A O   1 
HETATM 1158 O O   . HOH C 3 .   ? 0.313   1.508   19.016  1.00 34.78 ? 333 HOH A O   1 
HETATM 1159 O O   . HOH C 3 .   ? 9.459   7.032   9.195   1.00 14.58 ? 334 HOH A O   1 
HETATM 1160 O O   . HOH C 3 .   ? -6.378  0.768   12.630  1.00 18.57 ? 335 HOH A O   1 
HETATM 1161 O O   . HOH C 3 .   ? -11.760 -0.224  11.391  1.00 20.33 ? 336 HOH A O   1 
HETATM 1162 O O   . HOH C 3 .   ? 3.192   11.072  8.018   1.00 27.80 ? 337 HOH A O   1 
HETATM 1163 O O   . HOH C 3 .   ? 0.591   -10.915 5.667   1.00 11.08 ? 338 HOH A O   1 
HETATM 1164 O O   . HOH C 3 .   ? 5.859   -2.388  14.658  1.00 18.93 ? 339 HOH A O   1 
HETATM 1165 O O   . HOH C 3 .   ? 4.050   1.513   16.121  1.00 13.06 ? 340 HOH A O   1 
HETATM 1166 O O   . HOH C 3 .   ? -15.800 -11.713 -3.817  1.00 17.56 ? 341 HOH A O   1 
HETATM 1167 O O   . HOH C 3 .   ? 2.457   5.382   20.571  1.00 14.25 ? 342 HOH A O   1 
HETATM 1168 O O   . HOH C 3 .   ? 5.268   10.862  -9.448  1.00 18.71 ? 343 HOH A O   1 
HETATM 1169 O O   . HOH C 3 .   ? -2.272  10.805  15.080  1.00 21.14 ? 344 HOH A O   1 
HETATM 1170 O O   . HOH C 3 .   ? 9.436   9.913   -11.599 1.00 20.12 ? 345 HOH A O   1 
HETATM 1171 O O   . HOH C 3 .   ? -7.257  -13.485 -1.800  1.00 23.21 ? 346 HOH A O   1 
HETATM 1172 O O   . HOH C 3 .   ? 11.745  -9.604  -5.568  1.00 14.02 ? 347 HOH A O   1 
HETATM 1173 O O   . HOH C 3 .   ? 3.559   0.666   -14.488 1.00 11.16 ? 348 HOH A O   1 
HETATM 1174 O O   . HOH C 3 .   ? -5.665  -11.655 3.764   1.00 15.47 ? 349 HOH A O   1 
HETATM 1175 O O   . HOH C 3 .   ? -4.856  -1.862  14.610  1.00 14.41 ? 350 HOH A O   1 
HETATM 1176 O O   . HOH C 3 .   ? 20.462  0.250   -7.094  1.00 25.42 ? 351 HOH A O   1 
HETATM 1177 O O   . HOH C 3 .   ? 10.495  -7.053  18.706  1.00 16.29 ? 352 HOH A O   1 
HETATM 1178 O O   . HOH C 3 .   ? -8.409  -9.468  11.726  1.00 18.94 ? 353 HOH A O   1 
HETATM 1179 O O   . HOH C 3 .   ? 0.397   11.326  -4.086  1.00 31.04 ? 354 HOH A O   1 
HETATM 1180 O O   . HOH C 3 .   ? 14.539  3.007   -10.714 1.00 19.86 ? 355 HOH A O   1 
HETATM 1181 O O   . HOH C 3 .   ? -0.170  13.971  0.947   1.00 38.49 ? 356 HOH A O   1 
HETATM 1182 O O   . HOH C 3 .   ? 2.721   -0.165  14.433  1.00 17.22 ? 357 HOH A O   1 
HETATM 1183 O O   . HOH C 3 .   ? -11.233 -6.748  8.534   1.00 25.90 ? 358 HOH A O   1 
HETATM 1184 O O   . HOH C 3 .   ? 20.317  -4.599  -3.860  1.00 22.12 ? 359 HOH A O   1 
HETATM 1185 O O   . HOH C 3 .   ? 16.475  -6.711  2.675   1.00 23.86 ? 360 HOH A O   1 
HETATM 1186 O O   . HOH C 3 .   ? 4.148   7.456   14.285  1.00 29.31 ? 361 HOH A O   1 
HETATM 1187 O O   . HOH C 3 .   ? -2.216  12.186  -5.347  1.00 23.11 ? 362 HOH A O   1 
HETATM 1188 O O   . HOH C 3 .   ? -3.414  4.561   17.308  1.00 16.69 ? 363 HOH A O   1 
HETATM 1189 O O   . HOH C 3 .   ? 1.412   3.663   -16.948 1.00 16.25 ? 364 HOH A O   1 
HETATM 1190 O O   . HOH C 3 .   ? 1.432   1.559   9.105   1.00 27.19 ? 365 HOH A O   1 
HETATM 1191 O O   . HOH C 3 .   ? 10.592  -11.821 -5.550  1.00 14.94 ? 366 HOH A O   1 
HETATM 1192 O O   . HOH C 3 .   ? 12.413  14.289  -0.297  1.00 22.07 ? 367 HOH A O   1 
HETATM 1193 O O   . HOH C 3 .   ? -13.051 -14.095 -4.697  1.00 28.32 ? 368 HOH A O   1 
HETATM 1194 O O   . HOH C 3 .   ? -0.698  2.751   -13.454 1.00 17.89 ? 369 HOH A O   1 
HETATM 1195 O O   . HOH C 3 .   ? -9.938  -7.685  -10.450 1.00 36.71 ? 370 HOH A O   1 
HETATM 1196 O O   . HOH C 3 .   ? -16.651 -9.013  -4.427  1.00 14.80 ? 371 HOH A O   1 
HETATM 1197 O O   . HOH C 3 .   ? 20.962  1.600   -2.055  1.00 32.58 ? 372 HOH A O   1 
HETATM 1198 O O   . HOH C 3 .   ? -7.547  -9.816  7.734   1.00 21.05 ? 373 HOH A O   1 
HETATM 1199 O O   . HOH C 3 .   ? 17.306  -5.382  -2.045  1.00 22.13 ? 374 HOH A O   1 
HETATM 1200 O O   . HOH C 3 .   ? -5.413  12.591  0.917   1.00 21.41 ? 375 HOH A O   1 
HETATM 1201 O O   . HOH C 3 .   ? -5.157  7.741   -11.219 1.00 17.63 ? 376 HOH A O   1 
HETATM 1202 O O   . HOH C 3 .   ? 7.452   7.931   11.216  1.00 17.34 ? 377 HOH A O   1 
HETATM 1203 O O   . HOH C 3 .   ? 11.950  -7.732  14.177  1.00 19.14 ? 378 HOH A O   1 
HETATM 1204 O O   . HOH C 3 .   ? -14.713 -7.283  -10.279 1.00 33.02 ? 379 HOH A O   1 
HETATM 1205 O O   . HOH C 3 .   ? -15.989 -2.521  -12.133 1.00 31.23 ? 380 HOH A O   1 
HETATM 1206 O O   . HOH C 3 .   ? 4.553   -9.350  10.652  1.00 38.28 ? 381 HOH A O   1 
HETATM 1207 O O   . HOH C 3 .   ? -18.010 -4.735  -6.159  1.00 24.69 ? 382 HOH A O   1 
HETATM 1208 O O   . HOH C 3 .   ? -8.206  -1.036  17.244  1.00 31.02 ? 383 HOH A O   1 
HETATM 1209 O O   . HOH C 3 .   ? 2.780   9.539   12.435  1.00 35.74 ? 384 HOH A O   1 
HETATM 1210 O O   . HOH C 3 .   ? -5.223  -12.544 -11.166 1.00 17.96 ? 385 HOH A O   1 
HETATM 1211 O O   . HOH C 3 .   ? -4.798  -0.969  -16.101 1.00 18.96 ? 386 HOH A O   1 
HETATM 1212 O O   . HOH C 3 .   ? -19.781 1.585   -2.231  1.00 29.85 ? 387 HOH A O   1 
HETATM 1213 O O   . HOH C 3 .   ? -16.803 -0.720  -5.962  1.00 26.76 ? 388 HOH A O   1 
HETATM 1214 O O   . HOH C 3 .   ? 17.980  3.436   -6.616  1.00 35.42 ? 389 HOH A O   1 
HETATM 1215 O O   . HOH C 3 .   ? -8.351  -6.408  19.142  1.00 31.68 ? 390 HOH A O   1 
HETATM 1216 O O   . HOH C 3 .   ? 0.429   -0.445  11.542  1.00 30.21 ? 391 HOH A O   1 
HETATM 1217 O O   . HOH C 3 .   ? -2.979  3.879   21.258  1.00 36.56 ? 392 HOH A O   1 
HETATM 1218 O O   . HOH C 3 .   ? -0.118  -4.423  13.122  1.00 37.77 ? 393 HOH A O   1 
HETATM 1219 O O   . HOH C 3 .   ? -13.335 5.168   6.252   1.00 24.21 ? 394 HOH A O   1 
HETATM 1220 O O   . HOH C 3 .   ? 10.462  -11.659 4.587   1.00 27.45 ? 395 HOH A O   1 
HETATM 1221 O O   . HOH C 3 .   ? -4.563  11.198  3.160   1.00 23.67 ? 396 HOH A O   1 
HETATM 1222 O O   . HOH C 3 .   ? -8.918  1.862   15.330  1.00 33.01 ? 397 HOH A O   1 
HETATM 1223 O O   . HOH C 3 .   ? 9.002   -8.866  16.159  1.00 25.33 ? 398 HOH A O   1 
HETATM 1224 O O   . HOH C 3 .   ? 13.514  12.711  -2.119  1.00 29.58 ? 399 HOH A O   1 
HETATM 1225 O O   . HOH C 3 .   ? 7.487   14.427  -0.512  1.00 36.23 ? 400 HOH A O   1 
HETATM 1226 O O   . HOH C 3 .   ? 6.267   11.772  4.932   1.00 31.37 ? 401 HOH A O   1 
HETATM 1227 O O   . HOH C 3 .   ? -4.767  14.162  4.771   1.00 42.63 ? 402 HOH A O   1 
HETATM 1228 O O   . HOH C 3 .   ? -8.692  13.316  8.539   1.00 23.36 ? 403 HOH A O   1 
HETATM 1229 O O   . HOH C 3 .   ? 6.594   -9.119  6.844   1.00 26.37 ? 404 HOH A O   1 
HETATM 1230 O O   . HOH C 3 .   ? 10.850  -13.903 -1.986  1.00 34.78 ? 405 HOH A O   1 
HETATM 1231 O O   . HOH C 3 .   ? -6.728  -17.003 -9.541  1.00 29.55 ? 406 HOH A O   1 
HETATM 1232 O O   . HOH C 3 .   ? -4.734  13.828  13.014  1.00 35.89 ? 407 HOH A O   1 
HETATM 1233 O O   . HOH C 3 .   ? 1.539   2.855   20.539  1.00 30.04 ? 408 HOH A O   1 
HETATM 1234 O O   . HOH C 3 .   ? 2.073   9.152   -3.466  1.00 24.42 ? 409 HOH A O   1 
HETATM 1235 O O   . HOH C 3 .   ? 2.066   -17.039 -3.156  1.00 27.53 ? 410 HOH A O   1 
HETATM 1236 O O   . HOH C 3 .   ? -1.995  -1.355  -16.587 1.00 33.88 ? 411 HOH A O   1 
HETATM 1237 O O   . HOH C 3 .   ? 19.575  9.459   -1.996  1.00 24.65 ? 412 HOH A O   1 
HETATM 1238 O O   . HOH C 3 .   ? 11.735  11.246  -10.683 1.00 34.53 ? 413 HOH A O   1 
HETATM 1239 O O   . HOH C 3 .   ? -3.621  -11.953 8.142   1.00 25.57 ? 414 HOH A O   1 
HETATM 1240 O O   . HOH C 3 .   ? -9.929  -12.796 5.981   1.00 37.33 ? 415 HOH A O   1 
HETATM 1241 O O   . HOH C 3 .   ? -1.004  -14.106 11.579  1.00 39.87 ? 416 HOH A O   1 
HETATM 1242 O O   . HOH C 3 .   ? -9.817  4.933   14.265  1.00 29.45 ? 417 HOH A O   1 
HETATM 1243 O O   . HOH C 3 .   ? 7.307   13.896  3.691   1.00 33.55 ? 418 HOH A O   1 
HETATM 1244 O O   . HOH C 3 .   ? -8.760  9.066   12.217  1.00 13.51 ? 419 HOH A O   1 
HETATM 1245 O O   . HOH C 3 .   ? -8.259  -1.650  -13.236 1.00 27.04 ? 420 HOH A O   1 
HETATM 1246 O O   . HOH C 3 .   ? 14.049  5.208   -8.735  1.00 26.11 ? 421 HOH A O   1 
HETATM 1247 O O   . HOH C 3 .   ? 5.084   -10.567 5.270   1.00 28.11 ? 422 HOH A O   1 
HETATM 1248 O O   . HOH C 3 .   ? -15.761 1.325   -11.185 1.00 32.76 ? 423 HOH A O   1 
HETATM 1249 O O   . HOH C 3 .   ? -2.391  -9.055  17.314  1.00 25.63 ? 424 HOH A O   1 
HETATM 1250 O O   . HOH C 3 .   ? 12.306  9.756   -14.351 1.00 25.27 ? 425 HOH A O   1 
HETATM 1251 O O   . HOH C 3 .   ? -3.827  11.624  -3.558  1.00 15.71 ? 426 HOH A O   1 
HETATM 1252 O O   . HOH C 3 .   ? -4.186  -8.326  -10.796 1.00 21.20 ? 427 HOH A O   1 
HETATM 1253 O O   . HOH C 3 .   ? -20.279 9.175   -0.367  1.00 8.95  ? 428 HOH A O   1 
HETATM 1254 O O   . HOH C 3 .   ? 7.948   10.168  6.633   1.00 32.22 ? 429 HOH A O   1 
HETATM 1255 O O   . HOH C 3 .   ? -17.215 3.755   -4.387  1.00 22.52 ? 430 HOH A O   1 
HETATM 1256 O O   . HOH C 3 .   ? 3.123   -6.270  15.149  1.00 28.89 ? 431 HOH A O   1 
HETATM 1257 O O   . HOH C 3 .   ? 6.667   12.951  -4.584  1.00 27.31 ? 432 HOH A O   1 
HETATM 1258 O O   . HOH C 3 .   ? 6.755   -8.258  18.931  1.00 36.23 ? 433 HOH A O   1 
HETATM 1259 O O   . HOH C 3 .   ? 5.677   -15.240 -4.528  1.00 22.77 ? 434 HOH A O   1 
HETATM 1260 O O   . HOH C 3 .   ? -3.889  12.902  -1.053  1.00 14.69 ? 435 HOH A O   1 
HETATM 1261 O O   . HOH C 3 .   ? 10.899  -8.936  -12.697 1.00 32.63 ? 436 HOH A O   1 
HETATM 1262 O O   . HOH C 3 .   ? -18.115 7.700   6.680   1.00 21.25 ? 437 HOH A O   1 
HETATM 1263 O O   . HOH C 3 .   ? 0.912   -6.914  16.391  1.00 27.18 ? 438 HOH A O   1 
HETATM 1264 O O   . HOH C 3 .   ? -8.876  3.897   -12.683 1.00 17.79 ? 439 HOH A O   1 
HETATM 1265 O O   . HOH C 3 .   ? -0.703  -8.878  14.397  1.00 26.58 ? 440 HOH A O   1 
HETATM 1266 O O   . HOH C 3 .   ? -2.263  -11.643 15.791  1.00 37.30 ? 441 HOH A O   1 
HETATM 1267 O O   . HOH C 3 .   ? 10.670  10.364  7.827   1.00 22.04 ? 442 HOH A O   1 
HETATM 1268 O O   . HOH C 3 .   ? 19.917  -2.883  -6.668  1.00 24.72 ? 443 HOH A O   1 
HETATM 1269 O O   . HOH C 3 .   ? -1.658  0.379   8.725   1.00 30.34 ? 444 HOH A O   1 
HETATM 1270 O O   . HOH C 3 .   ? 8.678   9.346   -16.215 1.00 35.97 ? 445 HOH A O   1 
HETATM 1271 O O   . HOH C 3 .   ? 11.567  8.934   4.285   1.00 21.96 ? 446 HOH A O   1 
HETATM 1272 O O   . HOH C 3 .   ? 0.883   -15.144 -1.512  1.00 40.54 ? 447 HOH A O   1 
HETATM 1273 O O   . HOH C 3 .   ? -7.748  3.497   -16.854 1.00 22.43 ? 448 HOH A O   1 
HETATM 1274 O O   . HOH C 3 .   ? -8.042  -5.883  -12.762 1.00 33.36 ? 449 HOH A O   1 
HETATM 1275 O O   . HOH C 3 .   ? -5.866  3.304   14.181  1.00 34.15 ? 450 HOH A O   1 
HETATM 1276 O O   . HOH C 3 .   ? 4.524   9.501   18.428  1.00 33.57 ? 451 HOH A O   1 
HETATM 1277 O O   . HOH C 3 .   ? -10.479 -15.753 -1.960  1.00 44.70 ? 452 HOH A O   1 
HETATM 1278 O O   . HOH C 3 .   ? 7.378   9.459   -18.144 1.00 43.84 ? 453 HOH A O   1 
HETATM 1279 O O   . HOH C 3 .   ? -8.616  -7.816  -16.373 1.00 35.37 ? 454 HOH A O   1 
HETATM 1280 O O   . HOH C 3 .   ? 19.058  9.740   2.092   1.00 31.16 ? 455 HOH A O   1 
HETATM 1281 O O   . HOH C 3 .   ? 3.900   12.401  6.865   1.00 30.00 ? 456 HOH A O   1 
HETATM 1282 O O   . HOH C 3 .   ? 0.017   -14.157 -11.027 1.00 37.51 ? 457 HOH A O   1 
HETATM 1283 O O   . HOH C 3 .   ? -12.204 -8.047  -11.171 1.00 29.94 ? 458 HOH A O   1 
HETATM 1284 O O   . HOH C 3 .   ? 13.327  11.968  -6.962  1.00 37.90 ? 459 HOH A O   1 
HETATM 1285 O O   . HOH C 3 .   ? -2.627  18.913  5.991   1.00 40.63 ? 460 HOH A O   1 
HETATM 1286 O O   . HOH C 3 .   ? 13.974  13.346  -4.692  1.00 39.95 ? 461 HOH A O   1 
# 
